data_2L7F
#
_entry.id   2L7F
#
_entity_poly.entity_id   1
_entity_poly.type   'polypeptide(L)'
_entity_poly.pdbx_seq_one_letter_code
;GSQRRQRTHFTSQQLQELEATFQRNRYPDMSTREEIAVWTNLTEARVRVWFKNRRAKWRKREEFIVTD
;
_entity_poly.pdbx_strand_id   P
#
# COMPACT_ATOMS: atom_id res chain seq x y z
N GLY A 1 -4.58 28.25 11.90
CA GLY A 1 -6.03 28.46 12.07
C GLY A 1 -6.85 27.32 11.51
N SER A 2 -8.05 27.10 12.07
CA SER A 2 -8.95 25.96 11.76
C SER A 2 -8.34 24.57 12.05
N GLN A 3 -9.11 23.50 11.79
CA GLN A 3 -8.72 22.10 12.02
C GLN A 3 -7.75 21.59 10.93
N ARG A 4 -6.76 20.79 11.35
CA ARG A 4 -5.72 20.21 10.47
C ARG A 4 -6.08 18.84 9.89
N ARG A 5 -7.03 18.12 10.52
CA ARG A 5 -7.45 16.75 10.16
C ARG A 5 -8.03 16.69 8.73
N GLN A 6 -7.52 15.75 7.94
CA GLN A 6 -7.80 15.57 6.50
C GLN A 6 -7.90 14.08 6.12
N ARG A 7 -8.43 13.79 4.93
CA ARG A 7 -8.53 12.44 4.32
C ARG A 7 -7.87 12.39 2.94
N THR A 8 -7.30 11.24 2.59
CA THR A 8 -6.50 11.02 1.37
C THR A 8 -6.76 9.66 0.72
N HIS A 9 -6.48 9.56 -0.58
CA HIS A 9 -6.46 8.30 -1.36
C HIS A 9 -5.21 8.26 -2.26
N PHE A 10 -4.88 7.08 -2.79
CA PHE A 10 -3.61 6.82 -3.47
C PHE A 10 -3.52 7.48 -4.85
N THR A 11 -2.55 8.38 -5.05
CA THR A 11 -2.19 8.95 -6.36
C THR A 11 -1.33 7.98 -7.20
N SER A 12 -1.20 8.24 -8.50
CA SER A 12 -0.39 7.42 -9.41
C SER A 12 1.10 7.33 -8.99
N GLN A 13 1.64 8.36 -8.33
CA GLN A 13 3.01 8.34 -7.80
C GLN A 13 3.11 7.64 -6.43
N GLN A 14 2.10 7.78 -5.56
CA GLN A 14 2.03 7.04 -4.29
C GLN A 14 1.90 5.53 -4.52
N LEU A 15 1.07 5.11 -5.50
CA LEU A 15 0.91 3.71 -5.90
C LEU A 15 2.23 3.10 -6.39
N GLN A 16 3.01 3.84 -7.17
CA GLN A 16 4.31 3.36 -7.68
C GLN A 16 5.41 3.35 -6.60
N GLU A 17 5.42 4.31 -5.68
CA GLU A 17 6.30 4.28 -4.51
C GLU A 17 5.96 3.11 -3.58
N LEU A 18 4.67 2.76 -3.45
CA LEU A 18 4.21 1.61 -2.67
C LEU A 18 4.49 0.27 -3.37
N GLU A 19 4.42 0.21 -4.72
CA GLU A 19 4.88 -0.96 -5.47
C GLU A 19 6.40 -1.16 -5.32
N ALA A 20 7.21 -0.09 -5.42
CA ALA A 20 8.64 -0.16 -5.16
C ALA A 20 8.95 -0.58 -3.70
N THR A 21 8.15 -0.10 -2.75
CA THR A 21 8.21 -0.52 -1.34
C THR A 21 7.89 -2.01 -1.18
N PHE A 22 6.85 -2.52 -1.84
CA PHE A 22 6.45 -3.93 -1.82
C PHE A 22 7.50 -4.85 -2.47
N GLN A 23 8.09 -4.43 -3.59
CA GLN A 23 9.20 -5.14 -4.25
C GLN A 23 10.46 -5.23 -3.37
N ARG A 24 10.70 -4.21 -2.53
CA ARG A 24 11.80 -4.20 -1.53
C ARG A 24 11.47 -5.08 -0.31
N ASN A 25 10.26 -4.95 0.24
CA ASN A 25 9.76 -5.68 1.41
C ASN A 25 8.22 -5.81 1.37
N ARG A 26 7.71 -7.04 1.26
CA ARG A 26 6.26 -7.32 1.12
C ARG A 26 5.47 -7.20 2.42
N TYR A 27 6.13 -7.22 3.57
CA TYR A 27 5.51 -7.12 4.90
C TYR A 27 6.44 -6.41 5.92
N PRO A 28 6.58 -5.06 5.84
CA PRO A 28 7.46 -4.31 6.74
C PRO A 28 6.97 -4.28 8.19
N ASP A 29 7.85 -3.91 9.12
CA ASP A 29 7.48 -3.61 10.51
C ASP A 29 6.58 -2.36 10.58
N MET A 30 5.72 -2.25 11.60
CA MET A 30 4.76 -1.15 11.74
C MET A 30 5.44 0.24 11.76
N SER A 31 6.64 0.37 12.33
CA SER A 31 7.42 1.61 12.27
C SER A 31 7.97 1.90 10.87
N THR A 32 8.37 0.86 10.12
CA THR A 32 8.80 0.98 8.72
C THR A 32 7.63 1.40 7.82
N ARG A 33 6.43 0.81 8.00
CA ARG A 33 5.19 1.24 7.32
C ARG A 33 4.83 2.68 7.63
N GLU A 34 5.03 3.14 8.86
CA GLU A 34 4.79 4.55 9.24
C GLU A 34 5.81 5.51 8.62
N GLU A 35 7.10 5.16 8.54
CA GLU A 35 8.11 5.98 7.84
C GLU A 35 7.80 6.10 6.35
N ILE A 36 7.46 5.00 5.65
CA ILE A 36 7.09 5.10 4.22
C ILE A 36 5.73 5.79 4.01
N ALA A 37 4.84 5.79 5.01
CA ALA A 37 3.62 6.60 5.00
C ALA A 37 3.94 8.10 5.07
N VAL A 38 4.84 8.53 5.96
CA VAL A 38 5.37 9.89 6.03
C VAL A 38 6.02 10.30 4.69
N TRP A 39 6.82 9.42 4.09
CA TRP A 39 7.53 9.70 2.82
C TRP A 39 6.58 9.80 1.62
N THR A 40 5.45 9.07 1.62
CA THR A 40 4.37 9.16 0.62
C THR A 40 3.30 10.21 0.96
N ASN A 41 3.38 10.84 2.13
CA ASN A 41 2.37 11.73 2.72
C ASN A 41 0.97 11.08 2.86
N LEU A 42 0.95 9.80 3.25
CA LEU A 42 -0.22 9.01 3.65
C LEU A 42 -0.24 8.78 5.18
N THR A 43 -1.32 8.20 5.71
CA THR A 43 -1.37 7.70 7.09
C THR A 43 -0.90 6.24 7.13
N GLU A 44 -0.37 5.80 8.28
CA GLU A 44 0.02 4.39 8.46
C GLU A 44 -1.17 3.42 8.36
N ALA A 45 -2.39 3.89 8.64
CA ALA A 45 -3.61 3.10 8.47
C ALA A 45 -3.99 2.94 6.99
N ARG A 46 -3.91 3.99 6.18
CA ARG A 46 -4.14 3.93 4.72
C ARG A 46 -3.08 3.07 4.03
N VAL A 47 -1.83 3.13 4.50
CA VAL A 47 -0.74 2.23 4.07
C VAL A 47 -1.02 0.77 4.48
N ARG A 48 -1.50 0.49 5.69
CA ARG A 48 -1.88 -0.87 6.12
C ARG A 48 -3.02 -1.44 5.28
N VAL A 49 -4.02 -0.62 4.93
CA VAL A 49 -5.07 -0.98 3.96
C VAL A 49 -4.46 -1.26 2.57
N TRP A 50 -3.47 -0.48 2.12
CA TRP A 50 -2.78 -0.76 0.85
C TRP A 50 -2.06 -2.12 0.86
N PHE A 51 -1.31 -2.45 1.92
CA PHE A 51 -0.67 -3.77 2.05
C PHE A 51 -1.68 -4.92 2.07
N LYS A 52 -2.81 -4.76 2.79
CA LYS A 52 -3.92 -5.75 2.80
C LYS A 52 -4.54 -5.92 1.40
N ASN A 53 -4.78 -4.82 0.69
CA ASN A 53 -5.30 -4.81 -0.68
C ASN A 53 -4.32 -5.46 -1.67
N ARG A 54 -3.02 -5.16 -1.56
CA ARG A 54 -1.95 -5.73 -2.39
C ARG A 54 -1.78 -7.24 -2.18
N ARG A 55 -1.90 -7.70 -0.93
CA ARG A 55 -1.91 -9.13 -0.57
C ARG A 55 -3.15 -9.85 -1.09
N ALA A 56 -4.34 -9.21 -1.00
CA ALA A 56 -5.57 -9.76 -1.57
C ALA A 56 -5.49 -9.88 -3.11
N LYS A 57 -4.94 -8.86 -3.80
CA LYS A 57 -4.68 -8.88 -5.25
C LYS A 57 -3.65 -9.93 -5.68
N TRP A 58 -2.65 -10.20 -4.84
CA TRP A 58 -1.71 -11.32 -5.03
C TRP A 58 -2.38 -12.70 -4.85
N ARG A 59 -3.25 -12.84 -3.84
CA ARG A 59 -3.89 -14.10 -3.43
C ARG A 59 -5.05 -14.53 -4.36
N LYS A 60 -5.86 -13.59 -4.84
CA LYS A 60 -7.09 -13.86 -5.62
C LYS A 60 -6.83 -14.37 -7.05
N ARG A 61 -7.83 -15.04 -7.64
CA ARG A 61 -7.79 -15.64 -8.99
C ARG A 61 -7.90 -14.65 -10.15
N GLU A 62 -8.29 -13.40 -9.87
CA GLU A 62 -8.66 -12.39 -10.87
C GLU A 62 -7.45 -11.89 -11.69
N GLU A 63 -7.72 -11.38 -12.90
CA GLU A 63 -6.71 -10.93 -13.89
C GLU A 63 -6.68 -9.39 -14.07
N PHE A 64 -5.51 -8.85 -14.42
CA PHE A 64 -5.25 -7.42 -14.70
C PHE A 64 -5.64 -6.44 -13.57
N ILE A 65 -5.65 -6.90 -12.31
CA ILE A 65 -5.97 -6.10 -11.11
C ILE A 65 -4.84 -5.15 -10.66
N VAL A 66 -3.65 -5.26 -11.24
CA VAL A 66 -2.51 -4.33 -11.07
C VAL A 66 -1.99 -3.92 -12.45
N THR A 67 -1.73 -2.63 -12.66
CA THR A 67 -1.28 -2.05 -13.94
C THR A 67 0.19 -2.38 -14.22
N ASP A 68 0.51 -2.73 -15.48
CA ASP A 68 1.86 -3.03 -15.98
C ASP A 68 2.07 -2.55 -17.43
N GLY A 1 -22.75 8.55 -18.01
CA GLY A 1 -21.93 8.33 -16.80
C GLY A 1 -22.39 9.19 -15.63
N SER A 2 -22.01 8.80 -14.41
CA SER A 2 -22.39 9.49 -13.16
C SER A 2 -21.74 10.89 -13.04
N GLN A 3 -22.44 11.82 -12.37
CA GLN A 3 -22.01 13.22 -12.23
C GLN A 3 -20.96 13.47 -11.11
N ARG A 4 -20.73 12.50 -10.22
CA ARG A 4 -19.76 12.58 -9.11
C ARG A 4 -18.31 12.41 -9.57
N ARG A 5 -17.37 12.90 -8.75
CA ARG A 5 -15.90 12.70 -8.93
C ARG A 5 -15.46 11.28 -8.59
N GLN A 6 -14.22 10.92 -8.95
CA GLN A 6 -13.65 9.58 -8.72
C GLN A 6 -13.49 9.24 -7.23
N ARG A 7 -13.70 7.96 -6.88
CA ARG A 7 -13.69 7.47 -5.49
C ARG A 7 -12.28 7.28 -4.91
N THR A 8 -11.27 7.10 -5.77
CA THR A 8 -9.87 6.83 -5.39
C THR A 8 -9.19 8.00 -4.65
N HIS A 9 -8.36 7.68 -3.66
CA HIS A 9 -7.63 8.65 -2.83
C HIS A 9 -6.13 8.75 -3.22
N PHE A 10 -5.45 7.61 -3.33
CA PHE A 10 -4.03 7.53 -3.70
C PHE A 10 -3.74 8.09 -5.10
N THR A 11 -2.57 8.71 -5.29
CA THR A 11 -2.04 9.11 -6.62
C THR A 11 -0.91 8.18 -7.10
N SER A 12 -0.59 8.23 -8.39
CA SER A 12 0.33 7.30 -9.05
C SER A 12 1.74 7.26 -8.44
N GLN A 13 2.27 8.40 -7.95
CA GLN A 13 3.57 8.47 -7.29
C GLN A 13 3.58 7.75 -5.93
N GLN A 14 2.47 7.82 -5.17
CA GLN A 14 2.31 7.10 -3.91
C GLN A 14 2.18 5.59 -4.14
N LEU A 15 1.36 5.20 -5.12
CA LEU A 15 1.18 3.81 -5.53
C LEU A 15 2.48 3.17 -6.06
N GLN A 16 3.29 3.94 -6.78
CA GLN A 16 4.61 3.50 -7.27
C GLN A 16 5.61 3.28 -6.11
N GLU A 17 5.62 4.15 -5.09
CA GLU A 17 6.48 3.98 -3.91
C GLU A 17 6.06 2.77 -3.05
N LEU A 18 4.74 2.58 -2.88
CA LEU A 18 4.16 1.42 -2.20
C LEU A 18 4.47 0.10 -2.94
N GLU A 19 4.33 0.09 -4.26
CA GLU A 19 4.70 -1.06 -5.09
C GLU A 19 6.22 -1.33 -5.06
N ALA A 20 7.06 -0.29 -5.12
CA ALA A 20 8.51 -0.47 -5.08
C ALA A 20 8.98 -1.16 -3.78
N THR A 21 8.48 -0.77 -2.61
CA THR A 21 8.82 -1.45 -1.35
C THR A 21 8.21 -2.86 -1.27
N PHE A 22 6.98 -3.07 -1.75
CA PHE A 22 6.36 -4.40 -1.78
C PHE A 22 7.11 -5.38 -2.68
N GLN A 23 7.61 -4.95 -3.85
CA GLN A 23 8.33 -5.80 -4.81
C GLN A 23 9.82 -5.98 -4.46
N ARG A 24 10.48 -5.00 -3.83
CA ARG A 24 11.94 -4.99 -3.60
C ARG A 24 12.33 -5.32 -2.15
N ASN A 25 11.63 -4.76 -1.16
CA ASN A 25 11.88 -4.99 0.27
C ASN A 25 11.12 -6.23 0.79
N ARG A 26 9.93 -6.50 0.22
CA ARG A 26 9.07 -7.70 0.37
C ARG A 26 8.53 -8.03 1.76
N TYR A 27 9.16 -7.57 2.84
CA TYR A 27 8.71 -7.72 4.23
C TYR A 27 8.89 -6.42 5.08
N PRO A 28 8.42 -5.24 4.61
CA PRO A 28 8.39 -4.02 5.43
C PRO A 28 7.49 -4.21 6.67
N ASP A 29 7.99 -3.84 7.85
CA ASP A 29 7.30 -4.01 9.13
C ASP A 29 6.48 -2.75 9.50
N MET A 30 5.75 -2.73 10.62
CA MET A 30 4.86 -1.60 10.96
C MET A 30 5.59 -0.25 11.05
N SER A 31 6.84 -0.24 11.55
CA SER A 31 7.70 0.95 11.59
C SER A 31 8.15 1.38 10.20
N THR A 32 8.49 0.44 9.31
CA THR A 32 8.80 0.69 7.89
C THR A 32 7.60 1.31 7.18
N ARG A 33 6.38 0.79 7.44
CA ARG A 33 5.12 1.29 6.87
C ARG A 33 4.78 2.69 7.37
N GLU A 34 5.04 2.99 8.65
CA GLU A 34 4.91 4.35 9.21
C GLU A 34 5.92 5.34 8.59
N GLU A 35 7.16 4.93 8.30
CA GLU A 35 8.14 5.80 7.63
C GLU A 35 7.75 6.08 6.17
N ILE A 36 7.37 5.07 5.39
CA ILE A 36 6.93 5.33 4.00
C ILE A 36 5.60 6.08 3.93
N ALA A 37 4.76 6.03 4.98
CA ALA A 37 3.54 6.83 5.08
C ALA A 37 3.85 8.33 5.13
N VAL A 38 4.78 8.78 5.98
CA VAL A 38 5.18 10.20 6.05
C VAL A 38 5.95 10.65 4.80
N TRP A 39 6.69 9.76 4.14
CA TRP A 39 7.40 10.05 2.87
C TRP A 39 6.44 10.17 1.67
N THR A 40 5.34 9.40 1.66
CA THR A 40 4.25 9.49 0.66
C THR A 40 3.15 10.50 1.03
N ASN A 41 3.23 11.10 2.21
CA ASN A 41 2.20 11.96 2.83
C ASN A 41 0.82 11.26 2.97
N LEU A 42 0.82 9.95 3.23
CA LEU A 42 -0.33 9.14 3.59
C LEU A 42 -0.41 8.93 5.11
N THR A 43 -1.54 8.40 5.60
CA THR A 43 -1.67 7.91 6.98
C THR A 43 -1.20 6.46 7.05
N GLU A 44 -0.68 6.04 8.21
CA GLU A 44 -0.27 4.64 8.40
C GLU A 44 -1.45 3.65 8.30
N ALA A 45 -2.68 4.11 8.54
CA ALA A 45 -3.89 3.32 8.37
C ALA A 45 -4.23 3.11 6.87
N ARG A 46 -4.16 4.17 6.05
CA ARG A 46 -4.35 4.06 4.58
C ARG A 46 -3.28 3.18 3.93
N VAL A 47 -2.03 3.28 4.40
CA VAL A 47 -0.93 2.39 4.01
C VAL A 47 -1.23 0.94 4.42
N ARG A 48 -1.66 0.67 5.66
CA ARG A 48 -1.99 -0.69 6.10
C ARG A 48 -3.14 -1.30 5.30
N VAL A 49 -4.16 -0.53 4.94
CA VAL A 49 -5.25 -0.95 4.04
C VAL A 49 -4.70 -1.29 2.64
N TRP A 50 -3.79 -0.48 2.08
CA TRP A 50 -3.13 -0.80 0.81
C TRP A 50 -2.35 -2.12 0.90
N PHE A 51 -1.56 -2.34 1.96
CA PHE A 51 -0.81 -3.59 2.16
C PHE A 51 -1.73 -4.81 2.31
N LYS A 52 -2.84 -4.72 3.06
CA LYS A 52 -3.83 -5.79 3.19
C LYS A 52 -4.48 -6.15 1.84
N ASN A 53 -4.84 -5.14 1.05
CA ASN A 53 -5.39 -5.31 -0.30
C ASN A 53 -4.36 -5.94 -1.25
N ARG A 54 -3.11 -5.44 -1.24
CA ARG A 54 -1.99 -5.96 -2.04
C ARG A 54 -1.67 -7.41 -1.69
N ARG A 55 -1.60 -7.77 -0.40
CA ARG A 55 -1.39 -9.15 0.07
C ARG A 55 -2.49 -10.10 -0.38
N ALA A 56 -3.75 -9.69 -0.33
CA ALA A 56 -4.87 -10.50 -0.83
C ALA A 56 -4.77 -10.78 -2.34
N LYS A 57 -4.46 -9.75 -3.15
CA LYS A 57 -4.27 -9.86 -4.61
C LYS A 57 -2.99 -10.63 -5.01
N TRP A 58 -1.97 -10.61 -4.16
CA TRP A 58 -0.71 -11.35 -4.30
C TRP A 58 -0.85 -12.83 -3.92
N ARG A 59 -1.54 -13.15 -2.83
CA ARG A 59 -1.69 -14.50 -2.26
C ARG A 59 -2.80 -15.32 -2.93
N LYS A 60 -3.93 -14.68 -3.28
CA LYS A 60 -5.11 -15.20 -4.02
C LYS A 60 -5.88 -16.36 -3.37
N ARG A 61 -5.24 -17.51 -3.10
CA ARG A 61 -5.88 -18.78 -2.66
C ARG A 61 -6.13 -18.91 -1.14
N GLU A 62 -6.11 -17.79 -0.42
CA GLU A 62 -6.44 -17.73 1.02
C GLU A 62 -7.92 -18.06 1.32
N GLU A 63 -8.20 -18.45 2.57
CA GLU A 63 -9.53 -18.89 3.03
C GLU A 63 -10.10 -17.97 4.14
N PHE A 64 -11.42 -18.00 4.32
CA PHE A 64 -12.17 -17.16 5.27
C PHE A 64 -12.18 -17.70 6.72
N ILE A 65 -11.61 -18.89 6.96
CA ILE A 65 -11.57 -19.54 8.27
C ILE A 65 -10.57 -18.83 9.21
N VAL A 66 -11.02 -18.47 10.41
CA VAL A 66 -10.25 -17.75 11.46
C VAL A 66 -10.33 -18.41 12.85
N THR A 67 -10.97 -19.59 12.95
CA THR A 67 -11.24 -20.30 14.22
C THR A 67 -10.11 -21.23 14.67
N ASP A 68 -9.08 -21.44 13.85
CA ASP A 68 -7.89 -22.27 14.10
C ASP A 68 -6.59 -21.65 13.55
N GLY A 1 4.25 25.39 -5.82
CA GLY A 1 3.67 24.13 -5.31
C GLY A 1 4.11 23.84 -3.88
N SER A 2 3.26 23.17 -3.10
CA SER A 2 3.55 22.80 -1.70
C SER A 2 4.55 21.63 -1.58
N GLN A 3 5.23 21.55 -0.45
CA GLN A 3 6.19 20.49 -0.09
C GLN A 3 5.96 20.02 1.35
N ARG A 4 6.00 18.70 1.59
CA ARG A 4 5.75 18.00 2.88
C ARG A 4 4.36 18.19 3.53
N ARG A 5 3.56 19.17 3.07
CA ARG A 5 2.16 19.41 3.46
C ARG A 5 1.21 19.03 2.31
N GLN A 6 -0.08 18.87 2.63
CA GLN A 6 -1.10 18.32 1.73
C GLN A 6 -0.67 16.95 1.15
N ARG A 7 -1.02 16.64 -0.11
CA ARG A 7 -0.79 15.34 -0.80
C ARG A 7 -1.37 14.11 -0.08
N THR A 8 -2.35 14.29 0.79
CA THR A 8 -3.10 13.20 1.44
C THR A 8 -3.98 12.42 0.44
N HIS A 9 -4.28 11.16 0.76
CA HIS A 9 -4.89 10.15 -0.13
C HIS A 9 -4.05 9.78 -1.36
N PHE A 10 -4.34 8.63 -1.98
CA PHE A 10 -3.52 8.02 -3.03
C PHE A 10 -3.49 8.78 -4.37
N THR A 11 -2.38 8.61 -5.09
CA THR A 11 -2.14 8.98 -6.49
C THR A 11 -1.22 7.95 -7.13
N SER A 12 -1.06 7.96 -8.46
CA SER A 12 -0.14 7.07 -9.19
C SER A 12 1.31 7.12 -8.65
N GLN A 13 1.77 8.28 -8.19
CA GLN A 13 3.10 8.47 -7.58
C GLN A 13 3.24 7.70 -6.25
N GLN A 14 2.24 7.81 -5.37
CA GLN A 14 2.25 7.19 -4.03
C GLN A 14 2.00 5.68 -4.10
N LEU A 15 1.15 5.25 -5.05
CA LEU A 15 0.90 3.84 -5.36
C LEU A 15 2.15 3.18 -5.99
N GLN A 16 2.88 3.89 -6.85
CA GLN A 16 4.17 3.41 -7.39
C GLN A 16 5.24 3.29 -6.30
N GLU A 17 5.28 4.22 -5.33
CA GLU A 17 6.19 4.13 -4.17
C GLU A 17 5.86 2.93 -3.26
N LEU A 18 4.57 2.60 -3.10
CA LEU A 18 4.14 1.38 -2.38
C LEU A 18 4.47 0.09 -3.15
N GLU A 19 4.39 0.08 -4.49
CA GLU A 19 4.90 -1.06 -5.28
C GLU A 19 6.43 -1.18 -5.20
N ALA A 20 7.17 -0.07 -5.23
CA ALA A 20 8.62 -0.05 -5.03
C ALA A 20 9.03 -0.55 -3.62
N THR A 21 8.23 -0.22 -2.60
CA THR A 21 8.35 -0.74 -1.23
C THR A 21 8.08 -2.26 -1.19
N PHE A 22 7.00 -2.72 -1.83
CA PHE A 22 6.61 -4.14 -1.86
C PHE A 22 7.65 -5.03 -2.55
N GLN A 23 8.23 -4.59 -3.69
CA GLN A 23 9.26 -5.36 -4.39
C GLN A 23 10.64 -5.34 -3.67
N ARG A 24 10.87 -4.39 -2.75
CA ARG A 24 12.03 -4.38 -1.84
C ARG A 24 11.81 -5.36 -0.69
N ASN A 25 10.65 -5.26 -0.03
CA ASN A 25 10.22 -6.11 1.08
C ASN A 25 8.69 -6.21 1.14
N ARG A 26 8.13 -7.40 0.86
CA ARG A 26 6.67 -7.63 0.82
C ARG A 26 5.98 -7.53 2.18
N TYR A 27 6.72 -7.79 3.26
CA TYR A 27 6.25 -7.76 4.65
C TYR A 27 7.02 -6.70 5.47
N PRO A 28 6.76 -5.39 5.26
CA PRO A 28 7.37 -4.32 6.06
C PRO A 28 6.84 -4.32 7.49
N ASP A 29 7.69 -3.93 8.45
CA ASP A 29 7.31 -3.74 9.86
C ASP A 29 6.54 -2.42 10.06
N MET A 30 5.84 -2.25 11.18
CA MET A 30 4.97 -1.09 11.41
C MET A 30 5.73 0.24 11.48
N SER A 31 6.99 0.23 11.93
CA SER A 31 7.90 1.38 11.86
C SER A 31 8.34 1.70 10.42
N THR A 32 8.56 0.67 9.58
CA THR A 32 8.83 0.82 8.14
C THR A 32 7.61 1.40 7.42
N ARG A 33 6.40 0.90 7.72
CA ARG A 33 5.13 1.40 7.17
C ARG A 33 4.87 2.86 7.58
N GLU A 34 5.16 3.23 8.82
CA GLU A 34 5.04 4.61 9.30
C GLU A 34 6.03 5.56 8.62
N GLU A 35 7.29 5.14 8.39
CA GLU A 35 8.25 5.92 7.61
C GLU A 35 7.78 6.12 6.17
N ILE A 36 7.39 5.06 5.45
CA ILE A 36 6.93 5.22 4.06
C ILE A 36 5.60 5.98 3.96
N ALA A 37 4.76 5.98 5.00
CA ALA A 37 3.57 6.82 5.10
C ALA A 37 3.96 8.32 5.19
N VAL A 38 4.95 8.66 6.02
CA VAL A 38 5.54 10.01 6.10
C VAL A 38 6.19 10.42 4.78
N TRP A 39 6.93 9.52 4.11
CA TRP A 39 7.62 9.81 2.84
C TRP A 39 6.63 10.05 1.68
N THR A 40 5.50 9.31 1.67
CA THR A 40 4.41 9.46 0.68
C THR A 40 3.35 10.49 1.07
N ASN A 41 3.36 11.02 2.29
CA ASN A 41 2.32 11.85 2.91
C ASN A 41 0.94 11.14 3.04
N LEU A 42 0.92 9.80 3.06
CA LEU A 42 -0.25 8.98 3.36
C LEU A 42 -0.45 8.79 4.88
N THR A 43 -1.60 8.25 5.28
CA THR A 43 -1.86 7.78 6.65
C THR A 43 -1.42 6.32 6.80
N GLU A 44 -1.04 5.90 8.02
CA GLU A 44 -0.67 4.50 8.27
C GLU A 44 -1.84 3.53 8.04
N ALA A 45 -3.09 4.00 8.22
CA ALA A 45 -4.29 3.22 7.92
C ALA A 45 -4.42 2.91 6.42
N ARG A 46 -4.18 3.90 5.55
CA ARG A 46 -4.13 3.69 4.08
C ARG A 46 -3.04 2.72 3.68
N VAL A 47 -1.85 2.86 4.25
CA VAL A 47 -0.70 1.96 3.99
C VAL A 47 -1.01 0.52 4.44
N ARG A 48 -1.58 0.34 5.63
CA ARG A 48 -1.95 -0.99 6.17
C ARG A 48 -3.08 -1.63 5.35
N VAL A 49 -4.05 -0.84 4.87
CA VAL A 49 -5.09 -1.29 3.93
C VAL A 49 -4.50 -1.64 2.56
N TRP A 50 -3.50 -0.90 2.06
CA TRP A 50 -2.85 -1.19 0.77
C TRP A 50 -2.15 -2.55 0.79
N PHE A 51 -1.40 -2.87 1.84
CA PHE A 51 -0.72 -4.17 1.96
C PHE A 51 -1.69 -5.36 2.14
N LYS A 52 -2.91 -5.13 2.66
CA LYS A 52 -4.00 -6.11 2.69
C LYS A 52 -4.68 -6.27 1.33
N ASN A 53 -4.94 -5.15 0.64
CA ASN A 53 -5.50 -5.10 -0.72
C ASN A 53 -4.58 -5.82 -1.74
N ARG A 54 -3.26 -5.62 -1.62
CA ARG A 54 -2.23 -6.30 -2.42
C ARG A 54 -2.28 -7.82 -2.26
N ARG A 55 -2.46 -8.31 -1.02
CA ARG A 55 -2.62 -9.74 -0.70
C ARG A 55 -3.96 -10.32 -1.19
N ALA A 56 -5.04 -9.56 -1.08
CA ALA A 56 -6.35 -9.97 -1.62
C ALA A 56 -6.32 -10.11 -3.15
N LYS A 57 -5.67 -9.19 -3.87
CA LYS A 57 -5.48 -9.24 -5.33
C LYS A 57 -4.47 -10.30 -5.79
N TRP A 58 -3.50 -10.67 -4.94
CA TRP A 58 -2.61 -11.81 -5.15
C TRP A 58 -3.36 -13.15 -4.99
N ARG A 59 -4.19 -13.29 -3.95
CA ARG A 59 -4.96 -14.52 -3.64
C ARG A 59 -6.16 -14.73 -4.57
N LYS A 60 -6.77 -13.64 -5.06
CA LYS A 60 -7.80 -13.56 -6.13
C LYS A 60 -8.97 -14.56 -6.02
N ARG A 61 -9.34 -14.95 -4.79
CA ARG A 61 -10.30 -16.03 -4.44
C ARG A 61 -10.00 -17.40 -5.08
N GLU A 62 -8.74 -17.63 -5.45
CA GLU A 62 -8.20 -18.91 -5.95
C GLU A 62 -7.56 -19.74 -4.81
N GLU A 63 -7.31 -19.11 -3.67
CA GLU A 63 -6.69 -19.65 -2.45
C GLU A 63 -5.22 -20.09 -2.60
N PHE A 64 -4.59 -20.44 -1.47
CA PHE A 64 -3.19 -20.86 -1.37
C PHE A 64 -3.01 -22.01 -0.34
N ILE A 65 -1.92 -22.77 -0.47
CA ILE A 65 -1.63 -23.95 0.37
C ILE A 65 -1.33 -23.60 1.84
N VAL A 66 -1.61 -24.55 2.73
CA VAL A 66 -1.38 -24.46 4.19
C VAL A 66 -1.11 -25.86 4.79
N THR A 67 -0.34 -25.93 5.86
CA THR A 67 0.00 -27.18 6.57
C THR A 67 -1.24 -27.83 7.20
N ASP A 68 -1.36 -29.16 7.11
CA ASP A 68 -2.48 -29.97 7.64
C ASP A 68 -2.45 -30.15 9.18
N GLY A 1 -11.08 23.27 -11.13
CA GLY A 1 -10.14 22.12 -11.12
C GLY A 1 -10.16 21.37 -12.45
N SER A 2 -9.03 20.76 -12.82
CA SER A 2 -8.78 20.17 -14.16
C SER A 2 -9.40 18.77 -14.40
N GLN A 3 -10.47 18.43 -13.68
CA GLN A 3 -11.19 17.15 -13.74
C GLN A 3 -10.29 15.91 -13.52
N ARG A 4 -9.34 16.01 -12.59
CA ARG A 4 -8.41 14.94 -12.17
C ARG A 4 -8.92 14.19 -10.93
N ARG A 5 -8.53 12.92 -10.78
CA ARG A 5 -8.94 12.01 -9.67
C ARG A 5 -10.47 11.95 -9.47
N GLN A 6 -11.21 11.78 -10.58
CA GLN A 6 -12.67 11.62 -10.57
C GLN A 6 -13.12 10.33 -9.86
N ARG A 7 -12.29 9.28 -9.90
CA ARG A 7 -12.39 8.04 -9.13
C ARG A 7 -11.01 7.47 -8.78
N THR A 8 -10.98 6.48 -7.88
CA THR A 8 -9.78 5.83 -7.31
C THR A 8 -8.90 6.78 -6.49
N HIS A 9 -8.49 6.37 -5.28
CA HIS A 9 -7.68 7.17 -4.37
C HIS A 9 -6.16 7.04 -4.63
N PHE A 10 -5.39 7.97 -4.06
CA PHE A 10 -3.94 8.17 -4.22
C PHE A 10 -3.50 8.55 -5.64
N THR A 11 -2.35 9.24 -5.77
CA THR A 11 -1.78 9.62 -7.08
C THR A 11 -1.03 8.44 -7.71
N SER A 12 -0.79 8.51 -9.03
CA SER A 12 0.03 7.52 -9.74
C SER A 12 1.46 7.42 -9.16
N GLN A 13 2.02 8.53 -8.67
CA GLN A 13 3.32 8.57 -8.03
C GLN A 13 3.32 7.89 -6.65
N GLN A 14 2.27 8.12 -5.84
CA GLN A 14 2.09 7.42 -4.55
C GLN A 14 1.93 5.91 -4.77
N LEU A 15 1.06 5.49 -5.69
CA LEU A 15 0.81 4.08 -5.99
C LEU A 15 2.06 3.37 -6.54
N GLN A 16 2.84 4.04 -7.39
CA GLN A 16 4.12 3.53 -7.89
C GLN A 16 5.18 3.40 -6.78
N GLU A 17 5.28 4.37 -5.85
CA GLU A 17 6.26 4.32 -4.76
C GLU A 17 5.87 3.30 -3.66
N LEU A 18 4.57 3.13 -3.38
CA LEU A 18 4.06 2.07 -2.50
C LEU A 18 4.37 0.68 -3.06
N GLU A 19 4.17 0.47 -4.37
CA GLU A 19 4.55 -0.78 -5.06
C GLU A 19 6.07 -0.99 -5.09
N ALA A 20 6.86 0.06 -5.38
CA ALA A 20 8.31 -0.01 -5.37
C ALA A 20 8.85 -0.33 -3.97
N THR A 21 8.32 0.27 -2.91
CA THR A 21 8.79 0.00 -1.54
C THR A 21 8.36 -1.38 -1.02
N PHE A 22 7.22 -1.92 -1.46
CA PHE A 22 6.84 -3.32 -1.24
C PHE A 22 7.81 -4.29 -1.94
N GLN A 23 8.25 -3.96 -3.16
CA GLN A 23 9.24 -4.75 -3.91
C GLN A 23 10.66 -4.65 -3.32
N ARG A 24 11.06 -3.48 -2.78
CA ARG A 24 12.33 -3.30 -2.05
C ARG A 24 12.35 -4.03 -0.70
N ASN A 25 11.23 -4.02 0.03
CA ASN A 25 11.11 -4.58 1.39
C ASN A 25 9.74 -5.27 1.60
N ARG A 26 9.66 -6.55 1.22
CA ARG A 26 8.51 -7.43 1.55
C ARG A 26 8.38 -7.68 3.06
N TYR A 27 7.17 -8.03 3.51
CA TYR A 27 6.81 -8.22 4.93
C TYR A 27 7.26 -7.06 5.86
N PRO A 28 6.94 -5.77 5.55
CA PRO A 28 7.36 -4.63 6.37
C PRO A 28 6.67 -4.62 7.75
N ASP A 29 7.40 -4.19 8.79
CA ASP A 29 6.89 -4.04 10.15
C ASP A 29 6.02 -2.77 10.29
N MET A 30 5.27 -2.63 11.37
CA MET A 30 4.35 -1.49 11.60
C MET A 30 5.09 -0.14 11.61
N SER A 31 6.30 -0.09 12.16
CA SER A 31 7.19 1.08 12.10
C SER A 31 7.73 1.33 10.68
N THR A 32 8.08 0.29 9.94
CA THR A 32 8.49 0.39 8.52
C THR A 32 7.38 1.00 7.66
N ARG A 33 6.13 0.54 7.84
CA ARG A 33 4.94 1.06 7.16
C ARG A 33 4.69 2.53 7.50
N GLU A 34 4.88 2.92 8.76
CA GLU A 34 4.70 4.32 9.19
C GLU A 34 5.83 5.24 8.70
N GLU A 35 7.07 4.76 8.53
CA GLU A 35 8.13 5.53 7.88
C GLU A 35 7.86 5.73 6.39
N ILE A 36 7.49 4.68 5.64
CA ILE A 36 7.17 4.85 4.21
C ILE A 36 5.87 5.65 4.01
N ALA A 37 4.97 5.69 4.98
CA ALA A 37 3.78 6.54 4.96
C ALA A 37 4.13 8.04 5.00
N VAL A 38 5.06 8.48 5.85
CA VAL A 38 5.49 9.90 5.84
C VAL A 38 6.33 10.26 4.61
N TRP A 39 6.99 9.28 3.97
CA TRP A 39 7.73 9.48 2.71
C TRP A 39 6.79 9.55 1.48
N THR A 40 5.66 8.83 1.50
CA THR A 40 4.62 8.82 0.44
C THR A 40 3.42 9.75 0.73
N ASN A 41 3.43 10.44 1.87
CA ASN A 41 2.34 11.26 2.40
C ASN A 41 0.99 10.50 2.53
N LEU A 42 1.04 9.28 3.08
CA LEU A 42 -0.10 8.47 3.51
C LEU A 42 -0.33 8.55 5.03
N THR A 43 -1.50 8.09 5.47
CA THR A 43 -1.92 8.03 6.88
C THR A 43 -1.68 6.63 7.47
N GLU A 44 -1.47 6.53 8.78
CA GLU A 44 -1.06 5.30 9.47
C GLU A 44 -2.04 4.12 9.33
N ALA A 45 -3.33 4.38 9.14
CA ALA A 45 -4.34 3.36 8.83
C ALA A 45 -4.49 3.09 7.31
N ARG A 46 -4.37 4.13 6.46
CA ARG A 46 -4.45 4.00 5.00
C ARG A 46 -3.27 3.20 4.41
N VAL A 47 -2.06 3.37 4.96
CA VAL A 47 -0.90 2.54 4.60
C VAL A 47 -1.11 1.07 5.02
N ARG A 48 -1.70 0.83 6.20
CA ARG A 48 -2.02 -0.53 6.69
C ARG A 48 -3.03 -1.22 5.79
N VAL A 49 -4.09 -0.52 5.36
CA VAL A 49 -5.05 -1.03 4.37
C VAL A 49 -4.37 -1.32 3.03
N TRP A 50 -3.52 -0.41 2.52
CA TRP A 50 -2.85 -0.62 1.23
C TRP A 50 -1.93 -1.85 1.26
N PHE A 51 -1.11 -2.01 2.31
CA PHE A 51 -0.22 -3.16 2.45
C PHE A 51 -0.95 -4.47 2.74
N LYS A 52 -2.07 -4.46 3.48
CA LYS A 52 -2.94 -5.64 3.65
C LYS A 52 -3.57 -6.08 2.32
N ASN A 53 -4.07 -5.12 1.53
CA ASN A 53 -4.64 -5.36 0.20
C ASN A 53 -3.59 -5.91 -0.77
N ARG A 54 -2.39 -5.30 -0.82
CA ARG A 54 -1.24 -5.75 -1.60
C ARG A 54 -0.81 -7.17 -1.21
N ARG A 55 -0.64 -7.45 0.09
CA ARG A 55 -0.26 -8.78 0.61
C ARG A 55 -1.28 -9.86 0.21
N ALA A 56 -2.57 -9.58 0.32
CA ALA A 56 -3.63 -10.51 -0.07
C ALA A 56 -3.60 -10.84 -1.59
N LYS A 57 -3.46 -9.81 -2.44
CA LYS A 57 -3.37 -9.96 -3.91
C LYS A 57 -2.07 -10.62 -4.37
N TRP A 58 -0.97 -10.43 -3.64
CA TRP A 58 0.34 -11.03 -3.91
C TRP A 58 0.44 -12.50 -3.46
N ARG A 59 -0.03 -12.81 -2.25
CA ARG A 59 0.04 -14.16 -1.64
C ARG A 59 -1.00 -15.13 -2.20
N LYS A 60 -2.24 -14.68 -2.40
CA LYS A 60 -3.41 -15.45 -2.91
C LYS A 60 -3.75 -16.70 -2.06
N ARG A 61 -4.74 -17.48 -2.52
CA ARG A 61 -5.09 -18.82 -2.00
C ARG A 61 -4.02 -19.85 -2.36
N GLU A 62 -3.76 -20.77 -1.44
CA GLU A 62 -2.87 -21.93 -1.60
C GLU A 62 -3.65 -23.25 -1.69
N GLU A 63 -3.12 -24.24 -2.43
CA GLU A 63 -3.71 -25.58 -2.58
C GLU A 63 -2.66 -26.72 -2.48
N PHE A 64 -1.38 -26.39 -2.23
CA PHE A 64 -0.28 -27.37 -2.14
C PHE A 64 -0.32 -28.20 -0.84
N ILE A 65 0.16 -29.45 -0.92
CA ILE A 65 0.14 -30.42 0.19
C ILE A 65 1.25 -30.19 1.25
N VAL A 66 2.25 -29.35 0.94
CA VAL A 66 3.41 -29.03 1.80
C VAL A 66 4.20 -30.31 2.16
N THR A 67 4.77 -30.95 1.14
CA THR A 67 5.58 -32.17 1.24
C THR A 67 6.81 -32.00 2.15
N ASP A 68 7.11 -32.99 2.98
CA ASP A 68 8.27 -33.01 3.90
C ASP A 68 9.63 -33.20 3.20
N GLY A 1 -16.11 29.56 -11.91
CA GLY A 1 -17.17 28.58 -11.56
C GLY A 1 -16.68 27.54 -10.57
N SER A 2 -17.60 26.70 -10.08
CA SER A 2 -17.31 25.64 -9.09
C SER A 2 -16.42 24.52 -9.65
N GLN A 3 -15.64 23.87 -8.76
CA GLN A 3 -14.74 22.76 -9.08
C GLN A 3 -14.88 21.62 -8.04
N ARG A 4 -14.46 20.41 -8.41
CA ARG A 4 -14.50 19.19 -7.56
C ARG A 4 -13.13 18.47 -7.53
N ARG A 5 -12.80 17.84 -6.40
CA ARG A 5 -11.56 17.09 -6.15
C ARG A 5 -11.80 15.84 -5.30
N GLN A 6 -10.91 14.85 -5.39
CA GLN A 6 -10.87 13.69 -4.50
C GLN A 6 -10.31 14.05 -3.11
N ARG A 7 -10.64 13.27 -2.07
CA ARG A 7 -10.26 13.51 -0.67
C ARG A 7 -9.61 12.28 -0.02
N THR A 8 -8.41 12.47 0.55
CA THR A 8 -7.63 11.48 1.33
C THR A 8 -7.45 10.09 0.68
N HIS A 9 -7.36 10.05 -0.65
CA HIS A 9 -7.21 8.84 -1.46
C HIS A 9 -5.85 8.78 -2.19
N PHE A 10 -5.41 7.59 -2.58
CA PHE A 10 -4.09 7.38 -3.19
C PHE A 10 -3.97 7.96 -4.62
N THR A 11 -2.74 8.25 -5.06
CA THR A 11 -2.39 8.64 -6.44
C THR A 11 -1.20 7.83 -6.99
N SER A 12 -0.97 7.89 -8.30
CA SER A 12 -0.02 7.02 -9.04
C SER A 12 1.41 7.03 -8.48
N GLN A 13 1.93 8.18 -8.04
CA GLN A 13 3.27 8.29 -7.47
C GLN A 13 3.38 7.60 -6.09
N GLN A 14 2.31 7.61 -5.31
CA GLN A 14 2.24 6.89 -4.03
C GLN A 14 2.13 5.38 -4.26
N LEU A 15 1.29 4.95 -5.23
CA LEU A 15 1.18 3.55 -5.66
C LEU A 15 2.52 3.01 -6.19
N GLN A 16 3.29 3.82 -6.93
CA GLN A 16 4.61 3.44 -7.45
C GLN A 16 5.64 3.25 -6.31
N GLU A 17 5.65 4.13 -5.31
CA GLU A 17 6.53 4.00 -4.14
C GLU A 17 6.14 2.80 -3.25
N LEU A 18 4.83 2.58 -3.04
CA LEU A 18 4.29 1.45 -2.28
C LEU A 18 4.57 0.11 -2.99
N GLU A 19 4.42 0.04 -4.32
CA GLU A 19 4.72 -1.16 -5.10
C GLU A 19 6.24 -1.45 -5.19
N ALA A 20 7.10 -0.44 -5.06
CA ALA A 20 8.55 -0.62 -4.98
C ALA A 20 8.97 -1.33 -3.67
N THR A 21 8.45 -0.91 -2.52
CA THR A 21 8.71 -1.61 -1.24
C THR A 21 8.02 -2.98 -1.18
N PHE A 22 6.81 -3.11 -1.75
CA PHE A 22 6.09 -4.39 -1.87
C PHE A 22 6.88 -5.46 -2.66
N GLN A 23 7.55 -5.08 -3.75
CA GLN A 23 8.31 -6.03 -4.60
C GLN A 23 9.77 -6.24 -4.16
N ARG A 24 10.42 -5.23 -3.55
CA ARG A 24 11.88 -5.24 -3.25
C ARG A 24 12.20 -5.51 -1.77
N ASN A 25 11.44 -4.91 -0.85
CA ASN A 25 11.60 -5.10 0.59
C ASN A 25 10.77 -6.29 1.11
N ARG A 26 9.56 -6.46 0.56
CA ARG A 26 8.60 -7.59 0.73
C ARG A 26 8.02 -7.79 2.13
N TYR A 27 8.76 -7.48 3.19
CA TYR A 27 8.38 -7.66 4.60
C TYR A 27 8.69 -6.41 5.47
N PRO A 28 8.20 -5.20 5.10
CA PRO A 28 8.39 -3.99 5.91
C PRO A 28 7.68 -4.11 7.27
N ASP A 29 8.34 -3.64 8.33
CA ASP A 29 7.78 -3.58 9.70
C ASP A 29 6.75 -2.45 9.85
N MET A 30 5.91 -2.46 10.90
CA MET A 30 4.99 -1.36 11.19
C MET A 30 5.69 0.01 11.30
N SER A 31 6.91 0.07 11.84
CA SER A 31 7.72 1.30 11.86
C SER A 31 8.21 1.70 10.47
N THR A 32 8.57 0.73 9.61
CA THR A 32 8.93 0.98 8.21
C THR A 32 7.73 1.53 7.43
N ARG A 33 6.54 0.96 7.63
CA ARG A 33 5.27 1.38 7.01
C ARG A 33 4.87 2.80 7.45
N GLU A 34 5.06 3.13 8.72
CA GLU A 34 4.82 4.48 9.24
C GLU A 34 5.82 5.52 8.68
N GLU A 35 7.09 5.16 8.49
CA GLU A 35 8.07 6.05 7.83
C GLU A 35 7.75 6.28 6.35
N ILE A 36 7.44 5.24 5.57
CA ILE A 36 7.05 5.44 4.16
C ILE A 36 5.69 6.14 4.03
N ALA A 37 4.81 6.08 5.04
CA ALA A 37 3.56 6.84 5.08
C ALA A 37 3.82 8.36 5.12
N VAL A 38 4.70 8.85 6.00
CA VAL A 38 5.04 10.29 6.05
C VAL A 38 5.84 10.74 4.82
N TRP A 39 6.63 9.86 4.19
CA TRP A 39 7.36 10.15 2.95
C TRP A 39 6.44 10.21 1.71
N THR A 40 5.38 9.39 1.67
CA THR A 40 4.33 9.42 0.62
C THR A 40 3.17 10.39 0.92
N ASN A 41 3.16 11.01 2.11
CA ASN A 41 2.07 11.84 2.65
C ASN A 41 0.72 11.10 2.73
N LEU A 42 0.74 9.93 3.37
CA LEU A 42 -0.40 9.08 3.72
C LEU A 42 -0.44 8.83 5.24
N THR A 43 -1.52 8.22 5.74
CA THR A 43 -1.58 7.71 7.11
C THR A 43 -1.09 6.26 7.14
N GLU A 44 -0.51 5.81 8.26
CA GLU A 44 -0.07 4.43 8.43
C GLU A 44 -1.22 3.42 8.33
N ALA A 45 -2.45 3.82 8.67
CA ALA A 45 -3.64 3.00 8.48
C ALA A 45 -4.01 2.82 7.00
N ARG A 46 -3.94 3.88 6.18
CA ARG A 46 -4.13 3.79 4.72
C ARG A 46 -3.06 2.91 4.06
N VAL A 47 -1.81 3.05 4.50
CA VAL A 47 -0.70 2.19 4.08
C VAL A 47 -0.93 0.72 4.48
N ARG A 48 -1.33 0.44 5.72
CA ARG A 48 -1.63 -0.92 6.20
C ARG A 48 -2.78 -1.57 5.40
N VAL A 49 -3.82 -0.80 5.06
CA VAL A 49 -4.89 -1.24 4.16
C VAL A 49 -4.36 -1.49 2.74
N TRP A 50 -3.47 -0.65 2.21
CA TRP A 50 -2.89 -0.82 0.87
C TRP A 50 -2.11 -2.14 0.72
N PHE A 51 -1.32 -2.53 1.74
CA PHE A 51 -0.60 -3.81 1.77
C PHE A 51 -1.51 -5.06 1.73
N LYS A 52 -2.79 -4.92 2.10
CA LYS A 52 -3.84 -5.96 1.90
C LYS A 52 -4.57 -5.79 0.57
N ASN A 53 -4.90 -4.56 0.19
CA ASN A 53 -5.58 -4.24 -1.06
C ASN A 53 -4.79 -4.69 -2.31
N ARG A 54 -3.46 -4.55 -2.29
CA ARG A 54 -2.58 -4.92 -3.41
C ARG A 54 -2.53 -6.43 -3.69
N ARG A 55 -2.69 -7.29 -2.66
CA ARG A 55 -2.79 -8.76 -2.82
C ARG A 55 -4.23 -9.24 -3.01
N ALA A 56 -5.22 -8.52 -2.49
CA ALA A 56 -6.64 -8.75 -2.77
C ALA A 56 -6.97 -8.52 -4.26
N LYS A 57 -6.39 -7.49 -4.90
CA LYS A 57 -6.49 -7.23 -6.35
C LYS A 57 -5.78 -8.30 -7.22
N TRP A 58 -4.72 -8.92 -6.70
CA TRP A 58 -3.99 -10.01 -7.36
C TRP A 58 -4.79 -11.33 -7.35
N ARG A 59 -5.36 -11.72 -6.21
CA ARG A 59 -6.08 -13.01 -6.03
C ARG A 59 -7.58 -12.95 -6.34
N LYS A 60 -8.22 -11.80 -6.13
CA LYS A 60 -9.65 -11.46 -6.36
C LYS A 60 -10.66 -12.31 -5.56
N ARG A 61 -11.90 -11.81 -5.47
CA ARG A 61 -13.08 -12.49 -4.91
C ARG A 61 -14.19 -12.60 -5.96
N GLU A 62 -15.05 -13.61 -5.83
CA GLU A 62 -16.21 -13.81 -6.73
C GLU A 62 -17.39 -12.93 -6.31
N GLU A 63 -17.84 -12.03 -7.20
CA GLU A 63 -18.95 -11.09 -6.94
C GLU A 63 -20.35 -11.75 -7.03
N PHE A 64 -20.44 -12.93 -7.66
CA PHE A 64 -21.65 -13.73 -7.81
C PHE A 64 -21.54 -15.08 -7.08
N ILE A 65 -20.89 -15.09 -5.91
CA ILE A 65 -20.73 -16.26 -5.03
C ILE A 65 -22.08 -16.80 -4.50
N VAL A 66 -23.10 -15.94 -4.44
CA VAL A 66 -24.50 -16.28 -4.13
C VAL A 66 -25.46 -15.43 -4.99
N THR A 67 -26.63 -15.99 -5.33
CA THR A 67 -27.61 -15.37 -6.25
C THR A 67 -28.39 -14.20 -5.62
N ASP A 68 -28.59 -14.22 -4.30
CA ASP A 68 -29.37 -13.24 -3.52
C ASP A 68 -28.69 -11.85 -3.38
N GLY A 1 -0.08 23.94 6.93
CA GLY A 1 -1.18 23.67 7.88
C GLY A 1 -2.51 24.19 7.37
N SER A 2 -3.32 24.77 8.26
CA SER A 2 -4.62 25.43 7.94
C SER A 2 -5.63 24.56 7.18
N GLN A 3 -5.64 23.24 7.45
CA GLN A 3 -6.54 22.25 6.84
C GLN A 3 -7.02 21.22 7.88
N ARG A 4 -8.15 20.57 7.60
CA ARG A 4 -8.79 19.54 8.47
C ARG A 4 -8.30 18.11 8.20
N ARG A 5 -7.27 17.95 7.37
CA ARG A 5 -6.72 16.67 6.86
C ARG A 5 -7.80 15.81 6.18
N GLN A 6 -8.70 16.47 5.47
CA GLN A 6 -9.85 15.89 4.76
C GLN A 6 -9.48 15.34 3.37
N ARG A 7 -10.23 14.33 2.89
CA ARG A 7 -10.18 13.76 1.53
C ARG A 7 -8.74 13.49 1.02
N THR A 8 -7.94 12.79 1.83
CA THR A 8 -6.50 12.55 1.58
C THR A 8 -6.23 11.68 0.34
N HIS A 9 -7.07 10.66 0.10
CA HIS A 9 -7.06 9.78 -1.09
C HIS A 9 -5.68 9.14 -1.39
N PHE A 10 -5.50 8.64 -2.63
CA PHE A 10 -4.24 8.17 -3.20
C PHE A 10 -4.00 8.81 -4.58
N THR A 11 -2.75 8.84 -5.04
CA THR A 11 -2.37 9.21 -6.42
C THR A 11 -1.29 8.27 -6.97
N SER A 12 -1.12 8.23 -8.29
CA SER A 12 -0.26 7.25 -9.00
C SER A 12 1.21 7.28 -8.58
N GLN A 13 1.73 8.43 -8.15
CA GLN A 13 3.10 8.55 -7.63
C GLN A 13 3.27 7.84 -6.26
N GLN A 14 2.27 7.95 -5.38
CA GLN A 14 2.25 7.27 -4.07
C GLN A 14 2.08 5.75 -4.25
N LEU A 15 1.19 5.35 -5.17
CA LEU A 15 0.88 3.95 -5.45
C LEU A 15 2.08 3.22 -6.11
N GLN A 16 2.86 3.91 -6.94
CA GLN A 16 4.09 3.35 -7.53
C GLN A 16 5.27 3.33 -6.54
N GLU A 17 5.36 4.32 -5.63
CA GLU A 17 6.32 4.25 -4.52
C GLU A 17 6.00 3.08 -3.57
N LEU A 18 4.70 2.80 -3.35
CA LEU A 18 4.24 1.64 -2.58
C LEU A 18 4.50 0.32 -3.30
N GLU A 19 4.33 0.26 -4.62
CA GLU A 19 4.68 -0.92 -5.44
C GLU A 19 6.20 -1.21 -5.37
N ALA A 20 7.05 -0.19 -5.51
CA ALA A 20 8.50 -0.31 -5.32
C ALA A 20 8.87 -0.75 -3.89
N THR A 21 8.17 -0.21 -2.88
CA THR A 21 8.33 -0.60 -1.46
C THR A 21 7.95 -2.07 -1.25
N PHE A 22 6.84 -2.55 -1.82
CA PHE A 22 6.38 -3.93 -1.76
C PHE A 22 7.35 -4.92 -2.42
N GLN A 23 7.93 -4.54 -3.57
CA GLN A 23 8.95 -5.34 -4.25
C GLN A 23 10.29 -5.37 -3.50
N ARG A 24 10.62 -4.33 -2.71
CA ARG A 24 11.80 -4.28 -1.83
C ARG A 24 11.59 -5.03 -0.50
N ASN A 25 10.39 -5.03 0.06
CA ASN A 25 10.01 -5.76 1.27
C ASN A 25 8.50 -6.06 1.25
N ARG A 26 8.14 -7.36 1.25
CA ARG A 26 6.75 -7.83 1.14
C ARG A 26 6.02 -7.95 2.49
N TYR A 27 6.73 -7.76 3.60
CA TYR A 27 6.24 -7.91 4.98
C TYR A 27 6.86 -6.87 5.95
N PRO A 28 6.79 -5.54 5.66
CA PRO A 28 7.36 -4.51 6.52
C PRO A 28 6.69 -4.44 7.90
N ASP A 29 7.47 -4.10 8.93
CA ASP A 29 6.97 -3.83 10.29
C ASP A 29 6.30 -2.46 10.38
N MET A 30 5.45 -2.23 11.40
CA MET A 30 4.64 -1.01 11.51
C MET A 30 5.47 0.28 11.62
N SER A 31 6.70 0.23 12.14
CA SER A 31 7.64 1.37 12.13
C SER A 31 8.17 1.69 10.72
N THR A 32 8.38 0.67 9.88
CA THR A 32 8.74 0.83 8.47
C THR A 32 7.55 1.35 7.66
N ARG A 33 6.34 0.82 7.92
CA ARG A 33 5.09 1.33 7.30
C ARG A 33 4.83 2.78 7.67
N GLU A 34 5.08 3.19 8.91
CA GLU A 34 4.95 4.59 9.35
C GLU A 34 5.97 5.51 8.67
N GLU A 35 7.23 5.10 8.50
CA GLU A 35 8.22 5.85 7.71
C GLU A 35 7.77 6.02 6.26
N ILE A 36 7.40 4.94 5.55
CA ILE A 36 6.97 5.07 4.15
C ILE A 36 5.64 5.82 4.00
N ALA A 37 4.78 5.85 5.03
CA ALA A 37 3.60 6.71 5.09
C ALA A 37 3.98 8.20 5.15
N VAL A 38 4.97 8.56 5.97
CA VAL A 38 5.57 9.91 6.01
C VAL A 38 6.24 10.27 4.68
N TRP A 39 6.97 9.34 4.05
CA TRP A 39 7.67 9.58 2.77
C TRP A 39 6.70 9.79 1.60
N THR A 40 5.57 9.08 1.57
CA THR A 40 4.49 9.21 0.56
C THR A 40 3.44 10.27 0.91
N ASN A 41 3.47 10.83 2.12
CA ASN A 41 2.42 11.69 2.68
C ASN A 41 1.03 11.03 2.70
N LEU A 42 0.98 9.79 3.19
CA LEU A 42 -0.23 9.00 3.48
C LEU A 42 -0.39 8.78 5.00
N THR A 43 -1.55 8.27 5.41
CA THR A 43 -1.78 7.77 6.78
C THR A 43 -1.29 6.33 6.91
N GLU A 44 -0.94 5.89 8.13
CA GLU A 44 -0.64 4.47 8.37
C GLU A 44 -1.84 3.56 8.09
N ALA A 45 -3.08 4.07 8.21
CA ALA A 45 -4.30 3.34 7.88
C ALA A 45 -4.42 3.07 6.38
N ARG A 46 -4.17 4.07 5.52
CA ARG A 46 -4.13 3.90 4.06
C ARG A 46 -3.04 2.94 3.64
N VAL A 47 -1.85 3.05 4.23
CA VAL A 47 -0.72 2.13 3.99
C VAL A 47 -1.06 0.70 4.44
N ARG A 48 -1.66 0.51 5.62
CA ARG A 48 -2.03 -0.83 6.14
C ARG A 48 -3.13 -1.49 5.29
N VAL A 49 -4.13 -0.73 4.82
CA VAL A 49 -5.14 -1.23 3.87
C VAL A 49 -4.49 -1.57 2.53
N TRP A 50 -3.59 -0.73 2.01
CA TRP A 50 -2.89 -1.00 0.74
C TRP A 50 -2.04 -2.28 0.83
N PHE A 51 -1.27 -2.47 1.90
CA PHE A 51 -0.47 -3.68 2.08
C PHE A 51 -1.34 -4.94 2.26
N LYS A 52 -2.44 -4.88 3.01
CA LYS A 52 -3.41 -5.97 3.13
C LYS A 52 -4.00 -6.36 1.76
N ASN A 53 -4.41 -5.35 0.98
CA ASN A 53 -4.96 -5.52 -0.37
C ASN A 53 -3.93 -6.12 -1.35
N ARG A 54 -2.70 -5.60 -1.34
CA ARG A 54 -1.60 -6.05 -2.22
C ARG A 54 -1.10 -7.46 -1.87
N ARG A 55 -1.00 -7.80 -0.57
CA ARG A 55 -0.66 -9.16 -0.10
C ARG A 55 -1.76 -10.18 -0.43
N ALA A 56 -3.03 -9.80 -0.33
CA ALA A 56 -4.14 -10.66 -0.75
C ALA A 56 -4.13 -10.95 -2.27
N LYS A 57 -3.88 -9.93 -3.10
CA LYS A 57 -3.71 -10.07 -4.55
C LYS A 57 -2.50 -10.92 -4.92
N TRP A 58 -1.37 -10.74 -4.23
CA TRP A 58 -0.17 -11.59 -4.39
C TRP A 58 -0.45 -13.05 -4.00
N ARG A 59 -1.10 -13.30 -2.86
CA ARG A 59 -1.49 -14.64 -2.41
C ARG A 59 -2.45 -15.34 -3.39
N LYS A 60 -3.35 -14.59 -4.03
CA LYS A 60 -4.27 -15.07 -5.08
C LYS A 60 -3.55 -15.38 -6.40
N ARG A 61 -2.51 -14.61 -6.76
CA ARG A 61 -1.69 -14.80 -7.97
C ARG A 61 -0.67 -15.95 -7.85
N GLU A 62 -0.12 -16.17 -6.66
CA GLU A 62 0.79 -17.29 -6.35
C GLU A 62 0.06 -18.65 -6.30
N GLU A 63 0.82 -19.74 -6.40
CA GLU A 63 0.34 -21.13 -6.30
C GLU A 63 1.35 -22.01 -5.53
N PHE A 64 0.85 -23.00 -4.78
CA PHE A 64 1.66 -23.85 -3.89
C PHE A 64 2.36 -25.02 -4.60
N ILE A 65 1.90 -25.38 -5.81
CA ILE A 65 2.48 -26.38 -6.74
C ILE A 65 2.85 -27.74 -6.10
N VAL A 66 2.06 -28.19 -5.13
CA VAL A 66 2.26 -29.47 -4.41
C VAL A 66 1.96 -30.68 -5.31
N THR A 67 0.95 -30.58 -6.17
CA THR A 67 0.56 -31.60 -7.16
C THR A 67 1.28 -31.44 -8.50
N ASP A 68 1.50 -32.56 -9.21
CA ASP A 68 2.16 -32.64 -10.53
C ASP A 68 1.54 -33.73 -11.44
N GLY A 1 -26.79 8.11 -21.92
CA GLY A 1 -26.52 7.00 -20.97
C GLY A 1 -25.80 7.50 -19.73
N SER A 2 -26.09 6.90 -18.57
CA SER A 2 -25.53 7.29 -17.26
C SER A 2 -24.03 6.97 -17.12
N GLN A 3 -23.30 7.80 -16.36
CA GLN A 3 -21.89 7.59 -16.05
C GLN A 3 -21.68 6.41 -15.09
N ARG A 4 -20.52 5.74 -15.19
CA ARG A 4 -20.13 4.55 -14.42
C ARG A 4 -18.71 4.62 -13.83
N ARG A 5 -18.22 5.84 -13.59
CA ARG A 5 -16.91 6.15 -12.98
C ARG A 5 -16.91 5.88 -11.47
N GLN A 6 -15.71 5.80 -10.88
CA GLN A 6 -15.49 5.59 -9.44
C GLN A 6 -14.43 6.57 -8.90
N ARG A 7 -14.59 7.01 -7.63
CA ARG A 7 -13.70 7.96 -6.95
C ARG A 7 -12.43 7.28 -6.43
N THR A 8 -11.28 7.93 -6.61
CA THR A 8 -9.97 7.54 -6.07
C THR A 8 -9.29 8.74 -5.40
N HIS A 9 -8.71 8.55 -4.21
CA HIS A 9 -8.07 9.59 -3.39
C HIS A 9 -6.54 9.42 -3.24
N PHE A 10 -5.94 8.56 -4.05
CA PHE A 10 -4.48 8.41 -4.22
C PHE A 10 -3.99 9.11 -5.50
N THR A 11 -2.68 9.31 -5.62
CA THR A 11 -1.99 9.73 -6.86
C THR A 11 -0.90 8.72 -7.26
N SER A 12 -0.59 8.63 -8.56
CA SER A 12 0.25 7.57 -9.13
C SER A 12 1.66 7.46 -8.52
N GLN A 13 2.23 8.57 -8.02
CA GLN A 13 3.52 8.58 -7.33
C GLN A 13 3.48 7.79 -6.00
N GLN A 14 2.34 7.80 -5.30
CA GLN A 14 2.14 7.04 -4.06
C GLN A 14 2.06 5.54 -4.35
N LEU A 15 1.33 5.15 -5.39
CA LEU A 15 1.24 3.75 -5.85
C LEU A 15 2.60 3.23 -6.34
N GLN A 16 3.36 4.05 -7.08
CA GLN A 16 4.70 3.71 -7.55
C GLN A 16 5.67 3.48 -6.37
N GLU A 17 5.65 4.35 -5.36
CA GLU A 17 6.49 4.20 -4.16
C GLU A 17 6.08 2.99 -3.32
N LEU A 18 4.78 2.73 -3.15
CA LEU A 18 4.27 1.54 -2.43
C LEU A 18 4.55 0.22 -3.18
N GLU A 19 4.51 0.22 -4.52
CA GLU A 19 4.91 -0.95 -5.32
C GLU A 19 6.43 -1.19 -5.25
N ALA A 20 7.25 -0.14 -5.31
CA ALA A 20 8.70 -0.25 -5.08
C ALA A 20 9.02 -0.75 -3.65
N THR A 21 8.27 -0.28 -2.65
CA THR A 21 8.34 -0.73 -1.25
C THR A 21 7.99 -2.22 -1.15
N PHE A 22 6.89 -2.66 -1.76
CA PHE A 22 6.45 -4.06 -1.80
C PHE A 22 7.46 -4.97 -2.51
N GLN A 23 8.04 -4.52 -3.63
CA GLN A 23 9.09 -5.25 -4.38
C GLN A 23 10.41 -5.37 -3.58
N ARG A 24 10.76 -4.37 -2.76
CA ARG A 24 11.92 -4.40 -1.86
C ARG A 24 11.67 -5.30 -0.64
N ASN A 25 10.48 -5.21 -0.04
CA ASN A 25 10.05 -6.00 1.12
C ASN A 25 8.53 -6.20 1.12
N ARG A 26 8.06 -7.46 1.04
CA ARG A 26 6.63 -7.82 1.11
C ARG A 26 6.05 -7.87 2.53
N TYR A 27 6.90 -7.82 3.55
CA TYR A 27 6.55 -7.98 4.97
C TYR A 27 7.17 -6.87 5.86
N PRO A 28 6.94 -5.56 5.58
CA PRO A 28 7.43 -4.48 6.41
C PRO A 28 6.72 -4.44 7.77
N ASP A 29 7.45 -4.06 8.83
CA ASP A 29 6.88 -3.81 10.16
C ASP A 29 6.12 -2.47 10.20
N MET A 30 5.28 -2.25 11.22
CA MET A 30 4.38 -1.08 11.28
C MET A 30 5.13 0.25 11.41
N SER A 31 6.35 0.24 11.98
CA SER A 31 7.27 1.39 11.99
C SER A 31 7.84 1.69 10.60
N THR A 32 8.23 0.66 9.84
CA THR A 32 8.65 0.78 8.42
C THR A 32 7.51 1.31 7.56
N ARG A 33 6.28 0.81 7.76
CA ARG A 33 5.06 1.30 7.10
C ARG A 33 4.77 2.77 7.42
N GLU A 34 5.00 3.21 8.66
CA GLU A 34 4.83 4.61 9.06
C GLU A 34 5.89 5.55 8.43
N GLU A 35 7.14 5.10 8.28
CA GLU A 35 8.16 5.90 7.57
C GLU A 35 7.80 6.07 6.08
N ILE A 36 7.45 5.00 5.38
CA ILE A 36 7.03 5.11 3.97
C ILE A 36 5.69 5.83 3.81
N ALA A 37 4.84 5.86 4.85
CA ALA A 37 3.61 6.66 4.88
C ALA A 37 3.92 8.17 4.86
N VAL A 38 4.78 8.68 5.75
CA VAL A 38 5.14 10.11 5.76
C VAL A 38 5.92 10.53 4.49
N TRP A 39 6.68 9.60 3.88
CA TRP A 39 7.36 9.83 2.59
C TRP A 39 6.40 9.87 1.38
N THR A 40 5.18 9.36 1.52
CA THR A 40 4.08 9.43 0.52
C THR A 40 2.93 10.36 0.93
N ASN A 41 3.05 11.03 2.08
CA ASN A 41 2.02 11.84 2.75
C ASN A 41 0.72 11.07 3.09
N LEU A 42 0.84 9.76 3.32
CA LEU A 42 -0.20 8.87 3.87
C LEU A 42 -0.08 8.78 5.41
N THR A 43 -1.01 8.05 6.03
CA THR A 43 -0.96 7.60 7.44
C THR A 43 -0.76 6.08 7.48
N GLU A 44 -0.16 5.56 8.56
CA GLU A 44 0.22 4.14 8.63
C GLU A 44 -0.99 3.18 8.55
N ALA A 45 -2.17 3.61 9.01
CA ALA A 45 -3.40 2.82 8.90
C ALA A 45 -3.86 2.67 7.43
N ARG A 46 -3.73 3.73 6.62
CA ARG A 46 -4.04 3.72 5.18
C ARG A 46 -3.03 2.86 4.41
N VAL A 47 -1.76 2.89 4.81
CA VAL A 47 -0.72 1.97 4.30
C VAL A 47 -1.00 0.51 4.70
N ARG A 48 -1.43 0.25 5.93
CA ARG A 48 -1.80 -1.10 6.41
C ARG A 48 -2.97 -1.67 5.60
N VAL A 49 -3.98 -0.85 5.30
CA VAL A 49 -5.09 -1.19 4.40
C VAL A 49 -4.62 -1.40 2.95
N TRP A 50 -3.64 -0.62 2.46
CA TRP A 50 -3.06 -0.84 1.14
C TRP A 50 -2.34 -2.19 1.04
N PHE A 51 -1.49 -2.54 2.01
CA PHE A 51 -0.81 -3.84 2.04
C PHE A 51 -1.79 -5.02 2.18
N LYS A 52 -2.87 -4.85 2.97
CA LYS A 52 -3.96 -5.84 3.06
C LYS A 52 -4.65 -6.05 1.71
N ASN A 53 -5.00 -4.98 0.99
CA ASN A 53 -5.58 -5.06 -0.35
C ASN A 53 -4.60 -5.66 -1.37
N ARG A 54 -3.34 -5.23 -1.36
CA ARG A 54 -2.26 -5.73 -2.24
C ARG A 54 -2.09 -7.24 -2.11
N ARG A 55 -2.05 -7.77 -0.89
CA ARG A 55 -1.95 -9.22 -0.61
C ARG A 55 -3.24 -9.97 -0.96
N ALA A 56 -4.40 -9.43 -0.61
CA ALA A 56 -5.70 -10.05 -0.90
C ALA A 56 -5.96 -10.20 -2.40
N LYS A 57 -5.73 -9.14 -3.19
CA LYS A 57 -5.92 -9.13 -4.65
C LYS A 57 -4.84 -9.92 -5.41
N TRP A 58 -3.67 -10.14 -4.80
CA TRP A 58 -2.64 -11.05 -5.31
C TRP A 58 -3.04 -12.52 -5.09
N ARG A 59 -3.46 -12.89 -3.87
CA ARG A 59 -3.77 -14.27 -3.47
C ARG A 59 -5.12 -14.78 -4.00
N LYS A 60 -6.12 -13.90 -4.08
CA LYS A 60 -7.50 -14.18 -4.50
C LYS A 60 -8.04 -13.12 -5.47
N ARG A 61 -9.17 -13.40 -6.12
CA ARG A 61 -9.95 -12.42 -6.91
C ARG A 61 -11.02 -11.74 -6.05
N GLU A 62 -11.44 -10.54 -6.45
CA GLU A 62 -12.37 -9.70 -5.68
C GLU A 62 -13.87 -10.01 -5.88
N GLU A 63 -14.21 -10.93 -6.79
CA GLU A 63 -15.56 -11.46 -6.95
C GLU A 63 -15.93 -12.41 -5.78
N PHE A 64 -17.16 -12.32 -5.26
CA PHE A 64 -17.65 -13.09 -4.11
C PHE A 64 -19.13 -13.50 -4.25
N ILE A 65 -19.58 -14.41 -3.38
CA ILE A 65 -20.97 -14.88 -3.26
C ILE A 65 -21.34 -15.07 -1.78
N VAL A 66 -22.63 -14.97 -1.45
CA VAL A 66 -23.16 -15.02 -0.06
C VAL A 66 -23.27 -16.45 0.52
N THR A 67 -23.13 -17.48 -0.31
CA THR A 67 -23.25 -18.90 0.08
C THR A 67 -21.97 -19.45 0.72
N ASP A 68 -22.12 -20.43 1.62
CA ASP A 68 -21.01 -21.14 2.30
C ASP A 68 -20.30 -22.18 1.41
N GLY A 1 -16.10 25.77 7.59
CA GLY A 1 -17.04 24.96 6.79
C GLY A 1 -16.36 23.73 6.20
N SER A 2 -17.09 22.63 6.05
CA SER A 2 -16.58 21.29 5.64
C SER A 2 -16.33 21.16 4.13
N GLN A 3 -15.61 22.12 3.53
CA GLN A 3 -15.24 22.15 2.12
C GLN A 3 -14.07 21.20 1.81
N ARG A 4 -14.16 20.47 0.67
CA ARG A 4 -13.29 19.34 0.25
C ARG A 4 -13.22 18.18 1.25
N ARG A 5 -12.50 17.11 0.88
CA ARG A 5 -12.24 15.91 1.72
C ARG A 5 -11.25 16.22 2.86
N GLN A 6 -11.31 15.44 3.93
CA GLN A 6 -10.52 15.64 5.15
C GLN A 6 -9.00 15.44 4.95
N ARG A 7 -8.60 14.59 4.00
CA ARG A 7 -7.22 14.43 3.50
C ARG A 7 -7.18 14.08 2.01
N THR A 8 -5.99 14.07 1.41
CA THR A 8 -5.77 13.68 0.00
C THR A 8 -5.95 12.17 -0.24
N HIS A 9 -6.41 11.81 -1.43
CA HIS A 9 -6.55 10.42 -1.90
C HIS A 9 -5.27 9.92 -2.59
N PHE A 10 -5.19 8.62 -2.90
CA PHE A 10 -4.05 8.05 -3.63
C PHE A 10 -3.85 8.69 -5.03
N THR A 11 -2.60 8.74 -5.47
CA THR A 11 -2.20 9.12 -6.84
C THR A 11 -1.11 8.18 -7.37
N SER A 12 -0.90 8.14 -8.69
CA SER A 12 0.04 7.21 -9.36
C SER A 12 1.47 7.26 -8.78
N GLN A 13 1.94 8.45 -8.39
CA GLN A 13 3.26 8.65 -7.78
C GLN A 13 3.39 7.98 -6.40
N GLN A 14 2.34 7.98 -5.59
CA GLN A 14 2.30 7.27 -4.30
C GLN A 14 2.15 5.77 -4.49
N LEU A 15 1.30 5.36 -5.43
CA LEU A 15 1.01 3.94 -5.71
C LEU A 15 2.23 3.22 -6.29
N GLN A 16 3.02 3.86 -7.16
CA GLN A 16 4.26 3.27 -7.70
C GLN A 16 5.38 3.21 -6.66
N GLU A 17 5.45 4.16 -5.72
CA GLU A 17 6.38 4.10 -4.59
C GLU A 17 6.01 3.00 -3.57
N LEU A 18 4.72 2.78 -3.31
CA LEU A 18 4.25 1.65 -2.49
C LEU A 18 4.46 0.29 -3.18
N GLU A 19 4.30 0.22 -4.51
CA GLU A 19 4.63 -0.99 -5.29
C GLU A 19 6.15 -1.26 -5.31
N ALA A 20 6.98 -0.23 -5.46
CA ALA A 20 8.44 -0.34 -5.33
C ALA A 20 8.86 -0.77 -3.91
N THR A 21 8.19 -0.25 -2.88
CA THR A 21 8.36 -0.65 -1.48
C THR A 21 8.04 -2.12 -1.28
N PHE A 22 6.88 -2.59 -1.77
CA PHE A 22 6.45 -3.99 -1.63
C PHE A 22 7.36 -4.98 -2.37
N GLN A 23 7.76 -4.70 -3.62
CA GLN A 23 8.63 -5.61 -4.38
C GLN A 23 10.08 -5.66 -3.84
N ARG A 24 10.52 -4.60 -3.12
CA ARG A 24 11.80 -4.56 -2.39
C ARG A 24 11.72 -5.31 -1.05
N ASN A 25 10.63 -5.13 -0.31
CA ASN A 25 10.35 -5.81 0.95
C ASN A 25 8.83 -6.07 1.11
N ARG A 26 8.42 -7.35 1.11
CA ARG A 26 7.01 -7.76 1.29
C ARG A 26 6.56 -7.84 2.74
N TYR A 27 7.47 -7.73 3.71
CA TYR A 27 7.17 -7.82 5.15
C TYR A 27 7.88 -6.72 5.98
N PRO A 28 7.61 -5.42 5.70
CA PRO A 28 8.09 -4.32 6.53
C PRO A 28 7.44 -4.32 7.92
N ASP A 29 8.17 -3.90 8.94
CA ASP A 29 7.63 -3.65 10.28
C ASP A 29 6.65 -2.46 10.28
N MET A 30 5.71 -2.39 11.23
CA MET A 30 4.74 -1.30 11.34
C MET A 30 5.39 0.09 11.50
N SER A 31 6.59 0.17 12.10
CA SER A 31 7.38 1.41 12.14
C SER A 31 7.96 1.79 10.78
N THR A 32 8.40 0.81 9.97
CA THR A 32 8.82 1.01 8.58
C THR A 32 7.65 1.44 7.70
N ARG A 33 6.47 0.82 7.87
CA ARG A 33 5.22 1.22 7.20
C ARG A 33 4.83 2.66 7.53
N GLU A 34 5.00 3.09 8.77
CA GLU A 34 4.76 4.47 9.21
C GLU A 34 5.77 5.46 8.60
N GLU A 35 7.07 5.12 8.54
CA GLU A 35 8.07 5.98 7.87
C GLU A 35 7.77 6.13 6.37
N ILE A 36 7.43 5.06 5.64
CA ILE A 36 7.09 5.18 4.21
C ILE A 36 5.73 5.87 4.00
N ALA A 37 4.81 5.82 4.98
CA ALA A 37 3.57 6.61 4.97
C ALA A 37 3.88 8.11 5.09
N VAL A 38 4.80 8.50 5.98
CA VAL A 38 5.31 9.88 6.10
C VAL A 38 5.98 10.33 4.79
N TRP A 39 6.82 9.49 4.19
CA TRP A 39 7.57 9.83 2.96
C TRP A 39 6.66 9.97 1.72
N THR A 40 5.56 9.21 1.65
CA THR A 40 4.50 9.32 0.61
C THR A 40 3.39 10.30 0.97
N ASN A 41 3.40 10.87 2.18
CA ASN A 41 2.36 11.70 2.79
C ASN A 41 0.97 11.01 2.94
N LEU A 42 0.94 9.68 3.05
CA LEU A 42 -0.24 8.90 3.43
C LEU A 42 -0.36 8.76 4.97
N THR A 43 -1.51 8.30 5.42
CA THR A 43 -1.78 7.90 6.81
C THR A 43 -1.37 6.44 7.00
N GLU A 44 -0.73 6.09 8.12
CA GLU A 44 -0.19 4.73 8.34
C GLU A 44 -1.26 3.63 8.38
N ALA A 45 -2.48 3.94 8.83
CA ALA A 45 -3.61 3.02 8.75
C ALA A 45 -4.10 2.80 7.32
N ARG A 46 -4.06 3.83 6.46
CA ARG A 46 -4.38 3.73 5.03
C ARG A 46 -3.31 2.94 4.27
N VAL A 47 -2.04 3.07 4.66
CA VAL A 47 -0.92 2.23 4.19
C VAL A 47 -1.10 0.77 4.63
N ARG A 48 -1.54 0.50 5.87
CA ARG A 48 -1.86 -0.87 6.34
C ARG A 48 -2.98 -1.50 5.50
N VAL A 49 -4.02 -0.74 5.15
CA VAL A 49 -5.10 -1.17 4.24
C VAL A 49 -4.58 -1.37 2.81
N TRP A 50 -3.64 -0.54 2.33
CA TRP A 50 -2.99 -0.73 1.03
C TRP A 50 -2.24 -2.06 0.97
N PHE A 51 -1.43 -2.39 1.99
CA PHE A 51 -0.73 -3.68 2.06
C PHE A 51 -1.70 -4.87 2.15
N LYS A 52 -2.80 -4.76 2.89
CA LYS A 52 -3.84 -5.80 2.96
C LYS A 52 -4.46 -6.09 1.58
N ASN A 53 -4.73 -5.05 0.79
CA ASN A 53 -5.21 -5.18 -0.60
C ASN A 53 -4.13 -5.74 -1.54
N ARG A 54 -2.88 -5.26 -1.43
CA ARG A 54 -1.74 -5.74 -2.22
C ARG A 54 -1.48 -7.23 -2.00
N ARG A 55 -1.55 -7.74 -0.77
CA ARG A 55 -1.40 -9.17 -0.45
C ARG A 55 -2.50 -10.02 -1.08
N ALA A 56 -3.75 -9.57 -1.03
CA ALA A 56 -4.90 -10.26 -1.65
C ALA A 56 -4.78 -10.34 -3.19
N LYS A 57 -4.21 -9.30 -3.82
CA LYS A 57 -3.92 -9.28 -5.27
C LYS A 57 -2.71 -10.14 -5.64
N TRP A 58 -1.61 -10.03 -4.88
CA TRP A 58 -0.35 -10.74 -5.11
C TRP A 58 -0.45 -12.26 -4.89
N ARG A 59 -1.13 -12.69 -3.83
CA ARG A 59 -1.37 -14.11 -3.49
C ARG A 59 -2.64 -14.69 -4.15
N LYS A 60 -3.41 -13.85 -4.87
CA LYS A 60 -4.73 -14.13 -5.49
C LYS A 60 -5.82 -14.59 -4.51
N ARG A 61 -7.08 -14.53 -4.95
CA ARG A 61 -8.23 -15.14 -4.22
C ARG A 61 -8.12 -16.66 -4.17
N GLU A 62 -7.65 -17.27 -5.25
CA GLU A 62 -7.26 -18.68 -5.36
C GLU A 62 -6.02 -18.81 -6.27
N GLU A 63 -5.05 -19.62 -5.87
CA GLU A 63 -3.78 -19.84 -6.59
C GLU A 63 -3.73 -21.22 -7.30
N PHE A 64 -3.18 -21.23 -8.51
CA PHE A 64 -3.00 -22.42 -9.36
C PHE A 64 -1.75 -22.36 -10.26
N ILE A 65 -0.79 -21.49 -9.92
CA ILE A 65 0.43 -21.17 -10.68
C ILE A 65 1.68 -21.15 -9.80
N VAL A 66 2.87 -21.24 -10.41
CA VAL A 66 4.19 -21.17 -9.76
C VAL A 66 5.12 -20.18 -10.49
N THR A 67 6.12 -19.66 -9.77
CA THR A 67 7.09 -18.67 -10.28
C THR A 67 8.03 -19.28 -11.34
N ASP A 68 8.30 -18.52 -12.41
CA ASP A 68 9.21 -18.84 -13.53
C ASP A 68 9.05 -20.26 -14.14
N GLY A 1 -14.83 15.97 8.06
CA GLY A 1 -15.36 16.15 6.69
C GLY A 1 -14.76 15.13 5.75
N SER A 2 -15.60 14.28 5.15
CA SER A 2 -15.20 13.12 4.33
C SER A 2 -15.84 13.08 2.93
N GLN A 3 -16.93 13.82 2.71
CA GLN A 3 -17.75 13.80 1.50
C GLN A 3 -17.08 14.48 0.30
N ARG A 4 -17.24 13.89 -0.90
CA ARG A 4 -16.73 14.36 -2.22
C ARG A 4 -15.25 14.78 -2.30
N ARG A 5 -14.39 14.25 -1.42
CA ARG A 5 -12.94 14.56 -1.32
C ARG A 5 -12.10 13.86 -2.40
N GLN A 6 -12.36 14.16 -3.67
CA GLN A 6 -11.62 13.61 -4.81
C GLN A 6 -10.11 13.97 -4.77
N ARG A 7 -9.75 15.11 -4.19
CA ARG A 7 -8.36 15.57 -3.98
C ARG A 7 -7.58 14.74 -2.93
N THR A 8 -8.28 14.03 -2.05
CA THR A 8 -7.70 13.16 -1.00
C THR A 8 -7.40 11.74 -1.52
N HIS A 9 -7.90 11.37 -2.71
CA HIS A 9 -7.61 10.08 -3.36
C HIS A 9 -6.12 9.90 -3.70
N PHE A 10 -5.67 8.65 -3.86
CA PHE A 10 -4.29 8.30 -4.18
C PHE A 10 -3.83 8.88 -5.53
N THR A 11 -2.53 9.21 -5.63
CA THR A 11 -1.86 9.56 -6.90
C THR A 11 -0.78 8.54 -7.27
N SER A 12 -0.40 8.50 -8.55
CA SER A 12 0.46 7.45 -9.13
C SER A 12 1.83 7.33 -8.44
N GLN A 13 2.43 8.45 -8.01
CA GLN A 13 3.72 8.45 -7.31
C GLN A 13 3.65 7.76 -5.93
N GLN A 14 2.52 7.91 -5.21
CA GLN A 14 2.29 7.20 -3.94
C GLN A 14 2.13 5.70 -4.17
N LEU A 15 1.32 5.33 -5.18
CA LEU A 15 1.08 3.94 -5.56
C LEU A 15 2.35 3.23 -6.07
N GLN A 16 3.21 3.95 -6.79
CA GLN A 16 4.51 3.43 -7.25
C GLN A 16 5.53 3.30 -6.11
N GLU A 17 5.57 4.21 -5.14
CA GLU A 17 6.41 4.06 -3.95
C GLU A 17 5.97 2.86 -3.10
N LEU A 18 4.66 2.59 -3.03
CA LEU A 18 4.09 1.44 -2.33
C LEU A 18 4.40 0.12 -3.05
N GLU A 19 4.25 0.08 -4.38
CA GLU A 19 4.59 -1.06 -5.22
C GLU A 19 6.11 -1.35 -5.24
N ALA A 20 6.96 -0.30 -5.17
CA ALA A 20 8.41 -0.42 -5.11
C ALA A 20 8.91 -0.91 -3.75
N THR A 21 8.40 -0.37 -2.63
CA THR A 21 8.83 -0.83 -1.29
C THR A 21 8.38 -2.27 -1.00
N PHE A 22 7.21 -2.68 -1.50
CA PHE A 22 6.71 -4.05 -1.37
C PHE A 22 7.63 -5.10 -2.03
N GLN A 23 8.28 -4.75 -3.15
CA GLN A 23 9.16 -5.66 -3.91
C GLN A 23 10.67 -5.52 -3.61
N ARG A 24 11.07 -4.59 -2.75
CA ARG A 24 12.49 -4.37 -2.35
C ARG A 24 12.74 -4.48 -0.84
N ASN A 25 11.71 -4.27 -0.01
CA ASN A 25 11.70 -4.53 1.43
C ASN A 25 10.48 -5.42 1.74
N ARG A 26 10.55 -6.68 1.31
CA ARG A 26 9.42 -7.64 1.29
C ARG A 26 8.67 -7.69 2.63
N TYR A 27 7.35 -7.52 2.57
CA TYR A 27 6.42 -7.56 3.71
C TYR A 27 6.90 -6.70 4.91
N PRO A 28 6.93 -5.36 4.77
CA PRO A 28 7.55 -4.44 5.72
C PRO A 28 6.93 -4.49 7.13
N ASP A 29 7.77 -4.22 8.14
CA ASP A 29 7.32 -4.00 9.53
C ASP A 29 6.53 -2.69 9.63
N MET A 30 5.61 -2.61 10.59
CA MET A 30 4.75 -1.44 10.83
C MET A 30 5.54 -0.13 11.06
N SER A 31 6.77 -0.22 11.58
CA SER A 31 7.70 0.92 11.71
C SER A 31 8.12 1.46 10.33
N THR A 32 8.44 0.56 9.40
CA THR A 32 8.79 0.88 8.01
C THR A 32 7.56 1.38 7.25
N ARG A 33 6.38 0.76 7.45
CA ARG A 33 5.11 1.23 6.88
C ARG A 33 4.79 2.68 7.30
N GLU A 34 5.06 3.05 8.55
CA GLU A 34 4.86 4.42 9.03
C GLU A 34 5.86 5.41 8.40
N GLU A 35 7.13 5.04 8.24
CA GLU A 35 8.11 5.89 7.55
C GLU A 35 7.75 6.10 6.07
N ILE A 36 7.36 5.05 5.32
CA ILE A 36 6.93 5.23 3.93
C ILE A 36 5.58 5.95 3.82
N ALA A 37 4.72 5.91 4.84
CA ALA A 37 3.51 6.72 4.92
C ALA A 37 3.86 8.22 5.05
N VAL A 38 4.83 8.58 5.91
CA VAL A 38 5.39 9.93 6.02
C VAL A 38 5.98 10.39 4.67
N TRP A 39 6.74 9.53 3.99
CA TRP A 39 7.41 9.86 2.72
C TRP A 39 6.43 10.02 1.55
N THR A 40 5.30 9.29 1.55
CA THR A 40 4.19 9.42 0.58
C THR A 40 3.12 10.44 1.01
N ASN A 41 3.25 11.05 2.19
CA ASN A 41 2.26 11.90 2.86
C ASN A 41 0.87 11.23 3.04
N LEU A 42 0.86 9.91 3.24
CA LEU A 42 -0.31 9.09 3.60
C LEU A 42 -0.40 8.89 5.13
N THR A 43 -1.54 8.37 5.58
CA THR A 43 -1.74 7.91 6.98
C THR A 43 -1.33 6.44 7.10
N GLU A 44 -0.68 6.05 8.21
CA GLU A 44 -0.16 4.67 8.38
C GLU A 44 -1.24 3.59 8.37
N ALA A 45 -2.48 3.92 8.79
CA ALA A 45 -3.62 3.01 8.72
C ALA A 45 -4.12 2.80 7.27
N ARG A 46 -4.12 3.87 6.46
CA ARG A 46 -4.44 3.82 5.01
C ARG A 46 -3.38 3.02 4.25
N VAL A 47 -2.12 3.14 4.64
CA VAL A 47 -1.01 2.31 4.14
C VAL A 47 -1.15 0.84 4.58
N ARG A 48 -1.54 0.56 5.82
CA ARG A 48 -1.83 -0.82 6.30
C ARG A 48 -2.97 -1.46 5.51
N VAL A 49 -4.03 -0.71 5.19
CA VAL A 49 -5.11 -1.15 4.30
C VAL A 49 -4.62 -1.39 2.86
N TRP A 50 -3.67 -0.60 2.35
CA TRP A 50 -3.04 -0.88 1.05
C TRP A 50 -2.26 -2.21 1.07
N PHE A 51 -1.46 -2.47 2.11
CA PHE A 51 -0.74 -3.76 2.25
C PHE A 51 -1.69 -4.96 2.44
N LYS A 52 -2.84 -4.77 3.11
CA LYS A 52 -3.91 -5.78 3.20
C LYS A 52 -4.51 -6.09 1.82
N ASN A 53 -4.76 -5.07 1.00
CA ASN A 53 -5.22 -5.22 -0.39
C ASN A 53 -4.14 -5.86 -1.29
N ARG A 54 -2.85 -5.54 -1.07
CA ARG A 54 -1.71 -6.16 -1.78
C ARG A 54 -1.59 -7.65 -1.45
N ARG A 55 -1.81 -8.07 -0.20
CA ARG A 55 -1.93 -9.50 0.19
C ARG A 55 -3.17 -10.19 -0.40
N ALA A 56 -4.30 -9.49 -0.51
CA ALA A 56 -5.49 -10.03 -1.19
C ALA A 56 -5.22 -10.25 -2.70
N LYS A 57 -4.66 -9.27 -3.40
CA LYS A 57 -4.28 -9.37 -4.83
C LYS A 57 -3.22 -10.44 -5.08
N TRP A 58 -2.26 -10.61 -4.16
CA TRP A 58 -1.24 -11.67 -4.22
C TRP A 58 -1.84 -13.08 -4.32
N ARG A 59 -2.97 -13.34 -3.63
CA ARG A 59 -3.68 -14.62 -3.66
C ARG A 59 -4.80 -14.71 -4.70
N LYS A 60 -5.53 -13.61 -4.96
CA LYS A 60 -6.76 -13.59 -5.77
C LYS A 60 -6.58 -13.12 -7.23
N ARG A 61 -5.51 -12.37 -7.53
CA ARG A 61 -5.22 -11.80 -8.86
C ARG A 61 -3.90 -12.30 -9.46
N GLU A 62 -2.90 -12.54 -8.62
CA GLU A 62 -1.59 -13.11 -8.99
C GLU A 62 -1.36 -14.52 -8.39
N GLU A 63 -0.19 -15.11 -8.62
CA GLU A 63 0.18 -16.45 -8.14
C GLU A 63 0.84 -16.43 -6.75
N PHE A 64 0.46 -17.37 -5.88
CA PHE A 64 0.82 -17.42 -4.45
C PHE A 64 1.54 -18.72 -4.00
N ILE A 65 1.89 -19.61 -4.94
CA ILE A 65 2.53 -20.90 -4.62
C ILE A 65 3.94 -20.73 -4.02
N VAL A 66 4.31 -21.63 -3.10
CA VAL A 66 5.61 -21.66 -2.40
C VAL A 66 6.02 -23.11 -2.08
N THR A 67 7.32 -23.36 -1.96
CA THR A 67 7.91 -24.69 -1.69
C THR A 67 7.47 -25.75 -2.71
N ASP A 68 7.62 -25.43 -4.00
CA ASP A 68 7.28 -26.26 -5.17
C ASP A 68 8.37 -26.24 -6.26
N GLY A 1 -2.44 26.47 8.18
CA GLY A 1 -1.76 27.72 7.76
C GLY A 1 -2.05 28.04 6.29
N SER A 2 -2.30 29.32 5.98
CA SER A 2 -2.77 29.81 4.67
C SER A 2 -1.66 29.91 3.59
N GLN A 3 -0.81 28.88 3.49
CA GLN A 3 0.33 28.79 2.56
C GLN A 3 0.37 27.46 1.77
N ARG A 4 -0.70 26.65 1.87
CA ARG A 4 -0.84 25.34 1.20
C ARG A 4 -2.20 25.20 0.48
N ARG A 5 -2.24 24.35 -0.56
CA ARG A 5 -3.45 24.03 -1.34
C ARG A 5 -4.27 22.89 -0.69
N GLN A 6 -5.54 22.78 -1.06
CA GLN A 6 -6.41 21.66 -0.67
C GLN A 6 -5.99 20.34 -1.36
N ARG A 7 -6.22 19.21 -0.69
CA ARG A 7 -5.88 17.86 -1.19
C ARG A 7 -6.92 17.33 -2.20
N THR A 8 -6.53 16.29 -2.95
CA THR A 8 -7.38 15.55 -3.91
C THR A 8 -7.10 14.04 -3.82
N HIS A 9 -7.55 13.24 -4.78
CA HIS A 9 -7.26 11.80 -4.88
C HIS A 9 -5.76 11.52 -5.07
N PHE A 10 -5.30 10.32 -4.70
CA PHE A 10 -3.89 9.94 -4.73
C PHE A 10 -3.33 9.88 -6.17
N THR A 11 -2.08 10.30 -6.33
CA THR A 11 -1.35 10.35 -7.62
C THR A 11 -0.41 9.16 -7.78
N SER A 12 -0.12 8.78 -9.03
CA SER A 12 0.71 7.62 -9.41
C SER A 12 2.04 7.54 -8.67
N GLN A 13 2.65 8.69 -8.35
CA GLN A 13 3.92 8.80 -7.62
C GLN A 13 3.85 8.20 -6.21
N GLN A 14 2.67 8.23 -5.57
CA GLN A 14 2.42 7.62 -4.26
C GLN A 14 2.20 6.09 -4.39
N LEU A 15 1.39 5.67 -5.37
CA LEU A 15 1.05 4.25 -5.56
C LEU A 15 2.23 3.42 -6.09
N GLN A 16 3.09 3.99 -6.95
CA GLN A 16 4.29 3.32 -7.46
C GLN A 16 5.37 3.17 -6.37
N GLU A 17 5.44 4.10 -5.42
CA GLU A 17 6.33 3.99 -4.25
C GLU A 17 5.87 2.89 -3.28
N LEU A 18 4.56 2.74 -3.06
CA LEU A 18 3.97 1.64 -2.30
C LEU A 18 4.26 0.27 -2.96
N GLU A 19 4.15 0.18 -4.28
CA GLU A 19 4.51 -1.03 -5.03
C GLU A 19 6.03 -1.31 -5.00
N ALA A 20 6.88 -0.29 -5.18
CA ALA A 20 8.33 -0.44 -5.14
C ALA A 20 8.82 -0.91 -3.76
N THR A 21 8.32 -0.32 -2.67
CA THR A 21 8.72 -0.72 -1.31
C THR A 21 8.17 -2.11 -0.94
N PHE A 22 7.01 -2.52 -1.47
CA PHE A 22 6.53 -3.90 -1.36
C PHE A 22 7.47 -4.89 -2.07
N GLN A 23 7.79 -4.65 -3.35
CA GLN A 23 8.63 -5.58 -4.13
C GLN A 23 10.09 -5.64 -3.61
N ARG A 24 10.58 -4.56 -2.96
CA ARG A 24 11.87 -4.54 -2.24
C ARG A 24 11.81 -5.27 -0.89
N ASN A 25 10.73 -5.14 -0.14
CA ASN A 25 10.54 -5.76 1.18
C ASN A 25 9.05 -6.11 1.44
N ARG A 26 8.64 -7.33 1.08
CA ARG A 26 7.28 -7.84 1.33
C ARG A 26 7.05 -8.10 2.82
N TYR A 27 5.78 -8.02 3.27
CA TYR A 27 5.39 -8.04 4.69
C TYR A 27 6.20 -7.02 5.54
N PRO A 28 6.14 -5.71 5.23
CA PRO A 28 6.87 -4.67 5.96
C PRO A 28 6.46 -4.57 7.43
N ASP A 29 7.41 -4.23 8.31
CA ASP A 29 7.16 -3.97 9.73
C ASP A 29 6.45 -2.63 9.96
N MET A 30 5.80 -2.45 11.11
CA MET A 30 4.98 -1.26 11.40
C MET A 30 5.80 0.04 11.41
N SER A 31 7.08 -0.02 11.78
CA SER A 31 8.03 1.09 11.65
C SER A 31 8.34 1.42 10.18
N THR A 32 8.53 0.42 9.32
CA THR A 32 8.69 0.58 7.87
C THR A 32 7.45 1.22 7.24
N ARG A 33 6.25 0.73 7.60
CA ARG A 33 4.96 1.29 7.14
C ARG A 33 4.81 2.77 7.54
N GLU A 34 5.18 3.11 8.78
CA GLU A 34 5.12 4.50 9.28
C GLU A 34 6.11 5.43 8.54
N GLU A 35 7.34 4.96 8.25
CA GLU A 35 8.31 5.73 7.47
C GLU A 35 7.82 5.96 6.02
N ILE A 36 7.34 4.93 5.32
CA ILE A 36 6.83 5.11 3.96
C ILE A 36 5.54 5.94 3.91
N ALA A 37 4.75 5.97 4.99
CA ALA A 37 3.57 6.82 5.11
C ALA A 37 3.94 8.31 5.13
N VAL A 38 4.97 8.73 5.87
CA VAL A 38 5.42 10.14 5.85
C VAL A 38 6.13 10.50 4.55
N TRP A 39 6.80 9.56 3.88
CA TRP A 39 7.45 9.78 2.57
C TRP A 39 6.45 9.90 1.41
N THR A 40 5.31 9.18 1.47
CA THR A 40 4.22 9.27 0.48
C THR A 40 3.10 10.24 0.88
N ASN A 41 3.19 10.86 2.06
CA ASN A 41 2.18 11.73 2.68
C ASN A 41 0.79 11.05 2.82
N LEU A 42 0.79 9.81 3.31
CA LEU A 42 -0.37 8.98 3.62
C LEU A 42 -0.58 8.81 5.15
N THR A 43 -1.73 8.26 5.53
CA THR A 43 -2.02 7.79 6.90
C THR A 43 -1.69 6.31 7.05
N GLU A 44 -1.08 5.92 8.17
CA GLU A 44 -0.60 4.56 8.42
C GLU A 44 -1.72 3.51 8.39
N ALA A 45 -2.96 3.89 8.74
CA ALA A 45 -4.13 3.02 8.68
C ALA A 45 -4.50 2.62 7.23
N ARG A 46 -4.41 3.56 6.28
CA ARG A 46 -4.63 3.29 4.85
C ARG A 46 -3.46 2.51 4.24
N VAL A 47 -2.23 2.78 4.68
CA VAL A 47 -1.03 2.00 4.33
C VAL A 47 -1.15 0.54 4.77
N ARG A 48 -1.63 0.28 5.99
CA ARG A 48 -1.89 -1.07 6.52
C ARG A 48 -2.90 -1.83 5.66
N VAL A 49 -4.00 -1.17 5.28
CA VAL A 49 -5.00 -1.73 4.33
C VAL A 49 -4.38 -1.96 2.94
N TRP A 50 -3.55 -1.05 2.44
CA TRP A 50 -2.91 -1.19 1.12
C TRP A 50 -1.99 -2.42 1.05
N PHE A 51 -1.11 -2.63 2.05
CA PHE A 51 -0.25 -3.82 2.07
C PHE A 51 -1.03 -5.11 2.33
N LYS A 52 -2.15 -5.09 3.07
CA LYS A 52 -3.07 -6.24 3.19
C LYS A 52 -3.71 -6.58 1.84
N ASN A 53 -4.18 -5.57 1.11
CA ASN A 53 -4.75 -5.71 -0.23
C ASN A 53 -3.71 -6.22 -1.25
N ARG A 54 -2.47 -5.68 -1.22
CA ARG A 54 -1.37 -6.14 -2.08
C ARG A 54 -1.04 -7.61 -1.82
N ARG A 55 -0.91 -8.02 -0.56
CA ARG A 55 -0.67 -9.43 -0.18
C ARG A 55 -1.81 -10.35 -0.62
N ALA A 56 -3.06 -9.92 -0.51
CA ALA A 56 -4.23 -10.68 -0.97
C ALA A 56 -4.23 -10.91 -2.50
N LYS A 57 -3.75 -9.96 -3.30
CA LYS A 57 -3.59 -10.10 -4.76
C LYS A 57 -2.33 -10.89 -5.15
N TRP A 58 -1.20 -10.65 -4.47
CA TRP A 58 0.08 -11.31 -4.74
C TRP A 58 0.05 -12.81 -4.38
N ARG A 59 -0.52 -13.14 -3.21
CA ARG A 59 -0.59 -14.51 -2.66
C ARG A 59 -1.89 -15.25 -2.99
N LYS A 60 -2.67 -14.74 -3.96
CA LYS A 60 -3.88 -15.33 -4.56
C LYS A 60 -3.66 -16.76 -5.13
N ARG A 61 -2.40 -17.13 -5.39
CA ARG A 61 -1.93 -18.48 -5.72
C ARG A 61 -2.20 -19.55 -4.64
N GLU A 62 -2.50 -19.16 -3.40
CA GLU A 62 -2.81 -20.02 -2.25
C GLU A 62 -1.77 -21.13 -1.98
N GLU A 63 -0.62 -20.73 -1.42
CA GLU A 63 0.42 -21.65 -0.95
C GLU A 63 -0.07 -22.60 0.15
N PHE A 64 0.30 -23.88 0.09
CA PHE A 64 -0.07 -24.90 1.07
C PHE A 64 0.89 -25.00 2.27
N ILE A 65 2.08 -24.39 2.18
CA ILE A 65 3.15 -24.50 3.18
C ILE A 65 3.02 -23.52 4.38
N VAL A 66 2.05 -22.59 4.32
CA VAL A 66 1.85 -21.53 5.33
C VAL A 66 0.73 -21.84 6.35
N THR A 67 0.15 -23.03 6.31
CA THR A 67 -0.94 -23.48 7.21
C THR A 67 -0.46 -23.76 8.65
N ASP A 68 -1.37 -23.66 9.61
CA ASP A 68 -1.15 -23.94 11.04
C ASP A 68 -1.17 -25.44 11.40
N GLY A 1 2.60 28.28 -0.86
CA GLY A 1 1.99 27.26 0.03
C GLY A 1 1.18 26.23 -0.74
N SER A 2 0.74 25.17 -0.07
CA SER A 2 -0.05 24.06 -0.63
C SER A 2 -1.04 23.48 0.40
N GLN A 3 -2.05 22.75 -0.09
CA GLN A 3 -3.10 22.11 0.74
C GLN A 3 -2.68 20.71 1.20
N ARG A 4 -3.18 20.29 2.37
CA ARG A 4 -2.85 19.00 3.03
C ARG A 4 -3.78 17.82 2.67
N ARG A 5 -4.65 18.00 1.68
CA ARG A 5 -5.73 17.07 1.28
C ARG A 5 -5.72 16.77 -0.22
N GLN A 6 -6.07 15.54 -0.60
CA GLN A 6 -6.31 15.08 -1.98
C GLN A 6 -7.80 14.80 -2.22
N ARG A 7 -8.22 14.79 -3.50
CA ARG A 7 -9.60 14.41 -3.91
C ARG A 7 -9.86 12.89 -3.89
N THR A 8 -8.84 12.09 -3.56
CA THR A 8 -8.81 10.62 -3.52
C THR A 8 -8.06 10.10 -2.29
N HIS A 9 -8.18 8.79 -2.02
CA HIS A 9 -7.41 8.09 -0.98
C HIS A 9 -5.93 7.90 -1.33
N PHE A 10 -5.61 7.70 -2.61
CA PHE A 10 -4.25 7.61 -3.16
C PHE A 10 -4.17 8.25 -4.56
N THR A 11 -2.96 8.62 -5.01
CA THR A 11 -2.66 9.02 -6.40
C THR A 11 -1.56 8.13 -7.01
N SER A 12 -1.43 8.13 -8.34
CA SER A 12 -0.58 7.19 -9.09
C SER A 12 0.90 7.19 -8.66
N GLN A 13 1.45 8.35 -8.27
CA GLN A 13 2.83 8.46 -7.77
C GLN A 13 3.01 7.78 -6.40
N GLN A 14 2.00 7.88 -5.52
CA GLN A 14 2.00 7.20 -4.21
C GLN A 14 1.85 5.69 -4.37
N LEU A 15 0.97 5.25 -5.29
CA LEU A 15 0.75 3.84 -5.62
C LEU A 15 2.00 3.20 -6.25
N GLN A 16 2.71 3.93 -7.11
CA GLN A 16 3.97 3.50 -7.73
C GLN A 16 5.12 3.42 -6.70
N GLU A 17 5.21 4.37 -5.77
CA GLU A 17 6.22 4.33 -4.69
C GLU A 17 5.90 3.23 -3.66
N LEU A 18 4.62 2.93 -3.40
CA LEU A 18 4.21 1.77 -2.60
C LEU A 18 4.47 0.43 -3.30
N GLU A 19 4.30 0.34 -4.62
CA GLU A 19 4.71 -0.83 -5.41
C GLU A 19 6.24 -1.04 -5.37
N ALA A 20 7.03 0.03 -5.48
CA ALA A 20 8.48 -0.04 -5.27
C ALA A 20 8.81 -0.47 -3.82
N THR A 21 8.09 0.04 -2.82
CA THR A 21 8.25 -0.32 -1.40
C THR A 21 7.89 -1.79 -1.12
N PHE A 22 6.88 -2.33 -1.78
CA PHE A 22 6.53 -3.76 -1.74
C PHE A 22 7.66 -4.63 -2.33
N GLN A 23 8.31 -4.17 -3.41
CA GLN A 23 9.48 -4.85 -3.98
C GLN A 23 10.76 -4.69 -3.12
N ARG A 24 10.87 -3.62 -2.31
CA ARG A 24 11.94 -3.48 -1.28
C ARG A 24 11.70 -4.45 -0.11
N ASN A 25 10.47 -4.54 0.39
CA ASN A 25 10.04 -5.47 1.45
C ASN A 25 8.52 -5.76 1.35
N ARG A 26 8.14 -7.06 1.24
CA ARG A 26 6.73 -7.50 1.21
C ARG A 26 6.08 -7.65 2.59
N TYR A 27 6.87 -7.66 3.66
CA TYR A 27 6.44 -7.87 5.04
C TYR A 27 7.07 -6.86 6.04
N PRO A 28 6.92 -5.53 5.84
CA PRO A 28 7.41 -4.52 6.77
C PRO A 28 6.63 -4.52 8.09
N ASP A 29 7.28 -4.15 9.20
CA ASP A 29 6.64 -3.90 10.49
C ASP A 29 5.93 -2.54 10.53
N MET A 30 5.10 -2.30 11.56
CA MET A 30 4.25 -1.11 11.64
C MET A 30 5.03 0.21 11.75
N SER A 31 6.24 0.22 12.32
CA SER A 31 7.10 1.41 12.34
C SER A 31 7.77 1.68 10.98
N THR A 32 8.14 0.63 10.23
CA THR A 32 8.59 0.75 8.83
C THR A 32 7.45 1.26 7.94
N ARG A 33 6.23 0.75 8.12
CA ARG A 33 5.03 1.22 7.40
C ARG A 33 4.73 2.70 7.70
N GLU A 34 4.91 3.15 8.94
CA GLU A 34 4.72 4.56 9.31
C GLU A 34 5.81 5.49 8.73
N GLU A 35 7.07 5.05 8.66
CA GLU A 35 8.13 5.81 7.99
C GLU A 35 7.87 5.96 6.48
N ILE A 36 7.54 4.87 5.78
CA ILE A 36 7.21 4.97 4.34
C ILE A 36 5.89 5.71 4.09
N ALA A 37 4.97 5.77 5.06
CA ALA A 37 3.76 6.59 5.00
C ALA A 37 4.08 8.09 4.95
N VAL A 38 4.94 8.60 5.84
CA VAL A 38 5.34 10.03 5.79
C VAL A 38 6.20 10.36 4.58
N TRP A 39 6.97 9.41 4.04
CA TRP A 39 7.75 9.58 2.79
C TRP A 39 6.86 9.60 1.53
N THR A 40 5.70 8.92 1.55
CA THR A 40 4.67 8.95 0.49
C THR A 40 3.55 9.97 0.74
N ASN A 41 3.59 10.69 1.85
CA ASN A 41 2.55 11.61 2.34
C ASN A 41 1.15 10.94 2.45
N LEU A 42 1.12 9.80 3.15
CA LEU A 42 -0.06 9.02 3.52
C LEU A 42 -0.11 8.80 5.04
N THR A 43 -1.22 8.22 5.53
CA THR A 43 -1.32 7.73 6.92
C THR A 43 -0.84 6.28 7.00
N GLU A 44 -0.37 5.85 8.17
CA GLU A 44 -0.03 4.44 8.39
C GLU A 44 -1.24 3.50 8.27
N ALA A 45 -2.46 4.01 8.45
CA ALA A 45 -3.70 3.27 8.23
C ALA A 45 -3.99 3.03 6.74
N ARG A 46 -3.84 4.06 5.89
CA ARG A 46 -3.94 3.91 4.41
C ARG A 46 -2.88 2.97 3.88
N VAL A 47 -1.66 3.04 4.39
CA VAL A 47 -0.57 2.11 4.05
C VAL A 47 -0.90 0.67 4.47
N ARG A 48 -1.44 0.46 5.68
CA ARG A 48 -1.84 -0.89 6.13
C ARG A 48 -2.96 -1.48 5.27
N VAL A 49 -3.95 -0.67 4.89
CA VAL A 49 -5.02 -1.06 3.96
C VAL A 49 -4.45 -1.38 2.57
N TRP A 50 -3.49 -0.59 2.07
CA TRP A 50 -2.83 -0.86 0.80
C TRP A 50 -2.04 -2.16 0.81
N PHE A 51 -1.24 -2.42 1.85
CA PHE A 51 -0.49 -3.69 2.00
C PHE A 51 -1.42 -4.90 2.13
N LYS A 52 -2.54 -4.78 2.86
CA LYS A 52 -3.57 -5.84 2.97
C LYS A 52 -4.19 -6.17 1.60
N ASN A 53 -4.50 -5.15 0.79
CA ASN A 53 -4.98 -5.33 -0.57
C ASN A 53 -3.90 -5.92 -1.50
N ARG A 54 -2.67 -5.41 -1.44
CA ARG A 54 -1.53 -5.89 -2.26
C ARG A 54 -1.21 -7.36 -2.00
N ARG A 55 -1.25 -7.79 -0.73
CA ARG A 55 -1.09 -9.20 -0.33
C ARG A 55 -2.17 -10.08 -0.97
N ALA A 56 -3.44 -9.69 -0.93
CA ALA A 56 -4.53 -10.46 -1.57
C ALA A 56 -4.50 -10.42 -3.10
N LYS A 57 -4.05 -9.31 -3.72
CA LYS A 57 -3.87 -9.19 -5.18
C LYS A 57 -2.76 -10.09 -5.72
N TRP A 58 -1.81 -10.51 -4.88
CA TRP A 58 -0.83 -11.56 -5.19
C TRP A 58 -1.34 -12.95 -4.78
N ARG A 59 -1.77 -13.11 -3.52
CA ARG A 59 -2.34 -14.34 -2.93
C ARG A 59 -3.84 -14.47 -3.21
N LYS A 60 -4.21 -14.42 -4.48
CA LYS A 60 -5.59 -14.45 -5.02
C LYS A 60 -6.36 -15.72 -4.59
N ARG A 61 -7.70 -15.63 -4.64
CA ARG A 61 -8.61 -16.78 -4.51
C ARG A 61 -8.45 -17.74 -5.70
N GLU A 62 -8.68 -19.03 -5.45
CA GLU A 62 -8.54 -20.13 -6.44
C GLU A 62 -7.13 -20.25 -7.07
N GLU A 63 -6.09 -19.82 -6.35
CA GLU A 63 -4.68 -19.98 -6.75
C GLU A 63 -4.27 -21.47 -6.80
N PHE A 64 -3.55 -21.88 -7.85
CA PHE A 64 -3.13 -23.27 -8.08
C PHE A 64 -1.82 -23.63 -7.36
N ILE A 65 -1.55 -24.94 -7.22
CA ILE A 65 -0.32 -25.50 -6.65
C ILE A 65 0.32 -26.45 -7.67
N VAL A 66 1.64 -26.37 -7.84
CA VAL A 66 2.40 -27.04 -8.92
C VAL A 66 2.88 -28.47 -8.58
N THR A 67 2.51 -28.99 -7.41
CA THR A 67 2.91 -30.31 -6.89
C THR A 67 1.82 -30.95 -6.02
N ASP A 68 1.89 -32.27 -5.81
CA ASP A 68 0.94 -33.10 -5.03
C ASP A 68 1.64 -34.23 -4.25
N GLY A 1 -10.43 14.56 17.75
CA GLY A 1 -9.78 15.87 17.49
C GLY A 1 -10.15 16.42 16.12
N SER A 2 -10.10 17.75 15.97
CA SER A 2 -10.53 18.53 14.79
C SER A 2 -12.03 18.44 14.45
N GLN A 3 -12.52 19.45 13.71
CA GLN A 3 -13.86 19.50 13.13
C GLN A 3 -13.92 18.92 11.70
N ARG A 4 -12.76 18.62 11.08
CA ARG A 4 -12.64 18.04 9.73
C ARG A 4 -13.17 16.61 9.66
N ARG A 5 -13.66 16.20 8.48
CA ARG A 5 -14.18 14.85 8.17
C ARG A 5 -13.72 14.31 6.81
N GLN A 6 -12.85 15.05 6.12
CA GLN A 6 -12.27 14.72 4.81
C GLN A 6 -11.34 13.50 4.88
N ARG A 7 -11.18 12.79 3.76
CA ARG A 7 -10.44 11.51 3.66
C ARG A 7 -9.28 11.57 2.66
N THR A 8 -8.17 10.94 3.00
CA THR A 8 -6.97 10.79 2.15
C THR A 8 -7.17 9.69 1.10
N HIS A 9 -6.60 9.85 -0.10
CA HIS A 9 -6.56 8.85 -1.17
C HIS A 9 -5.22 8.87 -1.92
N PHE A 10 -4.83 7.74 -2.50
CA PHE A 10 -3.53 7.55 -3.16
C PHE A 10 -3.48 8.16 -4.56
N THR A 11 -2.40 8.88 -4.88
CA THR A 11 -2.08 9.32 -6.26
C THR A 11 -1.41 8.20 -7.06
N SER A 12 -1.32 8.33 -8.38
CA SER A 12 -0.56 7.41 -9.24
C SER A 12 0.93 7.31 -8.85
N GLN A 13 1.52 8.42 -8.40
CA GLN A 13 2.90 8.46 -7.90
C GLN A 13 3.04 7.76 -6.55
N GLN A 14 2.10 7.95 -5.63
CA GLN A 14 2.08 7.24 -4.33
C GLN A 14 1.88 5.73 -4.49
N LEU A 15 1.02 5.30 -5.44
CA LEU A 15 0.83 3.89 -5.79
C LEU A 15 2.10 3.28 -6.42
N GLN A 16 2.81 4.02 -7.28
CA GLN A 16 4.09 3.59 -7.86
C GLN A 16 5.19 3.45 -6.79
N GLU A 17 5.27 4.39 -5.84
CA GLU A 17 6.19 4.30 -4.70
C GLU A 17 5.86 3.13 -3.76
N LEU A 18 4.56 2.87 -3.49
CA LEU A 18 4.13 1.72 -2.70
C LEU A 18 4.39 0.38 -3.41
N GLU A 19 4.23 0.30 -4.73
CA GLU A 19 4.62 -0.89 -5.51
C GLU A 19 6.13 -1.13 -5.49
N ALA A 20 6.97 -0.09 -5.57
CA ALA A 20 8.42 -0.21 -5.38
C ALA A 20 8.78 -0.64 -3.94
N THR A 21 8.08 -0.08 -2.95
CA THR A 21 8.23 -0.43 -1.53
C THR A 21 7.88 -1.91 -1.27
N PHE A 22 6.79 -2.41 -1.87
CA PHE A 22 6.40 -3.82 -1.80
C PHE A 22 7.44 -4.75 -2.46
N GLN A 23 7.97 -4.37 -3.62
CA GLN A 23 8.99 -5.16 -4.33
C GLN A 23 10.31 -5.26 -3.54
N ARG A 24 10.64 -4.24 -2.71
CA ARG A 24 11.79 -4.26 -1.78
C ARG A 24 11.51 -5.02 -0.48
N ASN A 25 10.30 -4.89 0.09
CA ASN A 25 9.86 -5.61 1.30
C ASN A 25 8.35 -5.94 1.24
N ARG A 26 8.02 -7.24 1.27
CA ARG A 26 6.65 -7.78 1.17
C ARG A 26 5.97 -8.00 2.53
N TYR A 27 6.69 -7.76 3.63
CA TYR A 27 6.26 -7.99 5.01
C TYR A 27 6.77 -6.92 6.01
N PRO A 28 6.70 -5.60 5.71
CA PRO A 28 7.17 -4.55 6.61
C PRO A 28 6.37 -4.50 7.93
N ASP A 29 7.05 -4.16 9.04
CA ASP A 29 6.42 -3.91 10.33
C ASP A 29 5.75 -2.52 10.38
N MET A 30 4.86 -2.28 11.34
CA MET A 30 4.00 -1.09 11.40
C MET A 30 4.80 0.22 11.54
N SER A 31 5.96 0.20 12.19
CA SER A 31 6.90 1.33 12.25
C SER A 31 7.53 1.63 10.88
N THR A 32 7.85 0.60 10.10
CA THR A 32 8.35 0.75 8.72
C THR A 32 7.25 1.28 7.79
N ARG A 33 6.02 0.75 7.92
CA ARG A 33 4.84 1.26 7.18
C ARG A 33 4.55 2.73 7.51
N GLU A 34 4.71 3.14 8.76
CA GLU A 34 4.54 4.53 9.18
C GLU A 34 5.65 5.46 8.63
N GLU A 35 6.92 5.03 8.63
CA GLU A 35 8.00 5.82 8.02
C GLU A 35 7.79 5.99 6.50
N ILE A 36 7.44 4.94 5.77
CA ILE A 36 7.16 5.08 4.33
C ILE A 36 5.86 5.87 4.05
N ALA A 37 4.89 5.88 4.98
CA ALA A 37 3.71 6.74 4.91
C ALA A 37 4.10 8.22 5.06
N VAL A 38 4.98 8.57 6.01
CA VAL A 38 5.57 9.92 6.15
C VAL A 38 6.32 10.33 4.88
N TRP A 39 7.13 9.42 4.30
CA TRP A 39 7.94 9.71 3.10
C TRP A 39 7.11 9.87 1.82
N THR A 40 5.97 9.17 1.71
CA THR A 40 5.01 9.29 0.59
C THR A 40 3.87 10.30 0.84
N ASN A 41 3.82 10.91 2.03
CA ASN A 41 2.76 11.78 2.53
C ASN A 41 1.36 11.12 2.52
N LEU A 42 1.26 10.00 3.24
CA LEU A 42 0.05 9.20 3.49
C LEU A 42 -0.17 8.99 5.00
N THR A 43 -1.34 8.44 5.34
CA THR A 43 -1.65 7.96 6.71
C THR A 43 -1.30 6.47 6.84
N GLU A 44 -0.67 6.09 7.94
CA GLU A 44 -0.16 4.72 8.17
C GLU A 44 -1.26 3.64 8.20
N ALA A 45 -2.49 3.98 8.61
CA ALA A 45 -3.62 3.05 8.60
C ALA A 45 -4.08 2.69 7.16
N ARG A 46 -4.06 3.67 6.24
CA ARG A 46 -4.35 3.41 4.81
C ARG A 46 -3.23 2.61 4.14
N VAL A 47 -1.98 2.87 4.50
CA VAL A 47 -0.82 2.07 4.08
C VAL A 47 -0.92 0.63 4.62
N ARG A 48 -1.35 0.42 5.86
CA ARG A 48 -1.57 -0.91 6.45
C ARG A 48 -2.61 -1.71 5.68
N VAL A 49 -3.74 -1.08 5.33
CA VAL A 49 -4.79 -1.68 4.48
C VAL A 49 -4.30 -1.93 3.05
N TRP A 50 -3.48 -1.03 2.49
CA TRP A 50 -2.87 -1.23 1.17
C TRP A 50 -1.95 -2.44 1.15
N PHE A 51 -1.06 -2.60 2.14
CA PHE A 51 -0.19 -3.76 2.27
C PHE A 51 -0.97 -5.06 2.51
N LYS A 52 -2.06 -5.02 3.30
CA LYS A 52 -2.96 -6.18 3.48
C LYS A 52 -3.58 -6.63 2.15
N ASN A 53 -4.01 -5.69 1.31
CA ASN A 53 -4.54 -5.97 -0.03
C ASN A 53 -3.45 -6.48 -0.99
N ARG A 54 -2.26 -5.88 -1.00
CA ARG A 54 -1.15 -6.30 -1.87
C ARG A 54 -0.63 -7.69 -1.51
N ARG A 55 -0.52 -8.00 -0.20
CA ARG A 55 -0.17 -9.35 0.30
C ARG A 55 -1.24 -10.39 -0.04
N ALA A 56 -2.53 -10.05 0.05
CA ALA A 56 -3.61 -10.96 -0.36
C ALA A 56 -3.55 -11.29 -1.87
N LYS A 57 -3.35 -10.28 -2.73
CA LYS A 57 -3.20 -10.47 -4.18
C LYS A 57 -1.93 -11.24 -4.56
N TRP A 58 -0.83 -11.01 -3.86
CA TRP A 58 0.43 -11.78 -3.98
C TRP A 58 0.25 -13.25 -3.56
N ARG A 59 -0.41 -13.50 -2.42
CA ARG A 59 -0.66 -14.84 -1.86
C ARG A 59 -1.66 -15.66 -2.70
N LYS A 60 -2.62 -14.99 -3.37
CA LYS A 60 -3.57 -15.62 -4.31
C LYS A 60 -2.87 -16.30 -5.49
N ARG A 61 -1.75 -15.72 -5.97
CA ARG A 61 -0.78 -16.22 -6.98
C ARG A 61 -1.30 -16.51 -8.40
N GLU A 62 -2.55 -16.91 -8.56
CA GLU A 62 -3.24 -17.26 -9.83
C GLU A 62 -2.60 -18.42 -10.63
N GLU A 63 -1.64 -19.15 -10.03
CA GLU A 63 -1.03 -20.39 -10.55
C GLU A 63 -0.50 -20.30 -12.01
N PHE A 64 0.06 -19.15 -12.39
CA PHE A 64 0.66 -18.93 -13.72
C PHE A 64 1.87 -19.85 -13.97
N ILE A 65 1.93 -20.40 -15.19
CA ILE A 65 3.05 -21.22 -15.71
C ILE A 65 3.35 -20.86 -17.18
N VAL A 66 4.59 -21.11 -17.62
CA VAL A 66 5.06 -20.89 -19.00
C VAL A 66 6.09 -21.96 -19.41
N THR A 67 6.09 -22.36 -20.68
CA THR A 67 6.94 -23.42 -21.24
C THR A 67 7.51 -23.04 -22.62
N ASP A 68 8.65 -23.64 -23.00
CA ASP A 68 9.34 -23.46 -24.29
C ASP A 68 9.95 -24.77 -24.83
N GLY A 1 -3.87 18.89 18.27
CA GLY A 1 -5.28 18.89 17.84
C GLY A 1 -5.61 17.67 16.99
N SER A 2 -6.63 17.79 16.12
CA SER A 2 -7.05 16.74 15.17
C SER A 2 -6.15 16.67 13.92
N GLN A 3 -6.32 15.61 13.11
CA GLN A 3 -5.59 15.43 11.85
C GLN A 3 -5.95 16.49 10.79
N ARG A 4 -7.17 17.04 10.84
CA ARG A 4 -7.67 18.17 10.02
C ARG A 4 -7.48 17.97 8.50
N ARG A 5 -7.90 16.81 7.99
CA ARG A 5 -7.90 16.44 6.55
C ARG A 5 -9.26 15.93 6.09
N GLN A 6 -9.62 16.27 4.85
CA GLN A 6 -10.75 15.71 4.10
C GLN A 6 -10.35 14.40 3.39
N ARG A 7 -11.31 13.64 2.83
CA ARG A 7 -11.00 12.44 2.01
C ARG A 7 -10.27 12.83 0.73
N THR A 8 -9.19 12.11 0.41
CA THR A 8 -8.36 12.30 -0.79
C THR A 8 -8.23 10.99 -1.57
N HIS A 9 -8.10 11.07 -2.90
CA HIS A 9 -7.77 9.91 -3.74
C HIS A 9 -6.25 9.70 -3.84
N PHE A 10 -5.82 8.46 -4.10
CA PHE A 10 -4.41 8.14 -4.32
C PHE A 10 -3.89 8.75 -5.63
N THR A 11 -2.59 9.07 -5.68
CA THR A 11 -1.88 9.48 -6.91
C THR A 11 -0.73 8.52 -7.26
N SER A 12 -0.36 8.47 -8.54
CA SER A 12 0.58 7.48 -9.10
C SER A 12 1.96 7.49 -8.42
N GLN A 13 2.42 8.64 -7.91
CA GLN A 13 3.69 8.74 -7.17
C GLN A 13 3.66 7.99 -5.84
N GLN A 14 2.51 7.98 -5.14
CA GLN A 14 2.31 7.23 -3.90
C GLN A 14 2.24 5.72 -4.19
N LEU A 15 1.44 5.36 -5.20
CA LEU A 15 1.21 3.97 -5.61
C LEU A 15 2.49 3.30 -6.15
N GLN A 16 3.31 4.03 -6.90
CA GLN A 16 4.60 3.55 -7.41
C GLN A 16 5.61 3.31 -6.28
N GLU A 17 5.66 4.18 -5.27
CA GLU A 17 6.57 4.00 -4.12
C GLU A 17 6.09 2.87 -3.19
N LEU A 18 4.78 2.65 -3.05
CA LEU A 18 4.22 1.50 -2.34
C LEU A 18 4.45 0.17 -3.10
N GLU A 19 4.34 0.18 -4.43
CA GLU A 19 4.68 -0.97 -5.28
C GLU A 19 6.19 -1.28 -5.25
N ALA A 20 7.05 -0.26 -5.20
CA ALA A 20 8.48 -0.43 -4.96
C ALA A 20 8.75 -0.95 -3.54
N THR A 21 8.03 -0.47 -2.53
CA THR A 21 8.13 -0.95 -1.13
C THR A 21 7.75 -2.42 -1.02
N PHE A 22 6.67 -2.87 -1.68
CA PHE A 22 6.29 -4.28 -1.73
C PHE A 22 7.34 -5.15 -2.42
N GLN A 23 7.99 -4.65 -3.48
CA GLN A 23 9.10 -5.36 -4.15
C GLN A 23 10.39 -5.41 -3.30
N ARG A 24 10.68 -4.34 -2.53
CA ARG A 24 11.81 -4.29 -1.57
C ARG A 24 11.59 -5.27 -0.40
N ASN A 25 10.37 -5.32 0.15
CA ASN A 25 9.93 -6.31 1.14
C ASN A 25 8.39 -6.45 1.14
N ARG A 26 7.88 -7.69 0.96
CA ARG A 26 6.42 -7.97 0.90
C ARG A 26 5.73 -7.92 2.27
N TYR A 27 6.51 -7.93 3.35
CA TYR A 27 6.07 -7.95 4.75
C TYR A 27 6.75 -6.82 5.57
N PRO A 28 6.49 -5.53 5.25
CA PRO A 28 7.05 -4.39 5.98
C PRO A 28 6.57 -4.36 7.44
N ASP A 29 7.43 -3.92 8.36
CA ASP A 29 7.10 -3.79 9.78
C ASP A 29 6.33 -2.48 10.06
N MET A 30 5.71 -2.30 11.24
CA MET A 30 4.86 -1.12 11.49
C MET A 30 5.64 0.21 11.45
N SER A 31 6.92 0.20 11.81
CA SER A 31 7.85 1.31 11.66
C SER A 31 8.19 1.59 10.19
N THR A 32 8.43 0.53 9.39
CA THR A 32 8.64 0.62 7.94
C THR A 32 7.43 1.26 7.25
N ARG A 33 6.21 0.80 7.59
CA ARG A 33 4.95 1.33 7.05
C ARG A 33 4.72 2.79 7.43
N GLU A 34 5.06 3.19 8.65
CA GLU A 34 4.95 4.59 9.09
C GLU A 34 5.99 5.51 8.42
N GLU A 35 7.22 5.05 8.19
CA GLU A 35 8.22 5.84 7.45
C GLU A 35 7.81 6.04 5.99
N ILE A 36 7.38 4.99 5.28
CA ILE A 36 6.92 5.14 3.89
C ILE A 36 5.60 5.93 3.82
N ALA A 37 4.78 5.94 4.88
CA ALA A 37 3.57 6.75 4.96
C ALA A 37 3.90 8.25 4.98
N VAL A 38 4.85 8.72 5.80
CA VAL A 38 5.27 10.14 5.79
C VAL A 38 5.99 10.54 4.50
N TRP A 39 6.71 9.61 3.84
CA TRP A 39 7.35 9.84 2.54
C TRP A 39 6.34 9.94 1.38
N THR A 40 5.19 9.29 1.49
CA THR A 40 4.05 9.37 0.54
C THR A 40 2.94 10.35 0.98
N ASN A 41 3.10 11.00 2.13
CA ASN A 41 2.11 11.86 2.80
C ASN A 41 0.76 11.17 3.13
N LEU A 42 0.77 9.85 3.27
CA LEU A 42 -0.35 9.01 3.71
C LEU A 42 -0.32 8.79 5.25
N THR A 43 -1.32 8.10 5.79
CA THR A 43 -1.34 7.61 7.18
C THR A 43 -0.90 6.15 7.24
N GLU A 44 -0.32 5.71 8.37
CA GLU A 44 0.11 4.31 8.54
C GLU A 44 -1.05 3.31 8.51
N ALA A 45 -2.27 3.74 8.85
CA ALA A 45 -3.48 2.92 8.76
C ALA A 45 -3.96 2.74 7.32
N ARG A 46 -3.95 3.82 6.51
CA ARG A 46 -4.27 3.77 5.07
C ARG A 46 -3.25 2.92 4.30
N VAL A 47 -1.98 3.01 4.69
CA VAL A 47 -0.90 2.14 4.20
C VAL A 47 -1.10 0.67 4.60
N ARG A 48 -1.54 0.38 5.83
CA ARG A 48 -1.85 -0.99 6.27
C ARG A 48 -2.99 -1.62 5.47
N VAL A 49 -4.03 -0.85 5.15
CA VAL A 49 -5.12 -1.28 4.23
C VAL A 49 -4.58 -1.53 2.81
N TRP A 50 -3.68 -0.67 2.31
CA TRP A 50 -3.04 -0.89 1.00
C TRP A 50 -2.24 -2.19 0.95
N PHE A 51 -1.43 -2.50 1.97
CA PHE A 51 -0.68 -3.75 2.04
C PHE A 51 -1.58 -4.98 2.25
N LYS A 52 -2.65 -4.87 3.04
CA LYS A 52 -3.66 -5.94 3.20
C LYS A 52 -4.32 -6.30 1.86
N ASN A 53 -4.63 -5.30 1.03
CA ASN A 53 -5.14 -5.49 -0.33
C ASN A 53 -4.08 -6.07 -1.27
N ARG A 54 -2.86 -5.50 -1.29
CA ARG A 54 -1.76 -5.94 -2.18
C ARG A 54 -1.33 -7.38 -1.90
N ARG A 55 -1.16 -7.80 -0.64
CA ARG A 55 -0.77 -9.19 -0.32
C ARG A 55 -1.84 -10.20 -0.73
N ALA A 56 -3.12 -9.85 -0.62
CA ALA A 56 -4.24 -10.69 -1.08
C ALA A 56 -4.27 -10.83 -2.61
N LYS A 57 -4.10 -9.71 -3.35
CA LYS A 57 -4.03 -9.71 -4.83
C LYS A 57 -2.76 -10.40 -5.37
N TRP A 58 -1.66 -10.35 -4.63
CA TRP A 58 -0.40 -11.05 -4.96
C TRP A 58 -0.48 -12.57 -4.71
N ARG A 59 -1.08 -13.00 -3.59
CA ARG A 59 -1.20 -14.42 -3.18
C ARG A 59 -2.36 -15.17 -3.84
N LYS A 60 -3.05 -14.57 -4.81
CA LYS A 60 -4.10 -15.17 -5.66
C LYS A 60 -3.82 -14.90 -7.15
N ARG A 61 -4.41 -15.72 -8.05
CA ARG A 61 -4.27 -15.57 -9.50
C ARG A 61 -5.14 -14.46 -10.11
N GLU A 62 -6.29 -14.17 -9.49
CA GLU A 62 -7.29 -13.15 -9.87
C GLU A 62 -7.94 -13.29 -11.27
N GLU A 63 -7.42 -14.17 -12.13
CA GLU A 63 -7.94 -14.52 -13.47
C GLU A 63 -7.63 -16.01 -13.77
N PHE A 64 -8.41 -16.64 -14.66
CA PHE A 64 -8.34 -18.07 -14.99
C PHE A 64 -7.17 -18.43 -15.95
N ILE A 65 -5.96 -17.99 -15.60
CA ILE A 65 -4.71 -18.21 -16.35
C ILE A 65 -3.52 -18.38 -15.38
N VAL A 66 -2.55 -19.20 -15.75
CA VAL A 66 -1.31 -19.47 -14.98
C VAL A 66 -0.10 -18.90 -15.74
N THR A 67 0.82 -18.25 -15.01
CA THR A 67 2.03 -17.60 -15.54
C THR A 67 3.25 -17.84 -14.64
N ASP A 68 4.45 -17.80 -15.22
CA ASP A 68 5.75 -18.00 -14.55
C ASP A 68 6.86 -17.11 -15.15
N GLY A 1 -14.78 24.25 8.32
CA GLY A 1 -14.14 23.14 7.56
C GLY A 1 -14.43 21.79 8.18
N SER A 2 -13.55 20.80 7.92
CA SER A 2 -13.65 19.43 8.44
C SER A 2 -12.27 18.80 8.65
N GLN A 3 -12.14 17.98 9.70
CA GLN A 3 -10.94 17.15 9.94
C GLN A 3 -10.90 15.90 9.04
N ARG A 4 -12.05 15.46 8.52
CA ARG A 4 -12.20 14.33 7.58
C ARG A 4 -12.11 14.78 6.11
N ARG A 5 -12.78 15.89 5.77
CA ARG A 5 -12.88 16.50 4.43
C ARG A 5 -13.15 15.53 3.26
N GLN A 6 -13.85 14.42 3.54
CA GLN A 6 -14.14 13.27 2.66
C GLN A 6 -12.93 12.51 2.06
N ARG A 7 -11.72 13.10 2.06
CA ARG A 7 -10.44 12.58 1.51
C ARG A 7 -10.48 12.27 0.00
N THR A 8 -9.32 11.89 -0.54
CA THR A 8 -9.04 11.70 -1.98
C THR A 8 -8.30 10.38 -2.27
N HIS A 9 -8.34 9.94 -3.53
CA HIS A 9 -7.64 8.75 -4.02
C HIS A 9 -6.10 8.91 -4.02
N PHE A 10 -5.38 7.80 -4.04
CA PHE A 10 -3.91 7.77 -4.15
C PHE A 10 -3.44 8.35 -5.50
N THR A 11 -2.28 9.02 -5.53
CA THR A 11 -1.63 9.43 -6.79
C THR A 11 -0.93 8.26 -7.47
N SER A 12 -0.69 8.36 -8.77
CA SER A 12 0.10 7.35 -9.52
C SER A 12 1.51 7.18 -8.95
N GLN A 13 2.10 8.25 -8.42
CA GLN A 13 3.40 8.26 -7.77
C GLN A 13 3.39 7.56 -6.41
N GLN A 14 2.34 7.78 -5.59
CA GLN A 14 2.14 7.07 -4.32
C GLN A 14 1.96 5.56 -4.55
N LEU A 15 1.15 5.17 -5.54
CA LEU A 15 0.92 3.78 -5.91
C LEU A 15 2.20 3.11 -6.44
N GLN A 16 2.97 3.80 -7.29
CA GLN A 16 4.25 3.29 -7.81
C GLN A 16 5.30 3.14 -6.69
N GLU A 17 5.38 4.10 -5.76
CA GLU A 17 6.31 4.05 -4.63
C GLU A 17 5.95 2.91 -3.65
N LEU A 18 4.66 2.70 -3.35
CA LEU A 18 4.20 1.60 -2.49
C LEU A 18 4.39 0.22 -3.14
N GLU A 19 4.17 0.09 -4.44
CA GLU A 19 4.45 -1.14 -5.19
C GLU A 19 5.96 -1.47 -5.23
N ALA A 20 6.80 -0.46 -5.48
CA ALA A 20 8.26 -0.61 -5.42
C ALA A 20 8.74 -0.93 -3.99
N THR A 21 8.16 -0.30 -2.97
CA THR A 21 8.41 -0.57 -1.55
C THR A 21 8.12 -2.02 -1.18
N PHE A 22 6.96 -2.56 -1.59
CA PHE A 22 6.58 -3.95 -1.33
C PHE A 22 7.45 -4.96 -2.11
N GLN A 23 7.79 -4.68 -3.37
CA GLN A 23 8.64 -5.57 -4.18
C GLN A 23 10.12 -5.54 -3.74
N ARG A 24 10.63 -4.42 -3.24
CA ARG A 24 11.99 -4.29 -2.67
C ARG A 24 12.12 -4.95 -1.30
N ASN A 25 11.08 -4.83 -0.45
CA ASN A 25 11.01 -5.42 0.87
C ASN A 25 9.58 -5.92 1.16
N ARG A 26 9.32 -7.22 0.89
CA ARG A 26 8.03 -7.86 1.19
C ARG A 26 7.75 -7.87 2.70
N TYR A 27 6.47 -7.72 3.05
CA TYR A 27 5.95 -7.74 4.43
C TYR A 27 6.73 -6.82 5.41
N PRO A 28 6.75 -5.49 5.15
CA PRO A 28 7.44 -4.53 6.02
C PRO A 28 6.89 -4.51 7.46
N ASP A 29 7.73 -4.17 8.43
CA ASP A 29 7.34 -3.97 9.83
C ASP A 29 6.43 -2.73 9.98
N MET A 30 5.56 -2.70 10.99
CA MET A 30 4.58 -1.63 11.19
C MET A 30 5.24 -0.24 11.39
N SER A 31 6.46 -0.15 11.93
CA SER A 31 7.22 1.09 12.03
C SER A 31 7.86 1.49 10.69
N THR A 32 8.26 0.52 9.86
CA THR A 32 8.73 0.77 8.48
C THR A 32 7.59 1.32 7.62
N ARG A 33 6.39 0.73 7.72
CA ARG A 33 5.16 1.23 7.09
C ARG A 33 4.82 2.66 7.52
N GLU A 34 5.04 2.99 8.79
CA GLU A 34 4.76 4.32 9.35
C GLU A 34 5.76 5.39 8.87
N GLU A 35 7.03 5.05 8.68
CA GLU A 35 8.02 5.94 8.07
C GLU A 35 7.74 6.18 6.57
N ILE A 36 7.45 5.14 5.79
CA ILE A 36 7.14 5.33 4.36
C ILE A 36 5.80 6.06 4.15
N ALA A 37 4.87 6.02 5.12
CA ALA A 37 3.63 6.79 5.10
C ALA A 37 3.90 8.30 5.15
N VAL A 38 4.77 8.80 6.04
CA VAL A 38 5.12 10.22 6.09
C VAL A 38 5.97 10.66 4.88
N TRP A 39 6.77 9.76 4.29
CA TRP A 39 7.55 10.03 3.06
C TRP A 39 6.67 10.08 1.79
N THR A 40 5.60 9.30 1.73
CA THR A 40 4.58 9.32 0.65
C THR A 40 3.44 10.32 0.91
N ASN A 41 3.45 10.99 2.07
CA ASN A 41 2.39 11.87 2.58
C ASN A 41 1.01 11.19 2.62
N LEU A 42 0.95 10.03 3.27
CA LEU A 42 -0.22 9.19 3.53
C LEU A 42 -0.40 8.91 5.03
N THR A 43 -1.55 8.36 5.39
CA THR A 43 -1.89 7.89 6.75
C THR A 43 -1.38 6.47 6.95
N GLU A 44 -0.74 6.17 8.07
CA GLU A 44 -0.14 4.85 8.34
C GLU A 44 -1.16 3.70 8.35
N ALA A 45 -2.37 3.90 8.88
CA ALA A 45 -3.44 2.89 8.82
C ALA A 45 -3.92 2.63 7.38
N ARG A 46 -4.03 3.67 6.55
CA ARG A 46 -4.36 3.56 5.11
C ARG A 46 -3.26 2.81 4.34
N VAL A 47 -2.00 3.05 4.66
CA VAL A 47 -0.83 2.33 4.14
C VAL A 47 -0.81 0.86 4.59
N ARG A 48 -1.11 0.58 5.86
CA ARG A 48 -1.22 -0.79 6.42
C ARG A 48 -2.32 -1.60 5.72
N VAL A 49 -3.46 -0.97 5.41
CA VAL A 49 -4.51 -1.56 4.58
C VAL A 49 -4.07 -1.72 3.11
N TRP A 50 -3.31 -0.78 2.54
CA TRP A 50 -2.84 -0.87 1.15
C TRP A 50 -1.99 -2.12 0.89
N PHE A 51 -1.03 -2.45 1.77
CA PHE A 51 -0.21 -3.66 1.62
C PHE A 51 -1.04 -4.95 1.72
N LYS A 52 -2.07 -4.99 2.59
CA LYS A 52 -3.02 -6.11 2.68
C LYS A 52 -3.88 -6.24 1.42
N ASN A 53 -4.32 -5.12 0.86
CA ASN A 53 -5.07 -5.06 -0.40
C ASN A 53 -4.22 -5.52 -1.60
N ARG A 54 -2.94 -5.11 -1.67
CA ARG A 54 -1.96 -5.59 -2.66
C ARG A 54 -1.76 -7.10 -2.53
N ARG A 55 -1.57 -7.63 -1.31
CA ARG A 55 -1.45 -9.09 -1.07
C ARG A 55 -2.69 -9.85 -1.54
N ALA A 56 -3.90 -9.33 -1.28
CA ALA A 56 -5.14 -9.94 -1.74
C ALA A 56 -5.25 -9.96 -3.28
N LYS A 57 -4.93 -8.84 -3.96
CA LYS A 57 -4.88 -8.77 -5.44
C LYS A 57 -3.84 -9.70 -6.06
N TRP A 58 -2.71 -9.89 -5.38
CA TRP A 58 -1.60 -10.75 -5.83
C TRP A 58 -1.82 -12.26 -5.59
N ARG A 59 -2.40 -12.63 -4.44
CA ARG A 59 -2.46 -14.03 -3.97
C ARG A 59 -3.85 -14.66 -3.88
N LYS A 60 -4.92 -13.87 -3.76
CA LYS A 60 -6.29 -14.35 -3.45
C LYS A 60 -7.33 -14.08 -4.55
N ARG A 61 -7.30 -12.89 -5.14
CA ARG A 61 -8.28 -12.41 -6.14
C ARG A 61 -7.59 -11.57 -7.22
N GLU A 62 -6.99 -12.28 -8.18
CA GLU A 62 -6.30 -11.69 -9.34
C GLU A 62 -7.20 -10.71 -10.13
N GLU A 63 -6.61 -9.62 -10.61
CA GLU A 63 -7.34 -8.53 -11.28
C GLU A 63 -7.56 -8.80 -12.79
N PHE A 64 -8.66 -8.27 -13.34
CA PHE A 64 -9.15 -8.46 -14.71
C PHE A 64 -9.57 -9.91 -15.06
N ILE A 65 -10.30 -10.09 -16.16
CA ILE A 65 -10.95 -11.35 -16.55
C ILE A 65 -9.97 -12.42 -17.10
N VAL A 66 -8.74 -12.03 -17.45
CA VAL A 66 -7.68 -12.91 -17.95
C VAL A 66 -6.29 -12.40 -17.53
N THR A 67 -5.36 -13.30 -17.24
CA THR A 67 -4.05 -13.01 -16.61
C THR A 67 -2.83 -13.26 -17.52
N ASP A 68 -3.04 -13.68 -18.78
CA ASP A 68 -2.00 -14.01 -19.78
C ASP A 68 -2.34 -13.49 -21.20
N GLY A 1 8.13 21.49 -9.09
CA GLY A 1 7.12 21.47 -8.01
C GLY A 1 5.81 20.85 -8.46
N SER A 2 5.65 19.53 -8.25
CA SER A 2 4.48 18.73 -8.65
C SER A 2 3.49 18.47 -7.51
N GLN A 3 3.72 19.04 -6.32
CA GLN A 3 2.94 18.86 -5.09
C GLN A 3 1.70 19.77 -4.99
N ARG A 4 1.47 20.65 -5.98
CA ARG A 4 0.39 21.66 -6.02
C ARG A 4 -1.02 21.06 -6.02
N ARG A 5 -1.99 21.78 -5.43
CA ARG A 5 -3.42 21.44 -5.28
C ARG A 5 -3.72 20.13 -4.52
N GLN A 6 -4.95 19.99 -4.04
CA GLN A 6 -5.42 18.81 -3.28
C GLN A 6 -5.68 17.58 -4.20
N ARG A 7 -5.65 16.38 -3.61
CA ARG A 7 -5.89 15.08 -4.28
C ARG A 7 -6.89 14.21 -3.50
N THR A 8 -7.56 13.30 -4.20
CA THR A 8 -8.47 12.29 -3.62
C THR A 8 -7.90 10.88 -3.81
N HIS A 9 -7.76 10.12 -2.71
CA HIS A 9 -7.03 8.84 -2.62
C HIS A 9 -5.55 8.95 -3.08
N PHE A 10 -4.81 7.83 -3.05
CA PHE A 10 -3.41 7.75 -3.46
C PHE A 10 -3.24 8.09 -4.96
N THR A 11 -2.24 8.89 -5.30
CA THR A 11 -1.88 9.22 -6.70
C THR A 11 -1.19 8.05 -7.41
N SER A 12 -1.07 8.13 -8.74
CA SER A 12 -0.26 7.20 -9.53
C SER A 12 1.21 7.16 -9.07
N GLN A 13 1.77 8.29 -8.62
CA GLN A 13 3.13 8.38 -8.07
C GLN A 13 3.23 7.69 -6.69
N GLN A 14 2.26 7.92 -5.80
CA GLN A 14 2.22 7.26 -4.47
C GLN A 14 2.02 5.74 -4.60
N LEU A 15 1.18 5.29 -5.54
CA LEU A 15 0.99 3.87 -5.86
C LEU A 15 2.23 3.24 -6.50
N GLN A 16 2.95 3.96 -7.36
CA GLN A 16 4.22 3.50 -7.94
C GLN A 16 5.33 3.37 -6.87
N GLU A 17 5.43 4.33 -5.94
CA GLU A 17 6.35 4.24 -4.80
C GLU A 17 5.99 3.07 -3.87
N LEU A 18 4.70 2.82 -3.61
CA LEU A 18 4.24 1.67 -2.82
C LEU A 18 4.50 0.32 -3.52
N GLU A 19 4.35 0.24 -4.84
CA GLU A 19 4.68 -0.97 -5.61
C GLU A 19 6.20 -1.23 -5.66
N ALA A 20 7.02 -0.17 -5.74
CA ALA A 20 8.47 -0.24 -5.58
C ALA A 20 8.87 -0.64 -4.15
N THR A 21 8.12 -0.20 -3.14
CA THR A 21 8.29 -0.58 -1.72
C THR A 21 7.92 -2.05 -1.49
N PHE A 22 6.85 -2.56 -2.11
CA PHE A 22 6.42 -3.96 -1.98
C PHE A 22 7.42 -4.94 -2.61
N GLN A 23 7.96 -4.63 -3.80
CA GLN A 23 8.97 -5.51 -4.44
C GLN A 23 10.35 -5.42 -3.77
N ARG A 24 10.62 -4.37 -2.97
CA ARG A 24 11.81 -4.26 -2.10
C ARG A 24 11.63 -5.02 -0.78
N ASN A 25 10.44 -4.97 -0.17
CA ASN A 25 10.04 -5.79 0.98
C ASN A 25 8.53 -6.10 0.93
N ARG A 26 8.18 -7.38 0.81
CA ARG A 26 6.79 -7.86 0.70
C ARG A 26 6.03 -7.91 2.03
N TYR A 27 6.75 -7.87 3.15
CA TYR A 27 6.21 -7.99 4.51
C TYR A 27 6.87 -6.97 5.48
N PRO A 28 6.72 -5.65 5.25
CA PRO A 28 7.22 -4.62 6.17
C PRO A 28 6.47 -4.64 7.50
N ASP A 29 7.17 -4.32 8.59
CA ASP A 29 6.58 -4.22 9.93
C ASP A 29 5.77 -2.92 10.10
N MET A 30 4.89 -2.84 11.09
CA MET A 30 3.95 -1.71 11.26
C MET A 30 4.61 -0.35 11.56
N SER A 31 5.89 -0.34 11.98
CA SER A 31 6.72 0.88 12.08
C SER A 31 7.33 1.27 10.73
N THR A 32 7.76 0.30 9.92
CA THR A 32 8.27 0.53 8.55
C THR A 32 7.16 1.09 7.65
N ARG A 33 5.93 0.57 7.79
CA ARG A 33 4.72 1.12 7.13
C ARG A 33 4.41 2.56 7.57
N GLU A 34 4.77 2.95 8.79
CA GLU A 34 4.62 4.34 9.28
C GLU A 34 5.68 5.29 8.71
N GLU A 35 6.94 4.83 8.56
CA GLU A 35 8.00 5.63 7.94
C GLU A 35 7.71 5.92 6.46
N ILE A 36 7.28 4.92 5.70
CA ILE A 36 6.89 5.14 4.29
C ILE A 36 5.62 6.00 4.16
N ALA A 37 4.73 6.01 5.17
CA ALA A 37 3.58 6.92 5.21
C ALA A 37 4.03 8.39 5.21
N VAL A 38 4.97 8.78 6.07
CA VAL A 38 5.47 10.17 6.12
C VAL A 38 6.32 10.55 4.91
N TRP A 39 7.03 9.59 4.30
CA TRP A 39 7.82 9.81 3.08
C TRP A 39 6.95 9.97 1.81
N THR A 40 5.78 9.31 1.75
CA THR A 40 4.81 9.43 0.64
C THR A 40 3.67 10.43 0.92
N ASN A 41 3.64 11.03 2.11
CA ASN A 41 2.58 11.89 2.66
C ASN A 41 1.18 11.22 2.67
N LEU A 42 1.14 9.99 3.18
CA LEU A 42 -0.05 9.16 3.42
C LEU A 42 -0.41 9.08 4.92
N THR A 43 -1.63 8.64 5.22
CA THR A 43 -2.07 8.30 6.58
C THR A 43 -1.62 6.89 6.97
N GLU A 44 -1.14 6.74 8.21
CA GLU A 44 -0.48 5.52 8.68
C GLU A 44 -1.39 4.28 8.69
N ALA A 45 -2.65 4.42 9.12
CA ALA A 45 -3.60 3.29 9.19
C ALA A 45 -4.06 2.85 7.78
N ARG A 46 -4.23 3.80 6.85
CA ARG A 46 -4.64 3.53 5.47
C ARG A 46 -3.55 2.81 4.68
N VAL A 47 -2.28 3.21 4.85
CA VAL A 47 -1.14 2.54 4.20
C VAL A 47 -0.77 1.21 4.85
N ARG A 48 -0.98 1.05 6.17
CA ARG A 48 -0.79 -0.24 6.88
C ARG A 48 -1.66 -1.36 6.28
N VAL A 49 -2.89 -1.04 5.87
CA VAL A 49 -3.83 -1.97 5.20
C VAL A 49 -3.47 -2.17 3.72
N TRP A 50 -2.81 -1.22 3.04
CA TRP A 50 -2.44 -1.37 1.62
C TRP A 50 -1.53 -2.58 1.37
N PHE A 51 -0.55 -2.82 2.26
CA PHE A 51 0.34 -4.00 2.15
C PHE A 51 -0.43 -5.32 2.32
N LYS A 52 -1.39 -5.37 3.26
CA LYS A 52 -2.29 -6.52 3.44
C LYS A 52 -3.16 -6.76 2.20
N ASN A 53 -3.69 -5.69 1.60
CA ASN A 53 -4.50 -5.73 0.39
C ASN A 53 -3.70 -6.19 -0.85
N ARG A 54 -2.48 -5.66 -1.04
CA ARG A 54 -1.55 -6.06 -2.11
C ARG A 54 -1.14 -7.53 -1.96
N ARG A 55 -0.79 -7.97 -0.75
CA ARG A 55 -0.45 -9.37 -0.44
C ARG A 55 -1.62 -10.31 -0.73
N ALA A 56 -2.83 -9.97 -0.31
CA ALA A 56 -4.04 -10.75 -0.57
C ALA A 56 -4.35 -10.88 -2.07
N LYS A 57 -4.24 -9.80 -2.85
CA LYS A 57 -4.41 -9.81 -4.32
C LYS A 57 -3.31 -10.60 -5.04
N TRP A 58 -2.08 -10.56 -4.53
CA TRP A 58 -0.91 -11.25 -5.08
C TRP A 58 -0.94 -12.77 -4.85
N ARG A 59 -1.27 -13.22 -3.62
CA ARG A 59 -1.30 -14.65 -3.25
C ARG A 59 -2.64 -15.34 -3.51
N LYS A 60 -3.76 -14.60 -3.49
CA LYS A 60 -5.14 -15.03 -3.82
C LYS A 60 -5.52 -16.39 -3.24
N ARG A 61 -5.42 -17.47 -4.03
CA ARG A 61 -5.65 -18.86 -3.61
C ARG A 61 -4.38 -19.42 -2.95
N GLU A 62 -4.20 -19.09 -1.67
CA GLU A 62 -3.15 -19.67 -0.81
C GLU A 62 -3.43 -21.17 -0.56
N GLU A 63 -2.37 -21.98 -0.49
CA GLU A 63 -2.46 -23.45 -0.49
C GLU A 63 -2.89 -24.06 0.86
N PHE A 64 -2.70 -23.31 1.96
CA PHE A 64 -3.06 -23.69 3.34
C PHE A 64 -2.47 -25.05 3.81
N ILE A 65 -1.30 -25.44 3.27
CA ILE A 65 -0.60 -26.68 3.60
C ILE A 65 0.11 -26.61 4.97
N VAL A 66 0.30 -27.77 5.61
CA VAL A 66 1.02 -27.91 6.89
C VAL A 66 2.54 -27.85 6.73
N THR A 67 3.24 -27.39 7.77
CA THR A 67 4.71 -27.22 7.81
C THR A 67 5.41 -28.05 8.90
N ASP A 68 4.64 -28.64 9.84
CA ASP A 68 5.09 -29.46 10.99
C ASP A 68 6.23 -28.83 11.82
N GLY A 1 -30.20 8.40 1.98
CA GLY A 1 -29.51 9.40 1.13
C GLY A 1 -28.15 8.89 0.66
N SER A 2 -27.29 9.80 0.18
CA SER A 2 -25.96 9.50 -0.36
C SER A 2 -24.99 8.95 0.71
N GLN A 3 -24.05 8.10 0.29
CA GLN A 3 -23.01 7.54 1.17
C GLN A 3 -21.98 8.60 1.61
N ARG A 4 -21.32 8.36 2.76
CA ARG A 4 -20.15 9.12 3.26
C ARG A 4 -18.85 8.31 3.18
N ARG A 5 -18.82 7.31 2.29
CA ARG A 5 -17.76 6.30 2.10
C ARG A 5 -16.51 6.89 1.43
N GLN A 6 -15.34 6.28 1.69
CA GLN A 6 -14.09 6.56 0.99
C GLN A 6 -14.16 6.17 -0.50
N ARG A 7 -13.46 6.94 -1.34
CA ARG A 7 -13.26 6.71 -2.79
C ARG A 7 -11.76 6.64 -3.12
N THR A 8 -11.41 6.16 -4.32
CA THR A 8 -10.01 6.05 -4.78
C THR A 8 -9.35 7.43 -4.95
N HIS A 9 -8.26 7.66 -4.23
CA HIS A 9 -7.60 8.98 -4.08
C HIS A 9 -6.06 8.96 -4.11
N PHE A 10 -5.43 7.78 -4.12
CA PHE A 10 -3.97 7.65 -4.21
C PHE A 10 -3.43 8.17 -5.54
N THR A 11 -2.30 8.87 -5.54
CA THR A 11 -1.62 9.34 -6.77
C THR A 11 -0.83 8.22 -7.45
N SER A 12 -0.51 8.40 -8.73
CA SER A 12 0.38 7.49 -9.47
C SER A 12 1.79 7.43 -8.85
N GLN A 13 2.26 8.50 -8.20
CA GLN A 13 3.53 8.53 -7.48
C GLN A 13 3.46 7.73 -6.17
N GLN A 14 2.38 7.89 -5.39
CA GLN A 14 2.16 7.13 -4.14
C GLN A 14 2.03 5.62 -4.42
N LEU A 15 1.27 5.23 -5.44
CA LEU A 15 1.09 3.82 -5.82
C LEU A 15 2.39 3.18 -6.32
N GLN A 16 3.21 3.91 -7.09
CA GLN A 16 4.51 3.40 -7.57
C GLN A 16 5.56 3.35 -6.45
N GLU A 17 5.53 4.26 -5.48
CA GLU A 17 6.38 4.17 -4.29
C GLU A 17 6.02 2.96 -3.42
N LEU A 18 4.73 2.59 -3.34
CA LEU A 18 4.27 1.40 -2.62
C LEU A 18 4.56 0.09 -3.37
N GLU A 19 4.44 0.10 -4.70
CA GLU A 19 4.87 -1.00 -5.58
C GLU A 19 6.39 -1.25 -5.48
N ALA A 20 7.19 -0.18 -5.42
CA ALA A 20 8.63 -0.25 -5.19
C ALA A 20 8.97 -0.72 -3.76
N THR A 21 8.24 -0.24 -2.75
CA THR A 21 8.39 -0.64 -1.34
C THR A 21 8.19 -2.14 -1.17
N PHE A 22 7.10 -2.69 -1.73
CA PHE A 22 6.75 -4.12 -1.61
C PHE A 22 7.82 -5.05 -2.21
N GLN A 23 8.41 -4.69 -3.36
CA GLN A 23 9.43 -5.52 -4.03
C GLN A 23 10.86 -5.31 -3.48
N ARG A 24 11.16 -4.11 -2.93
CA ARG A 24 12.43 -3.81 -2.25
C ARG A 24 12.51 -4.46 -0.87
N ASN A 25 11.39 -4.55 -0.15
CA ASN A 25 11.27 -5.22 1.14
C ASN A 25 9.90 -5.94 1.23
N ARG A 26 9.88 -7.27 1.11
CA ARG A 26 8.66 -8.08 1.16
C ARG A 26 7.98 -7.99 2.53
N TYR A 27 6.65 -7.85 2.54
CA TYR A 27 5.79 -7.73 3.72
C TYR A 27 6.38 -6.84 4.86
N PRO A 28 6.53 -5.52 4.65
CA PRO A 28 7.18 -4.60 5.59
C PRO A 28 6.63 -4.65 7.02
N ASP A 29 7.50 -4.45 8.01
CA ASP A 29 7.10 -4.25 9.41
C ASP A 29 6.40 -2.88 9.58
N MET A 30 5.55 -2.74 10.58
CA MET A 30 4.66 -1.57 10.74
C MET A 30 5.41 -0.27 11.05
N SER A 31 6.63 -0.35 11.58
CA SER A 31 7.55 0.80 11.70
C SER A 31 8.03 1.29 10.33
N THR A 32 8.37 0.38 9.42
CA THR A 32 8.70 0.69 8.01
C THR A 32 7.49 1.25 7.27
N ARG A 33 6.29 0.67 7.46
CA ARG A 33 5.03 1.21 6.91
C ARG A 33 4.76 2.64 7.38
N GLU A 34 5.04 2.96 8.64
CA GLU A 34 4.88 4.33 9.18
C GLU A 34 5.91 5.32 8.61
N GLU A 35 7.16 4.90 8.37
CA GLU A 35 8.16 5.74 7.70
C GLU A 35 7.79 6.01 6.23
N ILE A 36 7.39 5.00 5.45
CA ILE A 36 6.96 5.23 4.07
C ILE A 36 5.64 6.02 3.99
N ALA A 37 4.79 5.97 5.03
CA ALA A 37 3.58 6.78 5.11
C ALA A 37 3.90 8.29 5.17
N VAL A 38 4.85 8.73 6.01
CA VAL A 38 5.26 10.15 6.05
C VAL A 38 6.02 10.57 4.78
N TRP A 39 6.74 9.66 4.11
CA TRP A 39 7.44 9.94 2.84
C TRP A 39 6.47 10.05 1.64
N THR A 40 5.38 9.27 1.63
CA THR A 40 4.29 9.34 0.64
C THR A 40 3.19 10.36 0.99
N ASN A 41 3.29 11.00 2.17
CA ASN A 41 2.27 11.86 2.78
C ASN A 41 0.89 11.18 2.94
N LEU A 42 0.90 9.89 3.24
CA LEU A 42 -0.27 9.07 3.58
C LEU A 42 -0.40 8.85 5.09
N THR A 43 -1.57 8.36 5.52
CA THR A 43 -1.86 7.94 6.89
C THR A 43 -1.34 6.53 7.13
N GLU A 44 -0.76 6.21 8.29
CA GLU A 44 -0.21 4.86 8.53
C GLU A 44 -1.29 3.76 8.57
N ALA A 45 -2.52 4.07 9.00
CA ALA A 45 -3.66 3.15 8.91
C ALA A 45 -4.16 2.96 7.46
N ARG A 46 -4.10 4.01 6.63
CA ARG A 46 -4.44 3.97 5.20
C ARG A 46 -3.40 3.16 4.40
N VAL A 47 -2.13 3.24 4.79
CA VAL A 47 -1.03 2.39 4.30
C VAL A 47 -1.22 0.93 4.79
N ARG A 48 -1.61 0.70 6.04
CA ARG A 48 -1.92 -0.64 6.57
C ARG A 48 -3.07 -1.31 5.81
N VAL A 49 -4.10 -0.56 5.42
CA VAL A 49 -5.17 -1.01 4.52
C VAL A 49 -4.65 -1.30 3.10
N TRP A 50 -3.72 -0.50 2.57
CA TRP A 50 -3.07 -0.81 1.28
C TRP A 50 -2.32 -2.14 1.34
N PHE A 51 -1.53 -2.39 2.39
CA PHE A 51 -0.83 -3.67 2.58
C PHE A 51 -1.77 -4.85 2.88
N LYS A 52 -2.94 -4.62 3.50
CA LYS A 52 -4.00 -5.65 3.64
C LYS A 52 -4.57 -6.03 2.27
N ASN A 53 -4.91 -5.05 1.44
CA ASN A 53 -5.40 -5.27 0.08
C ASN A 53 -4.33 -5.93 -0.82
N ARG A 54 -3.06 -5.52 -0.69
CA ARG A 54 -1.90 -6.11 -1.38
C ARG A 54 -1.70 -7.58 -1.01
N ARG A 55 -1.76 -7.93 0.28
CA ARG A 55 -1.68 -9.32 0.76
C ARG A 55 -2.87 -10.18 0.28
N ALA A 56 -4.08 -9.62 0.23
CA ALA A 56 -5.25 -10.29 -0.34
C ALA A 56 -5.09 -10.58 -1.83
N LYS A 57 -4.64 -9.60 -2.63
CA LYS A 57 -4.33 -9.78 -4.06
C LYS A 57 -3.17 -10.76 -4.30
N TRP A 58 -2.14 -10.73 -3.44
CA TRP A 58 -1.02 -11.68 -3.49
C TRP A 58 -1.46 -13.12 -3.23
N ARG A 59 -2.27 -13.34 -2.18
CA ARG A 59 -2.86 -14.65 -1.84
C ARG A 59 -3.77 -15.19 -2.96
N LYS A 60 -4.51 -14.31 -3.63
CA LYS A 60 -5.31 -14.58 -4.85
C LYS A 60 -4.44 -14.76 -6.12
N ARG A 61 -3.15 -14.38 -6.07
CA ARG A 61 -2.22 -14.27 -7.21
C ARG A 61 -2.80 -13.42 -8.37
N GLU A 62 -3.58 -12.39 -8.02
CA GLU A 62 -4.44 -11.54 -8.87
C GLU A 62 -5.43 -12.32 -9.78
N GLU A 63 -4.95 -13.02 -10.80
CA GLU A 63 -5.72 -13.85 -11.75
C GLU A 63 -5.14 -15.28 -11.90
N PHE A 64 -4.32 -15.68 -10.92
CA PHE A 64 -3.47 -16.88 -10.88
C PHE A 64 -2.30 -16.88 -11.90
N ILE A 65 -1.29 -17.71 -11.63
CA ILE A 65 0.02 -17.74 -12.29
C ILE A 65 0.38 -19.12 -12.88
N VAL A 66 1.48 -19.18 -13.64
CA VAL A 66 2.04 -20.41 -14.25
C VAL A 66 3.57 -20.37 -14.24
N THR A 67 4.21 -21.54 -14.12
CA THR A 67 5.67 -21.72 -14.13
C THR A 67 6.08 -23.08 -14.73
N ASP A 68 7.34 -23.21 -15.16
CA ASP A 68 7.92 -24.41 -15.78
C ASP A 68 9.41 -24.62 -15.39
N GLY A 1 -2.20 26.17 -7.81
CA GLY A 1 -1.16 27.21 -7.67
C GLY A 1 0.20 26.60 -7.39
N SER A 2 0.74 26.82 -6.18
CA SER A 2 1.98 26.22 -5.68
C SER A 2 1.79 24.79 -5.15
N GLN A 3 2.90 24.09 -4.87
CA GLN A 3 2.95 22.73 -4.30
C GLN A 3 2.20 21.65 -5.12
N ARG A 4 2.02 21.87 -6.43
CA ARG A 4 1.19 21.07 -7.37
C ARG A 4 1.65 19.62 -7.61
N ARG A 5 2.79 19.22 -7.02
CA ARG A 5 3.28 17.83 -6.96
C ARG A 5 2.43 16.95 -6.01
N GLN A 6 1.83 17.55 -4.97
CA GLN A 6 0.93 16.89 -4.02
C GLN A 6 -0.54 17.20 -4.37
N ARG A 7 -1.39 16.17 -4.39
CA ARG A 7 -2.77 16.21 -4.90
C ARG A 7 -3.72 15.34 -4.05
N THR A 8 -5.03 15.49 -4.25
CA THR A 8 -6.08 14.73 -3.54
C THR A 8 -6.13 13.25 -3.94
N HIS A 9 -6.62 12.40 -3.01
CA HIS A 9 -6.60 10.92 -3.10
C HIS A 9 -5.18 10.36 -3.35
N PHE A 10 -5.06 9.10 -3.80
CA PHE A 10 -3.78 8.48 -4.15
C PHE A 10 -3.26 8.99 -5.52
N THR A 11 -2.00 9.43 -5.57
CA THR A 11 -1.31 9.78 -6.83
C THR A 11 -0.64 8.55 -7.46
N SER A 12 -0.30 8.66 -8.76
CA SER A 12 0.49 7.64 -9.46
C SER A 12 1.86 7.40 -8.81
N GLN A 13 2.50 8.46 -8.28
CA GLN A 13 3.80 8.37 -7.60
C GLN A 13 3.69 7.69 -6.23
N GLN A 14 2.62 7.94 -5.46
CA GLN A 14 2.34 7.25 -4.20
C GLN A 14 2.09 5.75 -4.42
N LEU A 15 1.27 5.41 -5.42
CA LEU A 15 0.99 4.00 -5.78
C LEU A 15 2.23 3.28 -6.31
N GLN A 16 3.06 3.96 -7.11
CA GLN A 16 4.34 3.42 -7.60
C GLN A 16 5.35 3.19 -6.46
N GLU A 17 5.46 4.10 -5.48
CA GLU A 17 6.33 3.90 -4.32
C GLU A 17 5.84 2.80 -3.37
N LEU A 18 4.53 2.63 -3.20
CA LEU A 18 3.94 1.51 -2.45
C LEU A 18 4.22 0.16 -3.15
N GLU A 19 4.02 0.09 -4.47
CA GLU A 19 4.31 -1.11 -5.26
C GLU A 19 5.82 -1.42 -5.35
N ALA A 20 6.68 -0.41 -5.27
CA ALA A 20 8.13 -0.58 -5.22
C ALA A 20 8.61 -1.03 -3.83
N THR A 21 8.22 -0.36 -2.73
CA THR A 21 8.70 -0.73 -1.39
C THR A 21 8.29 -2.15 -0.97
N PHE A 22 7.10 -2.59 -1.40
CA PHE A 22 6.62 -3.98 -1.31
C PHE A 22 7.63 -5.00 -1.86
N GLN A 23 8.38 -4.63 -2.91
CA GLN A 23 9.39 -5.45 -3.58
C GLN A 23 10.82 -5.19 -3.10
N ARG A 24 11.16 -3.96 -2.68
CA ARG A 24 12.49 -3.57 -2.16
C ARG A 24 12.88 -4.32 -0.88
N ASN A 25 11.92 -4.50 0.03
CA ASN A 25 12.13 -5.11 1.36
C ASN A 25 11.36 -6.43 1.60
N ARG A 26 10.52 -6.86 0.63
CA ARG A 26 9.62 -8.03 0.69
C ARG A 26 8.72 -7.98 1.93
N TYR A 27 7.62 -7.24 1.80
CA TYR A 27 6.60 -6.95 2.82
C TYR A 27 7.16 -6.13 4.02
N PRO A 28 6.87 -4.81 4.11
CA PRO A 28 7.49 -3.93 5.11
C PRO A 28 7.04 -4.23 6.54
N ASP A 29 7.91 -3.94 7.51
CA ASP A 29 7.62 -3.97 8.95
C ASP A 29 6.71 -2.80 9.36
N MET A 30 5.96 -2.93 10.46
CA MET A 30 5.01 -1.91 10.95
C MET A 30 5.66 -0.53 11.18
N SER A 31 6.93 -0.46 11.61
CA SER A 31 7.68 0.81 11.71
C SER A 31 8.06 1.36 10.33
N THR A 32 8.45 0.49 9.39
CA THR A 32 8.74 0.87 8.00
C THR A 32 7.50 1.42 7.30
N ARG A 33 6.31 0.82 7.52
CA ARG A 33 5.03 1.29 6.98
C ARG A 33 4.70 2.72 7.43
N GLU A 34 4.98 3.06 8.69
CA GLU A 34 4.79 4.43 9.20
C GLU A 34 5.81 5.42 8.60
N GLU A 35 7.08 5.04 8.46
CA GLU A 35 8.09 5.87 7.78
C GLU A 35 7.73 6.12 6.31
N ILE A 36 7.34 5.10 5.54
CA ILE A 36 6.93 5.31 4.14
C ILE A 36 5.61 6.07 4.03
N ALA A 37 4.71 6.00 5.02
CA ALA A 37 3.51 6.83 5.08
C ALA A 37 3.86 8.32 5.25
N VAL A 38 4.83 8.64 6.12
CA VAL A 38 5.41 9.99 6.27
C VAL A 38 6.06 10.46 4.96
N TRP A 39 6.85 9.59 4.30
CA TRP A 39 7.58 9.95 3.07
C TRP A 39 6.68 10.12 1.84
N THR A 40 5.59 9.35 1.74
CA THR A 40 4.55 9.47 0.68
C THR A 40 3.45 10.49 1.02
N ASN A 41 3.44 11.03 2.23
CA ASN A 41 2.36 11.86 2.81
C ASN A 41 0.98 11.19 2.76
N LEU A 42 0.91 9.96 3.26
CA LEU A 42 -0.29 9.17 3.51
C LEU A 42 -0.47 8.91 5.02
N THR A 43 -1.62 8.37 5.43
CA THR A 43 -1.82 7.87 6.82
C THR A 43 -1.39 6.41 6.93
N GLU A 44 -0.80 6.03 8.07
CA GLU A 44 -0.30 4.66 8.28
C GLU A 44 -1.42 3.60 8.27
N ALA A 45 -2.66 3.99 8.57
CA ALA A 45 -3.83 3.11 8.49
C ALA A 45 -4.22 2.79 7.03
N ARG A 46 -4.21 3.80 6.13
CA ARG A 46 -4.43 3.60 4.69
C ARG A 46 -3.33 2.75 4.07
N VAL A 47 -2.08 2.98 4.47
CA VAL A 47 -0.92 2.17 4.05
C VAL A 47 -1.02 0.71 4.53
N ARG A 48 -1.45 0.48 5.78
CA ARG A 48 -1.69 -0.87 6.30
C ARG A 48 -2.79 -1.61 5.52
N VAL A 49 -3.90 -0.93 5.21
CA VAL A 49 -4.97 -1.48 4.35
C VAL A 49 -4.45 -1.77 2.93
N TRP A 50 -3.59 -0.90 2.37
CA TRP A 50 -3.02 -1.10 1.03
C TRP A 50 -2.16 -2.38 0.95
N PHE A 51 -1.26 -2.61 1.92
CA PHE A 51 -0.45 -3.83 1.97
C PHE A 51 -1.28 -5.08 2.33
N LYS A 52 -2.30 -4.97 3.19
CA LYS A 52 -3.25 -6.05 3.48
C LYS A 52 -4.05 -6.46 2.23
N ASN A 53 -4.47 -5.48 1.43
CA ASN A 53 -5.12 -5.71 0.14
C ASN A 53 -4.16 -6.38 -0.85
N ARG A 54 -2.90 -5.95 -0.92
CA ARG A 54 -1.85 -6.55 -1.77
C ARG A 54 -1.58 -8.02 -1.41
N ARG A 55 -1.52 -8.34 -0.11
CA ARG A 55 -1.42 -9.72 0.40
C ARG A 55 -2.67 -10.56 0.14
N ALA A 56 -3.87 -9.98 0.20
CA ALA A 56 -5.11 -10.69 -0.16
C ALA A 56 -5.24 -10.95 -1.66
N LYS A 57 -4.74 -10.05 -2.53
CA LYS A 57 -4.64 -10.28 -3.99
C LYS A 57 -3.61 -11.36 -4.35
N TRP A 58 -2.55 -11.51 -3.55
CA TRP A 58 -1.59 -12.62 -3.64
C TRP A 58 -2.17 -13.94 -3.10
N ARG A 59 -2.92 -13.91 -1.99
CA ARG A 59 -3.51 -15.07 -1.28
C ARG A 59 -5.05 -14.99 -1.25
N LYS A 60 -5.66 -15.09 -2.43
CA LYS A 60 -7.12 -15.15 -2.67
C LYS A 60 -7.75 -16.42 -2.07
N ARG A 61 -8.02 -16.39 -0.76
CA ARG A 61 -8.55 -17.51 0.06
C ARG A 61 -7.76 -18.82 -0.13
N GLU A 62 -6.43 -18.71 -0.13
CA GLU A 62 -5.49 -19.82 -0.36
C GLU A 62 -4.34 -19.80 0.67
N GLU A 63 -3.79 -20.98 0.97
CA GLU A 63 -2.77 -21.22 2.00
C GLU A 63 -1.40 -20.57 1.70
N PHE A 64 -0.47 -20.61 2.65
CA PHE A 64 0.90 -20.10 2.50
C PHE A 64 1.72 -20.80 1.40
N ILE A 65 1.39 -22.06 1.06
CA ILE A 65 1.93 -22.96 0.01
C ILE A 65 3.45 -23.20 -0.07
N VAL A 66 4.29 -22.38 0.58
CA VAL A 66 5.75 -22.57 0.65
C VAL A 66 6.14 -23.75 1.56
N THR A 67 7.21 -24.47 1.19
CA THR A 67 7.71 -25.65 1.92
C THR A 67 8.52 -25.29 3.17
N ASP A 68 8.58 -26.23 4.13
CA ASP A 68 9.31 -26.12 5.42
C ASP A 68 9.94 -27.46 5.85
N GLY A 1 -10.68 24.95 19.89
CA GLY A 1 -10.34 25.95 18.85
C GLY A 1 -10.89 25.55 17.49
N SER A 2 -11.64 26.45 16.84
CA SER A 2 -12.29 26.21 15.55
C SER A 2 -11.29 25.89 14.42
N GLN A 3 -11.58 24.83 13.66
CA GLN A 3 -10.66 24.23 12.67
C GLN A 3 -11.40 23.43 11.59
N ARG A 4 -10.68 22.96 10.58
CA ARG A 4 -11.16 22.01 9.56
C ARG A 4 -10.03 21.06 9.08
N ARG A 5 -10.40 19.83 8.71
CA ARG A 5 -9.48 18.76 8.26
C ARG A 5 -10.04 18.05 7.02
N GLN A 6 -9.17 17.61 6.11
CA GLN A 6 -9.53 17.00 4.83
C GLN A 6 -8.48 16.00 4.32
N ARG A 7 -8.92 14.96 3.60
CA ARG A 7 -8.10 14.01 2.84
C ARG A 7 -8.60 13.86 1.39
N THR A 8 -7.76 13.33 0.52
CA THR A 8 -8.00 13.17 -0.93
C THR A 8 -7.63 11.76 -1.42
N HIS A 9 -8.07 11.40 -2.62
CA HIS A 9 -7.76 10.11 -3.27
C HIS A 9 -6.28 10.02 -3.72
N PHE A 10 -5.83 8.82 -4.10
CA PHE A 10 -4.42 8.51 -4.34
C PHE A 10 -3.89 9.06 -5.68
N THR A 11 -2.59 9.37 -5.75
CA THR A 11 -1.86 9.69 -6.99
C THR A 11 -0.86 8.60 -7.36
N SER A 12 -0.52 8.46 -8.64
CA SER A 12 0.39 7.43 -9.16
C SER A 12 1.80 7.49 -8.58
N GLN A 13 2.22 8.65 -8.07
CA GLN A 13 3.49 8.85 -7.35
C GLN A 13 3.52 8.17 -5.97
N GLN A 14 2.35 7.96 -5.34
CA GLN A 14 2.20 7.19 -4.10
C GLN A 14 2.16 5.69 -4.41
N LEU A 15 1.36 5.28 -5.41
CA LEU A 15 1.22 3.87 -5.80
C LEU A 15 2.55 3.25 -6.27
N GLN A 16 3.36 3.97 -7.04
CA GLN A 16 4.64 3.43 -7.51
C GLN A 16 5.67 3.27 -6.38
N GLU A 17 5.67 4.15 -5.38
CA GLU A 17 6.52 4.01 -4.19
C GLU A 17 6.04 2.89 -3.26
N LEU A 18 4.72 2.68 -3.14
CA LEU A 18 4.14 1.56 -2.40
C LEU A 18 4.48 0.21 -3.07
N GLU A 19 4.37 0.10 -4.40
CA GLU A 19 4.76 -1.12 -5.12
C GLU A 19 6.28 -1.31 -5.21
N ALA A 20 7.07 -0.24 -5.23
CA ALA A 20 8.53 -0.32 -5.08
C ALA A 20 8.93 -0.80 -3.69
N THR A 21 8.32 -0.31 -2.61
CA THR A 21 8.67 -0.71 -1.25
C THR A 21 8.20 -2.14 -0.91
N PHE A 22 7.09 -2.59 -1.51
CA PHE A 22 6.62 -3.99 -1.46
C PHE A 22 7.62 -4.96 -2.12
N GLN A 23 8.39 -4.50 -3.12
CA GLN A 23 9.49 -5.26 -3.74
C GLN A 23 10.81 -5.10 -2.97
N ARG A 24 11.08 -3.91 -2.41
CA ARG A 24 12.25 -3.58 -1.56
C ARG A 24 12.30 -4.45 -0.29
N ASN A 25 11.14 -4.68 0.33
CA ASN A 25 10.94 -5.65 1.42
C ASN A 25 9.52 -6.25 1.32
N ARG A 26 9.43 -7.58 1.16
CA ARG A 26 8.14 -8.31 1.10
C ARG A 26 7.43 -8.42 2.45
N TYR A 27 8.13 -8.19 3.56
CA TYR A 27 7.65 -8.30 4.93
C TYR A 27 8.05 -7.07 5.79
N PRO A 28 7.48 -5.88 5.50
CA PRO A 28 7.74 -4.65 6.26
C PRO A 28 7.22 -4.73 7.71
N ASP A 29 7.82 -3.96 8.61
CA ASP A 29 7.34 -3.75 9.98
C ASP A 29 6.38 -2.55 10.07
N MET A 30 5.82 -2.32 11.26
CA MET A 30 4.99 -1.14 11.56
C MET A 30 5.77 0.15 11.36
N SER A 31 7.03 0.19 11.82
CA SER A 31 7.96 1.32 11.62
C SER A 31 8.28 1.55 10.13
N THR A 32 8.37 0.49 9.34
CA THR A 32 8.57 0.57 7.88
C THR A 32 7.35 1.18 7.18
N ARG A 33 6.13 0.73 7.54
CA ARG A 33 4.88 1.34 7.04
C ARG A 33 4.75 2.81 7.45
N GLU A 34 5.13 3.17 8.67
CA GLU A 34 5.09 4.56 9.15
C GLU A 34 6.10 5.47 8.44
N GLU A 35 7.33 5.03 8.17
CA GLU A 35 8.30 5.86 7.43
C GLU A 35 7.91 6.03 5.95
N ILE A 36 7.36 5.00 5.29
CA ILE A 36 6.83 5.18 3.93
C ILE A 36 5.52 5.98 3.89
N ALA A 37 4.74 6.00 4.98
CA ALA A 37 3.58 6.88 5.14
C ALA A 37 4.02 8.36 5.22
N VAL A 38 5.14 8.65 5.89
CA VAL A 38 5.80 9.98 5.87
C VAL A 38 6.26 10.34 4.45
N TRP A 39 6.89 9.41 3.73
CA TRP A 39 7.40 9.65 2.37
C TRP A 39 6.29 9.90 1.33
N THR A 40 5.16 9.19 1.45
CA THR A 40 3.99 9.28 0.54
C THR A 40 2.90 10.25 1.02
N ASN A 41 3.06 10.83 2.22
CA ASN A 41 2.10 11.64 2.97
C ASN A 41 0.76 10.92 3.34
N LEU A 42 0.70 9.59 3.24
CA LEU A 42 -0.45 8.78 3.69
C LEU A 42 -0.55 8.70 5.22
N THR A 43 -1.67 8.18 5.70
CA THR A 43 -1.89 7.79 7.11
C THR A 43 -1.52 6.31 7.28
N GLU A 44 -0.97 5.90 8.43
CA GLU A 44 -0.47 4.53 8.61
C GLU A 44 -1.55 3.45 8.51
N ALA A 45 -2.80 3.75 8.91
CA ALA A 45 -3.93 2.84 8.72
C ALA A 45 -4.33 2.68 7.24
N ARG A 46 -4.23 3.76 6.44
CA ARG A 46 -4.44 3.75 4.98
C ARG A 46 -3.35 2.94 4.26
N VAL A 47 -2.11 3.01 4.74
CA VAL A 47 -1.00 2.14 4.31
C VAL A 47 -1.26 0.67 4.67
N ARG A 48 -1.71 0.37 5.89
CA ARG A 48 -2.04 -0.99 6.34
C ARG A 48 -3.14 -1.61 5.45
N VAL A 49 -4.19 -0.85 5.14
CA VAL A 49 -5.25 -1.25 4.19
C VAL A 49 -4.69 -1.46 2.78
N TRP A 50 -3.76 -0.62 2.31
CA TRP A 50 -3.13 -0.81 1.00
C TRP A 50 -2.33 -2.13 0.91
N PHE A 51 -1.52 -2.45 1.93
CA PHE A 51 -0.77 -3.72 1.95
C PHE A 51 -1.71 -4.94 2.01
N LYS A 52 -2.81 -4.87 2.77
CA LYS A 52 -3.85 -5.92 2.78
C LYS A 52 -4.50 -6.09 1.39
N ASN A 53 -4.83 -4.98 0.72
CA ASN A 53 -5.41 -4.96 -0.63
C ASN A 53 -4.44 -5.56 -1.69
N ARG A 54 -3.17 -5.14 -1.68
CA ARG A 54 -2.10 -5.63 -2.58
C ARG A 54 -1.88 -7.14 -2.45
N ARG A 55 -1.89 -7.68 -1.21
CA ARG A 55 -1.74 -9.12 -0.94
C ARG A 55 -3.00 -9.92 -1.26
N ALA A 56 -4.18 -9.42 -0.89
CA ALA A 56 -5.46 -10.11 -1.12
C ALA A 56 -5.73 -10.38 -2.61
N LYS A 57 -5.40 -9.44 -3.50
CA LYS A 57 -5.54 -9.61 -4.97
C LYS A 57 -4.67 -10.73 -5.55
N TRP A 58 -3.51 -11.01 -4.95
CA TRP A 58 -2.65 -12.14 -5.30
C TRP A 58 -3.13 -13.46 -4.68
N ARG A 59 -3.44 -13.44 -3.37
CA ARG A 59 -3.97 -14.58 -2.59
C ARG A 59 -5.33 -15.10 -3.10
N LYS A 60 -6.07 -14.27 -3.84
CA LYS A 60 -7.38 -14.53 -4.47
C LYS A 60 -7.51 -15.93 -5.10
N ARG A 61 -6.55 -16.29 -5.99
CA ARG A 61 -6.46 -17.56 -6.72
C ARG A 61 -7.74 -18.00 -7.46
N GLU A 62 -8.57 -17.06 -7.90
CA GLU A 62 -9.74 -17.30 -8.77
C GLU A 62 -9.40 -17.27 -10.28
N GLU A 63 -8.22 -16.74 -10.62
CA GLU A 63 -7.67 -16.74 -11.99
C GLU A 63 -7.08 -18.11 -12.37
N PHE A 64 -6.95 -18.39 -13.68
CA PHE A 64 -6.48 -19.68 -14.19
C PHE A 64 -5.02 -19.99 -13.77
N ILE A 65 -4.79 -21.25 -13.39
CA ILE A 65 -3.47 -21.83 -13.08
C ILE A 65 -3.33 -23.23 -13.70
N VAL A 66 -2.09 -23.64 -14.01
CA VAL A 66 -1.78 -24.94 -14.63
C VAL A 66 -1.63 -26.09 -13.62
N THR A 67 -1.51 -25.79 -12.32
CA THR A 67 -1.38 -26.75 -11.20
C THR A 67 -0.24 -27.78 -11.44
N ASP A 68 0.93 -27.27 -11.81
CA ASP A 68 2.16 -28.04 -12.14
C ASP A 68 3.45 -27.37 -11.64
N GLY A 1 -24.59 24.51 -6.49
CA GLY A 1 -24.82 23.19 -5.88
C GLY A 1 -23.56 22.33 -5.93
N SER A 2 -23.27 21.61 -4.84
CA SER A 2 -22.07 20.77 -4.67
C SER A 2 -22.38 19.45 -3.97
N GLN A 3 -21.55 18.42 -4.19
CA GLN A 3 -21.66 17.08 -3.59
C GLN A 3 -20.28 16.56 -3.14
N ARG A 4 -20.26 15.66 -2.16
CA ARG A 4 -19.05 14.98 -1.66
C ARG A 4 -18.62 13.88 -2.64
N ARG A 5 -17.46 14.07 -3.30
CA ARG A 5 -16.94 13.17 -4.35
C ARG A 5 -16.16 11.96 -3.79
N GLN A 6 -16.05 10.93 -4.62
CA GLN A 6 -15.27 9.70 -4.35
C GLN A 6 -14.19 9.40 -5.42
N ARG A 7 -14.02 10.28 -6.41
CA ARG A 7 -13.02 10.15 -7.49
C ARG A 7 -11.58 10.34 -7.00
N THR A 8 -10.64 9.98 -7.87
CA THR A 8 -9.19 10.22 -7.79
C THR A 8 -8.46 9.46 -6.67
N HIS A 9 -8.82 9.68 -5.40
CA HIS A 9 -8.18 9.08 -4.21
C HIS A 9 -6.63 9.16 -4.23
N PHE A 10 -5.91 8.05 -3.99
CA PHE A 10 -4.46 7.97 -4.10
C PHE A 10 -3.94 8.37 -5.50
N THR A 11 -2.82 9.10 -5.57
CA THR A 11 -2.15 9.42 -6.85
C THR A 11 -1.22 8.28 -7.31
N SER A 12 -0.95 8.19 -8.62
CA SER A 12 -0.12 7.13 -9.21
C SER A 12 1.32 7.11 -8.64
N GLN A 13 1.86 8.26 -8.24
CA GLN A 13 3.17 8.37 -7.60
C GLN A 13 3.19 7.68 -6.22
N GLN A 14 2.12 7.79 -5.43
CA GLN A 14 1.98 7.08 -4.16
C GLN A 14 1.89 5.57 -4.38
N LEU A 15 1.09 5.11 -5.36
CA LEU A 15 0.99 3.69 -5.72
C LEU A 15 2.33 3.10 -6.17
N GLN A 16 3.14 3.87 -6.91
CA GLN A 16 4.47 3.44 -7.37
C GLN A 16 5.50 3.39 -6.23
N GLU A 17 5.50 4.36 -5.31
CA GLU A 17 6.35 4.31 -4.11
C GLU A 17 5.92 3.17 -3.16
N LEU A 18 4.61 2.88 -3.07
CA LEU A 18 4.07 1.79 -2.27
C LEU A 18 4.41 0.41 -2.88
N GLU A 19 4.33 0.27 -4.20
CA GLU A 19 4.73 -0.95 -4.89
C GLU A 19 6.26 -1.17 -4.87
N ALA A 20 7.05 -0.10 -4.97
CA ALA A 20 8.51 -0.19 -4.85
C ALA A 20 8.97 -0.71 -3.48
N THR A 21 8.33 -0.28 -2.38
CA THR A 21 8.63 -0.82 -1.04
C THR A 21 8.04 -2.23 -0.84
N PHE A 22 6.83 -2.51 -1.36
CA PHE A 22 6.23 -3.85 -1.33
C PHE A 22 7.09 -4.91 -2.03
N GLN A 23 7.64 -4.63 -3.22
CA GLN A 23 8.49 -5.58 -3.94
C GLN A 23 9.89 -5.74 -3.31
N ARG A 24 10.33 -4.81 -2.45
CA ARG A 24 11.53 -4.94 -1.61
C ARG A 24 11.26 -5.76 -0.34
N ASN A 25 10.12 -5.54 0.30
CA ASN A 25 9.64 -6.28 1.47
C ASN A 25 8.10 -6.32 1.49
N ARG A 26 7.51 -7.52 1.39
CA ARG A 26 6.04 -7.72 1.38
C ARG A 26 5.40 -7.76 2.78
N TYR A 27 6.21 -7.81 3.84
CA TYR A 27 5.77 -7.90 5.25
C TYR A 27 6.53 -6.92 6.17
N PRO A 28 6.48 -5.59 5.91
CA PRO A 28 7.14 -4.57 6.74
C PRO A 28 6.48 -4.40 8.12
N ASP A 29 7.27 -3.99 9.10
CA ASP A 29 6.81 -3.62 10.45
C ASP A 29 6.04 -2.29 10.44
N MET A 30 5.19 -2.04 11.44
CA MET A 30 4.41 -0.80 11.57
C MET A 30 5.30 0.47 11.55
N SER A 31 6.52 0.43 12.11
CA SER A 31 7.46 1.55 12.05
C SER A 31 8.05 1.76 10.64
N THR A 32 8.31 0.67 9.90
CA THR A 32 8.72 0.71 8.49
C THR A 32 7.60 1.28 7.60
N ARG A 33 6.35 0.84 7.84
CA ARG A 33 5.15 1.39 7.18
C ARG A 33 4.92 2.86 7.51
N GLU A 34 5.22 3.31 8.73
CA GLU A 34 5.08 4.72 9.13
C GLU A 34 6.11 5.63 8.45
N GLU A 35 7.36 5.18 8.29
CA GLU A 35 8.37 5.92 7.53
C GLU A 35 7.94 6.10 6.06
N ILE A 36 7.53 5.03 5.37
CA ILE A 36 7.07 5.15 3.98
C ILE A 36 5.74 5.91 3.87
N ALA A 37 4.89 5.92 4.90
CA ALA A 37 3.69 6.74 4.96
C ALA A 37 4.01 8.24 4.99
N VAL A 38 4.96 8.72 5.81
CA VAL A 38 5.34 10.14 5.80
C VAL A 38 6.08 10.56 4.53
N TRP A 39 6.80 9.64 3.86
CA TRP A 39 7.45 9.89 2.57
C TRP A 39 6.43 10.00 1.41
N THR A 40 5.34 9.22 1.46
CA THR A 40 4.22 9.28 0.49
C THR A 40 3.12 10.29 0.88
N ASN A 41 3.26 10.97 2.03
CA ASN A 41 2.28 11.85 2.65
C ASN A 41 0.89 11.17 2.86
N LEU A 42 0.92 9.98 3.45
CA LEU A 42 -0.21 9.14 3.86
C LEU A 42 -0.17 8.87 5.38
N THR A 43 -1.19 8.16 5.88
CA THR A 43 -1.24 7.61 7.24
C THR A 43 -0.95 6.10 7.23
N GLU A 44 -0.36 5.57 8.29
CA GLU A 44 0.10 4.18 8.35
C GLU A 44 -1.06 3.16 8.30
N ALA A 45 -2.25 3.53 8.79
CA ALA A 45 -3.47 2.73 8.64
C ALA A 45 -3.92 2.57 7.16
N ARG A 46 -3.64 3.54 6.28
CA ARG A 46 -3.84 3.35 4.82
C ARG A 46 -2.81 2.41 4.21
N VAL A 47 -1.58 2.38 4.74
CA VAL A 47 -0.55 1.38 4.33
C VAL A 47 -0.96 -0.03 4.76
N ARG A 48 -1.52 -0.20 5.97
CA ARG A 48 -2.10 -1.48 6.47
C ARG A 48 -3.21 -2.04 5.58
N VAL A 49 -3.96 -1.19 4.89
CA VAL A 49 -4.99 -1.57 3.91
C VAL A 49 -4.39 -1.79 2.52
N TRP A 50 -3.48 -0.92 2.06
CA TRP A 50 -2.91 -0.97 0.72
C TRP A 50 -2.11 -2.27 0.47
N PHE A 51 -1.34 -2.73 1.47
CA PHE A 51 -0.59 -3.99 1.36
C PHE A 51 -1.51 -5.21 1.21
N LYS A 52 -2.67 -5.22 1.89
CA LYS A 52 -3.71 -6.25 1.73
C LYS A 52 -4.37 -6.16 0.34
N ASN A 53 -4.64 -4.95 -0.14
CA ASN A 53 -5.21 -4.70 -1.46
C ASN A 53 -4.27 -5.17 -2.60
N ARG A 54 -2.97 -4.87 -2.51
CA ARG A 54 -1.93 -5.34 -3.46
C ARG A 54 -1.82 -6.86 -3.49
N ARG A 55 -1.86 -7.55 -2.34
CA ARG A 55 -1.86 -9.02 -2.26
C ARG A 55 -3.16 -9.64 -2.77
N ALA A 56 -4.31 -9.04 -2.49
CA ALA A 56 -5.60 -9.45 -3.05
C ALA A 56 -5.66 -9.28 -4.57
N LYS A 57 -5.12 -8.19 -5.11
CA LYS A 57 -5.02 -7.92 -6.57
C LYS A 57 -4.09 -8.92 -7.28
N TRP A 58 -3.01 -9.33 -6.62
CA TRP A 58 -2.11 -10.39 -7.07
C TRP A 58 -2.77 -11.78 -7.07
N ARG A 59 -3.57 -12.09 -6.04
CA ARG A 59 -4.36 -13.33 -5.92
C ARG A 59 -5.51 -13.41 -6.92
N LYS A 60 -6.25 -12.31 -7.13
CA LYS A 60 -7.37 -12.16 -8.09
C LYS A 60 -6.91 -11.94 -9.54
N ARG A 61 -6.00 -12.82 -10.00
CA ARG A 61 -5.56 -12.94 -11.41
C ARG A 61 -6.63 -13.55 -12.32
N GLU A 62 -7.65 -14.18 -11.73
CA GLU A 62 -8.88 -14.64 -12.37
C GLU A 62 -10.11 -14.15 -11.57
N GLU A 63 -11.27 -14.07 -12.22
CA GLU A 63 -12.51 -13.51 -11.64
C GLU A 63 -13.16 -14.45 -10.59
N PHE A 64 -12.93 -15.76 -10.69
CA PHE A 64 -13.60 -16.80 -9.89
C PHE A 64 -13.25 -16.77 -8.39
N ILE A 65 -14.12 -17.35 -7.57
CA ILE A 65 -14.00 -17.47 -6.11
C ILE A 65 -14.67 -18.76 -5.60
N VAL A 66 -14.19 -19.30 -4.47
CA VAL A 66 -14.75 -20.47 -3.77
C VAL A 66 -14.93 -20.14 -2.28
N THR A 67 -16.08 -20.48 -1.71
CA THR A 67 -16.46 -20.21 -0.31
C THR A 67 -17.27 -21.37 0.28
N ASP A 68 -17.02 -21.71 1.55
CA ASP A 68 -17.70 -22.78 2.31
C ASP A 68 -17.90 -22.41 3.79
N GLY A 1 -16.02 25.65 -17.57
CA GLY A 1 -16.04 24.41 -18.40
C GLY A 1 -16.24 23.17 -17.55
N SER A 2 -15.84 22.01 -18.07
CA SER A 2 -15.98 20.70 -17.43
C SER A 2 -15.14 20.54 -16.14
N GLN A 3 -15.60 19.71 -15.21
CA GLN A 3 -14.96 19.41 -13.92
C GLN A 3 -14.94 17.89 -13.64
N ARG A 4 -14.05 17.45 -12.74
CA ARG A 4 -13.87 16.05 -12.31
C ARG A 4 -13.85 15.91 -10.78
N ARG A 5 -14.26 14.73 -10.30
CA ARG A 5 -14.30 14.32 -8.87
C ARG A 5 -13.72 12.92 -8.63
N GLN A 6 -13.30 12.24 -9.69
CA GLN A 6 -12.78 10.86 -9.72
C GLN A 6 -11.41 10.74 -9.02
N ARG A 7 -11.06 9.50 -8.62
CA ARG A 7 -9.82 9.10 -7.93
C ARG A 7 -9.52 9.96 -6.67
N THR A 8 -10.35 9.78 -5.65
CA THR A 8 -10.17 10.35 -4.30
C THR A 8 -9.12 9.62 -3.45
N HIS A 9 -8.76 8.38 -3.83
CA HIS A 9 -7.70 7.57 -3.22
C HIS A 9 -6.29 7.94 -3.76
N PHE A 10 -5.25 7.16 -3.43
CA PHE A 10 -3.84 7.48 -3.69
C PHE A 10 -3.54 7.79 -5.17
N THR A 11 -2.64 8.74 -5.43
CA THR A 11 -2.20 9.08 -6.80
C THR A 11 -1.16 8.10 -7.34
N SER A 12 -0.94 8.09 -8.66
CA SER A 12 -0.05 7.13 -9.36
C SER A 12 1.38 7.13 -8.84
N GLN A 13 1.91 8.28 -8.40
CA GLN A 13 3.24 8.38 -7.78
C GLN A 13 3.31 7.69 -6.40
N GLN A 14 2.27 7.82 -5.58
CA GLN A 14 2.15 7.15 -4.28
C GLN A 14 2.00 5.63 -4.46
N LEU A 15 1.21 5.19 -5.44
CA LEU A 15 1.06 3.78 -5.81
C LEU A 15 2.38 3.17 -6.33
N GLN A 16 3.14 3.92 -7.14
CA GLN A 16 4.46 3.49 -7.64
C GLN A 16 5.48 3.35 -6.50
N GLU A 17 5.52 4.31 -5.56
CA GLU A 17 6.37 4.23 -4.37
C GLU A 17 5.98 3.07 -3.44
N LEU A 18 4.68 2.81 -3.27
CA LEU A 18 4.19 1.66 -2.48
C LEU A 18 4.47 0.32 -3.14
N GLU A 19 4.40 0.20 -4.48
CA GLU A 19 4.81 -1.01 -5.19
C GLU A 19 6.32 -1.24 -5.11
N ALA A 20 7.14 -0.19 -5.28
CA ALA A 20 8.58 -0.26 -5.11
C ALA A 20 8.95 -0.67 -3.66
N THR A 21 8.27 -0.11 -2.67
CA THR A 21 8.38 -0.48 -1.25
C THR A 21 8.02 -1.95 -1.02
N PHE A 22 6.90 -2.42 -1.57
CA PHE A 22 6.43 -3.79 -1.46
C PHE A 22 7.41 -4.81 -2.07
N GLN A 23 7.97 -4.51 -3.25
CA GLN A 23 8.90 -5.43 -3.93
C GLN A 23 10.32 -5.40 -3.33
N ARG A 24 10.81 -4.24 -2.87
CA ARG A 24 12.13 -4.08 -2.24
C ARG A 24 12.17 -4.62 -0.81
N ASN A 25 11.07 -4.48 -0.06
CA ASN A 25 10.96 -4.86 1.35
C ASN A 25 9.62 -5.59 1.61
N ARG A 26 9.49 -6.82 1.08
CA ARG A 26 8.33 -7.70 1.30
C ARG A 26 8.08 -7.97 2.78
N TYR A 27 6.81 -8.12 3.17
CA TYR A 27 6.34 -8.25 4.56
C TYR A 27 6.89 -7.13 5.51
N PRO A 28 6.63 -5.84 5.21
CA PRO A 28 7.21 -4.72 5.97
C PRO A 28 6.71 -4.66 7.42
N ASP A 29 7.61 -4.30 8.34
CA ASP A 29 7.31 -4.03 9.75
C ASP A 29 6.51 -2.73 9.93
N MET A 30 5.71 -2.63 11.00
CA MET A 30 4.84 -1.47 11.25
C MET A 30 5.60 -0.14 11.35
N SER A 31 6.84 -0.13 11.86
CA SER A 31 7.69 1.07 11.85
C SER A 31 8.16 1.45 10.44
N THR A 32 8.43 0.47 9.57
CA THR A 32 8.73 0.69 8.15
C THR A 32 7.50 1.25 7.41
N ARG A 33 6.31 0.68 7.66
CA ARG A 33 5.04 1.19 7.10
C ARG A 33 4.76 2.64 7.53
N GLU A 34 5.07 3.01 8.77
CA GLU A 34 4.92 4.38 9.27
C GLU A 34 5.92 5.36 8.62
N GLU A 35 7.19 4.95 8.44
CA GLU A 35 8.20 5.78 7.76
C GLU A 35 7.83 6.03 6.28
N ILE A 36 7.42 4.99 5.54
CA ILE A 36 7.01 5.18 4.14
C ILE A 36 5.69 5.96 4.02
N ALA A 37 4.82 5.95 5.04
CA ALA A 37 3.60 6.76 5.08
C ALA A 37 3.93 8.27 5.13
N VAL A 38 4.90 8.70 5.97
CA VAL A 38 5.32 10.12 5.99
C VAL A 38 6.10 10.53 4.74
N TRP A 39 6.84 9.60 4.11
CA TRP A 39 7.57 9.86 2.86
C TRP A 39 6.65 9.98 1.63
N THR A 40 5.54 9.21 1.59
CA THR A 40 4.49 9.30 0.55
C THR A 40 3.39 10.32 0.87
N ASN A 41 3.43 10.93 2.06
CA ASN A 41 2.40 11.81 2.62
C ASN A 41 1.00 11.14 2.65
N LEU A 42 0.94 9.97 3.28
CA LEU A 42 -0.24 9.14 3.51
C LEU A 42 -0.45 8.86 5.01
N THR A 43 -1.63 8.31 5.34
CA THR A 43 -1.99 7.87 6.70
C THR A 43 -1.49 6.45 6.95
N GLU A 44 -0.85 6.18 8.09
CA GLU A 44 -0.23 4.87 8.36
C GLU A 44 -1.24 3.71 8.46
N ALA A 45 -2.50 3.98 8.81
CA ALA A 45 -3.58 2.99 8.81
C ALA A 45 -4.12 2.72 7.40
N ARG A 46 -4.20 3.75 6.53
CA ARG A 46 -4.53 3.59 5.10
C ARG A 46 -3.45 2.82 4.35
N VAL A 47 -2.19 3.03 4.73
CA VAL A 47 -1.03 2.23 4.25
C VAL A 47 -1.11 0.77 4.73
N ARG A 48 -1.47 0.51 5.99
CA ARG A 48 -1.72 -0.87 6.47
C ARG A 48 -2.83 -1.56 5.68
N VAL A 49 -3.93 -0.87 5.39
CA VAL A 49 -5.00 -1.37 4.49
C VAL A 49 -4.47 -1.60 3.07
N TRP A 50 -3.62 -0.73 2.53
CA TRP A 50 -3.03 -0.93 1.21
C TRP A 50 -2.19 -2.21 1.12
N PHE A 51 -1.36 -2.52 2.13
CA PHE A 51 -0.58 -3.77 2.13
C PHE A 51 -1.46 -5.02 2.23
N LYS A 52 -2.55 -4.98 3.01
CA LYS A 52 -3.56 -6.06 3.05
C LYS A 52 -4.29 -6.21 1.70
N ASN A 53 -4.67 -5.10 1.07
CA ASN A 53 -5.31 -5.05 -0.24
C ASN A 53 -4.37 -5.56 -1.35
N ARG A 54 -3.08 -5.24 -1.28
CA ARG A 54 -2.03 -5.70 -2.20
C ARG A 54 -1.76 -7.20 -2.09
N ARG A 55 -1.81 -7.75 -0.87
CA ARG A 55 -1.70 -9.21 -0.59
C ARG A 55 -2.96 -9.98 -1.01
N ALA A 56 -4.13 -9.34 -1.05
CA ALA A 56 -5.33 -9.90 -1.66
C ALA A 56 -5.21 -9.91 -3.20
N LYS A 57 -4.81 -8.79 -3.81
CA LYS A 57 -4.59 -8.65 -5.27
C LYS A 57 -3.51 -9.58 -5.84
N TRP A 58 -2.57 -10.02 -5.01
CA TRP A 58 -1.59 -11.09 -5.34
C TRP A 58 -2.24 -12.44 -5.70
N ARG A 59 -3.45 -12.73 -5.19
CA ARG A 59 -4.20 -13.99 -5.45
C ARG A 59 -5.61 -13.81 -6.03
N LYS A 60 -6.15 -12.59 -6.08
CA LYS A 60 -7.44 -12.23 -6.67
C LYS A 60 -7.55 -12.66 -8.14
N ARG A 61 -8.76 -13.04 -8.59
CA ARG A 61 -9.08 -13.27 -10.00
C ARG A 61 -9.35 -11.93 -10.72
N GLU A 62 -8.70 -11.72 -11.86
CA GLU A 62 -8.82 -10.51 -12.70
C GLU A 62 -9.53 -10.79 -14.03
N GLU A 63 -10.11 -9.76 -14.65
CA GLU A 63 -10.86 -9.84 -15.91
C GLU A 63 -9.96 -9.76 -17.18
N PHE A 64 -8.64 -9.60 -17.00
CA PHE A 64 -7.65 -9.51 -18.07
C PHE A 64 -6.39 -10.34 -17.76
N ILE A 65 -5.60 -10.66 -18.79
CA ILE A 65 -4.38 -11.49 -18.71
C ILE A 65 -3.24 -10.80 -17.93
N VAL A 66 -2.30 -11.60 -17.42
CA VAL A 66 -1.06 -11.12 -16.77
C VAL A 66 -0.10 -10.58 -17.84
N THR A 67 0.49 -9.41 -17.60
CA THR A 67 1.28 -8.64 -18.58
C THR A 67 2.81 -8.84 -18.52
N ASP A 68 3.30 -9.68 -17.61
CA ASP A 68 4.74 -10.00 -17.40
C ASP A 68 5.01 -11.51 -17.24
#